data_8HOG
# 
_entry.id   8HOG 
# 
_audit_conform.dict_name       mmcif_pdbx.dic 
_audit_conform.dict_version    5.391 
_audit_conform.dict_location   http://mmcif.pdb.org/dictionaries/ascii/mmcif_pdbx.dic 
# 
loop_
_database_2.database_id 
_database_2.database_code 
_database_2.pdbx_database_accession 
_database_2.pdbx_DOI 
PDB   8HOG         pdb_00008hog 10.2210/pdb8hog/pdb 
WWPDB D_1300034032 ?            ?                   
# 
loop_
_pdbx_audit_revision_history.ordinal 
_pdbx_audit_revision_history.data_content_type 
_pdbx_audit_revision_history.major_revision 
_pdbx_audit_revision_history.minor_revision 
_pdbx_audit_revision_history.revision_date 
1 'Structure model' 1 0 2024-01-17 
2 'Structure model' 1 1 2024-01-31 
3 'Structure model' 1 2 2024-05-15 
# 
_pdbx_audit_revision_details.ordinal             1 
_pdbx_audit_revision_details.revision_ordinal    1 
_pdbx_audit_revision_details.data_content_type   'Structure model' 
_pdbx_audit_revision_details.provider            repository 
_pdbx_audit_revision_details.type                'Initial release' 
_pdbx_audit_revision_details.description         ? 
_pdbx_audit_revision_details.details             ? 
# 
loop_
_pdbx_audit_revision_group.ordinal 
_pdbx_audit_revision_group.revision_ordinal 
_pdbx_audit_revision_group.data_content_type 
_pdbx_audit_revision_group.group 
1 2 'Structure model' 'Database references' 
2 3 'Structure model' 'Database references' 
# 
loop_
_pdbx_audit_revision_category.ordinal 
_pdbx_audit_revision_category.revision_ordinal 
_pdbx_audit_revision_category.data_content_type 
_pdbx_audit_revision_category.category 
1 2 'Structure model' citation        
2 2 'Structure model' citation_author 
3 3 'Structure model' citation        
4 3 'Structure model' citation_author 
# 
loop_
_pdbx_audit_revision_item.ordinal 
_pdbx_audit_revision_item.revision_ordinal 
_pdbx_audit_revision_item.data_content_type 
_pdbx_audit_revision_item.item 
1  2 'Structure model' '_citation.country'                 
2  2 'Structure model' '_citation.journal_abbrev'          
3  2 'Structure model' '_citation.journal_id_CSD'          
4  2 'Structure model' '_citation.journal_id_ISSN'         
5  2 'Structure model' '_citation.pdbx_database_id_DOI'    
6  2 'Structure model' '_citation.pdbx_database_id_PubMed' 
7  2 'Structure model' '_citation.title'                   
8  2 'Structure model' '_citation.year'                    
9  3 'Structure model' '_citation.journal_volume'          
10 3 'Structure model' '_citation.page_first'              
11 3 'Structure model' '_citation.page_last'               
12 3 'Structure model' '_citation_author.identifier_ORCID' 
# 
_pdbx_database_status.status_code                     REL 
_pdbx_database_status.status_code_sf                  REL 
_pdbx_database_status.status_code_mr                  ? 
_pdbx_database_status.entry_id                        8HOG 
_pdbx_database_status.recvd_initial_deposition_date   2022-12-10 
_pdbx_database_status.SG_entry                        N 
_pdbx_database_status.deposit_site                    PDBJ 
_pdbx_database_status.process_site                    PDBJ 
_pdbx_database_status.status_code_cs                  ? 
_pdbx_database_status.status_code_nmr_data            ? 
_pdbx_database_status.methods_development_category    ? 
_pdbx_database_status.pdb_format_compatible           Y 
# 
_pdbx_contact_author.id                 5 
_pdbx_contact_author.email              ye.liu@beigene.com 
_pdbx_contact_author.name_first         YE 
_pdbx_contact_author.name_last          LIU 
_pdbx_contact_author.name_mi            ? 
_pdbx_contact_author.role               'principal investigator/group leader' 
_pdbx_contact_author.identifier_ORCID   0000-0003-1716-7037 
# 
loop_
_audit_author.name 
_audit_author.pdbx_ordinal 
_audit_author.identifier_ORCID 
'Liu, J.'  1 ? 
'Xu, M.'   2 ? 
'Feng, Y.' 3 ? 
'Hong, Y.' 4 ? 
'Liu, Y.'  5 ? 
# 
_citation.abstract                  ? 
_citation.abstract_id_CAS           ? 
_citation.book_id_ISBN              ? 
_citation.book_publisher            ? 
_citation.book_publisher_city       ? 
_citation.book_title                ? 
_citation.coordinate_linkage        ? 
_citation.country                   US 
_citation.database_id_Medline       ? 
_citation.details                   ? 
_citation.id                        primary 
_citation.journal_abbrev            Blood 
_citation.journal_id_ASTM           ? 
_citation.journal_id_CSD            ? 
_citation.journal_id_ISSN           1528-0020 
_citation.journal_full              ? 
_citation.journal_issue             ? 
_citation.journal_volume            143 
_citation.language                  ? 
_citation.page_first                1825 
_citation.page_last                 1836 
_citation.title                     
'Sonrotoclax overcomes BCL2 G101V mutation-induced venetoclax resistance in preclinical models of hematologic malignancy.' 
_citation.year                      2024 
_citation.database_id_CSD           ? 
_citation.pdbx_database_id_DOI      10.1182/blood.2023019706 
_citation.pdbx_database_id_PubMed   38211332 
_citation.pdbx_database_id_patent   ? 
_citation.unpublished_flag          ? 
# 
loop_
_citation_author.citation_id 
_citation_author.name 
_citation_author.ordinal 
_citation_author.identifier_ORCID 
primary 'Liu, J.'   1  ? 
primary 'Li, S.'    2  ? 
primary 'Wang, Q.'  3  ? 
primary 'Feng, Y.'  4  ? 
primary 'Xing, H.'  5  ? 
primary 'Yang, X.'  6  ? 
primary 'Guo, Y.'   7  ? 
primary 'Guo, Y.'   8  ? 
primary 'Sun, H.'   9  ? 
primary 'Liu, X.'   10 ? 
primary 'Yang, S.'  11 ? 
primary 'Mei, Z.'   12 ? 
primary 'Zhu, Y.'   13 ? 
primary 'Cheng, Z.' 14 ? 
primary 'Chen, S.'  15 ? 
primary 'Xu, M.'    16 ? 
primary 'Zhang, W.' 17 ? 
primary 'Wan, N.'   18 ? 
primary 'Wang, J.'  19 ? 
primary 'Ma, Y.'    20 ? 
primary 'Zhang, S.' 21 ? 
primary 'Luan, X.'  22 ? 
primary 'Xu, A.'    23 ? 
primary 'Li, L.'    24 ? 
primary 'Wang, H.'  25 ? 
primary 'Yang, X.'  26 ? 
primary 'Hong, Y.'  27 ? 
primary 'Xue, H.'   28 ? 
primary 'Yuan, X.'  29 ? 
primary 'Hu, N.'    30 ? 
primary 'Song, X.'  31 ? 
primary 'Wang, Z.'  32 ? 
primary 'Liu, X.'   33 ? 
primary 'Wang, L.'  34 ? 
primary 'Liu, Y.'   35 ? 
# 
loop_
_entity.id 
_entity.type 
_entity.src_method 
_entity.pdbx_description 
_entity.formula_weight 
_entity.pdbx_number_of_molecules 
_entity.pdbx_ec 
_entity.pdbx_mutation 
_entity.pdbx_fragment 
_entity.details 
1 polymer     man 'Apoptosis regulator Bcl-2' 18976.084 1  ? ? ? ? 
2 non-polymer syn 
;~{N}-[4-[(4-methyl-4-oxidanyl-cyclohexyl)methylamino]-3-nitro-phenyl]sulfonyl-4-[2-[(2~{S})-2-(2-propan-2-ylphenyl)pyrrolidin-1-yl]-7-azaspiro[3.5]nonan-7-yl]-2-(1~{H}-pyrrolo[2,3-b]pyridin-5-yloxy)benzamide
;
890.100   1  ? ? ? ? 
3 water       nat water 18.015    54 ? ? ? ? 
# 
_entity_poly.entity_id                      1 
_entity_poly.type                           'polypeptide(L)' 
_entity_poly.nstd_linkage                   no 
_entity_poly.nstd_monomer                   no 
_entity_poly.pdbx_seq_one_letter_code       
;SRTGYDNREIVMKYIHYKLSQRGYEWDAGDDVEENRTEAPEGTESEVVHLTLRQAGDDFSRRYRRDFAEMSSQLHLTPFT
ARGRFATVVEELFRDGVNWGRIVAFFEFGGVMCVESVNREMSPLVDNIALWMTEYLNRHLHTWIQDNGGWDAFVELYGPS
MR
;
_entity_poly.pdbx_seq_one_letter_code_can   
;SRTGYDNREIVMKYIHYKLSQRGYEWDAGDDVEENRTEAPEGTESEVVHLTLRQAGDDFSRRYRRDFAEMSSQLHLTPFT
ARGRFATVVEELFRDGVNWGRIVAFFEFGGVMCVESVNREMSPLVDNIALWMTEYLNRHLHTWIQDNGGWDAFVELYGPS
MR
;
_entity_poly.pdbx_strand_id                 A 
_entity_poly.pdbx_target_identifier         ? 
# 
loop_
_pdbx_entity_nonpoly.entity_id 
_pdbx_entity_nonpoly.name 
_pdbx_entity_nonpoly.comp_id 
2 
;~{N}-[4-[(4-methyl-4-oxidanyl-cyclohexyl)methylamino]-3-nitro-phenyl]sulfonyl-4-[2-[(2~{S})-2-(2-propan-2-ylphenyl)pyrrolidin-1-yl]-7-azaspiro[3.5]nonan-7-yl]-2-(1~{H}-pyrrolo[2,3-b]pyridin-5-yloxy)benzamide
;
98I 
3 water HOH 
# 
loop_
_entity_poly_seq.entity_id 
_entity_poly_seq.num 
_entity_poly_seq.mon_id 
_entity_poly_seq.hetero 
1 1   SER n 
1 2   ARG n 
1 3   THR n 
1 4   GLY n 
1 5   TYR n 
1 6   ASP n 
1 7   ASN n 
1 8   ARG n 
1 9   GLU n 
1 10  ILE n 
1 11  VAL n 
1 12  MET n 
1 13  LYS n 
1 14  TYR n 
1 15  ILE n 
1 16  HIS n 
1 17  TYR n 
1 18  LYS n 
1 19  LEU n 
1 20  SER n 
1 21  GLN n 
1 22  ARG n 
1 23  GLY n 
1 24  TYR n 
1 25  GLU n 
1 26  TRP n 
1 27  ASP n 
1 28  ALA n 
1 29  GLY n 
1 30  ASP n 
1 31  ASP n 
1 32  VAL n 
1 33  GLU n 
1 34  GLU n 
1 35  ASN n 
1 36  ARG n 
1 37  THR n 
1 38  GLU n 
1 39  ALA n 
1 40  PRO n 
1 41  GLU n 
1 42  GLY n 
1 43  THR n 
1 44  GLU n 
1 45  SER n 
1 46  GLU n 
1 47  VAL n 
1 48  VAL n 
1 49  HIS n 
1 50  LEU n 
1 51  THR n 
1 52  LEU n 
1 53  ARG n 
1 54  GLN n 
1 55  ALA n 
1 56  GLY n 
1 57  ASP n 
1 58  ASP n 
1 59  PHE n 
1 60  SER n 
1 61  ARG n 
1 62  ARG n 
1 63  TYR n 
1 64  ARG n 
1 65  ARG n 
1 66  ASP n 
1 67  PHE n 
1 68  ALA n 
1 69  GLU n 
1 70  MET n 
1 71  SER n 
1 72  SER n 
1 73  GLN n 
1 74  LEU n 
1 75  HIS n 
1 76  LEU n 
1 77  THR n 
1 78  PRO n 
1 79  PHE n 
1 80  THR n 
1 81  ALA n 
1 82  ARG n 
1 83  GLY n 
1 84  ARG n 
1 85  PHE n 
1 86  ALA n 
1 87  THR n 
1 88  VAL n 
1 89  VAL n 
1 90  GLU n 
1 91  GLU n 
1 92  LEU n 
1 93  PHE n 
1 94  ARG n 
1 95  ASP n 
1 96  GLY n 
1 97  VAL n 
1 98  ASN n 
1 99  TRP n 
1 100 GLY n 
1 101 ARG n 
1 102 ILE n 
1 103 VAL n 
1 104 ALA n 
1 105 PHE n 
1 106 PHE n 
1 107 GLU n 
1 108 PHE n 
1 109 GLY n 
1 110 GLY n 
1 111 VAL n 
1 112 MET n 
1 113 CYS n 
1 114 VAL n 
1 115 GLU n 
1 116 SER n 
1 117 VAL n 
1 118 ASN n 
1 119 ARG n 
1 120 GLU n 
1 121 MET n 
1 122 SER n 
1 123 PRO n 
1 124 LEU n 
1 125 VAL n 
1 126 ASP n 
1 127 ASN n 
1 128 ILE n 
1 129 ALA n 
1 130 LEU n 
1 131 TRP n 
1 132 MET n 
1 133 THR n 
1 134 GLU n 
1 135 TYR n 
1 136 LEU n 
1 137 ASN n 
1 138 ARG n 
1 139 HIS n 
1 140 LEU n 
1 141 HIS n 
1 142 THR n 
1 143 TRP n 
1 144 ILE n 
1 145 GLN n 
1 146 ASP n 
1 147 ASN n 
1 148 GLY n 
1 149 GLY n 
1 150 TRP n 
1 151 ASP n 
1 152 ALA n 
1 153 PHE n 
1 154 VAL n 
1 155 GLU n 
1 156 LEU n 
1 157 TYR n 
1 158 GLY n 
1 159 PRO n 
1 160 SER n 
1 161 MET n 
1 162 ARG n 
# 
_entity_src_gen.entity_id                          1 
_entity_src_gen.pdbx_src_id                        1 
_entity_src_gen.pdbx_alt_source_flag               sample 
_entity_src_gen.pdbx_seq_type                      'Biological sequence' 
_entity_src_gen.pdbx_beg_seq_num                   1 
_entity_src_gen.pdbx_end_seq_num                   162 
_entity_src_gen.gene_src_common_name               ? 
_entity_src_gen.gene_src_genus                     ? 
_entity_src_gen.pdbx_gene_src_gene                 ? 
_entity_src_gen.gene_src_species                   ? 
_entity_src_gen.gene_src_strain                    ? 
_entity_src_gen.gene_src_tissue                    ? 
_entity_src_gen.gene_src_tissue_fraction           ? 
_entity_src_gen.gene_src_details                   ? 
_entity_src_gen.pdbx_gene_src_fragment             ? 
_entity_src_gen.pdbx_gene_src_scientific_name      'Homo sapiens' 
_entity_src_gen.pdbx_gene_src_ncbi_taxonomy_id     9606 
_entity_src_gen.pdbx_gene_src_variant              ? 
_entity_src_gen.pdbx_gene_src_cell_line            ? 
_entity_src_gen.pdbx_gene_src_atcc                 ? 
_entity_src_gen.pdbx_gene_src_organ                ? 
_entity_src_gen.pdbx_gene_src_organelle            ? 
_entity_src_gen.pdbx_gene_src_cell                 ? 
_entity_src_gen.pdbx_gene_src_cellular_location    ? 
_entity_src_gen.host_org_common_name               ? 
_entity_src_gen.pdbx_host_org_scientific_name      'Escherichia coli' 
_entity_src_gen.pdbx_host_org_ncbi_taxonomy_id     562 
_entity_src_gen.host_org_genus                     ? 
_entity_src_gen.pdbx_host_org_gene                 ? 
_entity_src_gen.pdbx_host_org_organ                ? 
_entity_src_gen.host_org_species                   ? 
_entity_src_gen.pdbx_host_org_tissue               ? 
_entity_src_gen.pdbx_host_org_tissue_fraction      ? 
_entity_src_gen.pdbx_host_org_strain               ? 
_entity_src_gen.pdbx_host_org_variant              ? 
_entity_src_gen.pdbx_host_org_cell_line            ? 
_entity_src_gen.pdbx_host_org_atcc                 ? 
_entity_src_gen.pdbx_host_org_culture_collection   ? 
_entity_src_gen.pdbx_host_org_cell                 ? 
_entity_src_gen.pdbx_host_org_organelle            ? 
_entity_src_gen.pdbx_host_org_cellular_location    ? 
_entity_src_gen.pdbx_host_org_vector_type          ? 
_entity_src_gen.pdbx_host_org_vector               ? 
_entity_src_gen.host_org_details                   ? 
_entity_src_gen.expression_system_id               ? 
_entity_src_gen.plasmid_name                       ? 
_entity_src_gen.plasmid_details                    ? 
_entity_src_gen.pdbx_description                   ? 
# 
loop_
_chem_comp.id 
_chem_comp.type 
_chem_comp.mon_nstd_flag 
_chem_comp.name 
_chem_comp.pdbx_synonyms 
_chem_comp.formula 
_chem_comp.formula_weight 
98I non-polymer         . 
;~{N}-[4-[(4-methyl-4-oxidanyl-cyclohexyl)methylamino]-3-nitro-phenyl]sulfonyl-4-[2-[(2~{S})-2-(2-propan-2-ylphenyl)pyrrolidin-1-yl]-7-azaspiro[3.5]nonan-7-yl]-2-(1~{H}-pyrrolo[2,3-b]pyridin-5-yloxy)benzamide
;
? 'C49 H59 N7 O7 S' 890.100 
ALA 'L-peptide linking' y ALANINE ? 'C3 H7 N O2'      89.093  
ARG 'L-peptide linking' y ARGININE ? 'C6 H15 N4 O2 1'  175.209 
ASN 'L-peptide linking' y ASPARAGINE ? 'C4 H8 N2 O3'     132.118 
ASP 'L-peptide linking' y 'ASPARTIC ACID' ? 'C4 H7 N O4'      133.103 
CYS 'L-peptide linking' y CYSTEINE ? 'C3 H7 N O2 S'    121.158 
GLN 'L-peptide linking' y GLUTAMINE ? 'C5 H10 N2 O3'    146.144 
GLU 'L-peptide linking' y 'GLUTAMIC ACID' ? 'C5 H9 N O4'      147.129 
GLY 'peptide linking'   y GLYCINE ? 'C2 H5 N O2'      75.067  
HIS 'L-peptide linking' y HISTIDINE ? 'C6 H10 N3 O2 1'  156.162 
HOH non-polymer         . WATER ? 'H2 O'            18.015  
ILE 'L-peptide linking' y ISOLEUCINE ? 'C6 H13 N O2'     131.173 
LEU 'L-peptide linking' y LEUCINE ? 'C6 H13 N O2'     131.173 
LYS 'L-peptide linking' y LYSINE ? 'C6 H15 N2 O2 1'  147.195 
MET 'L-peptide linking' y METHIONINE ? 'C5 H11 N O2 S'   149.211 
PHE 'L-peptide linking' y PHENYLALANINE ? 'C9 H11 N O2'     165.189 
PRO 'L-peptide linking' y PROLINE ? 'C5 H9 N O2'      115.130 
SER 'L-peptide linking' y SERINE ? 'C3 H7 N O3'      105.093 
THR 'L-peptide linking' y THREONINE ? 'C4 H9 N O3'      119.119 
TRP 'L-peptide linking' y TRYPTOPHAN ? 'C11 H12 N2 O2'   204.225 
TYR 'L-peptide linking' y TYROSINE ? 'C9 H11 N O3'     181.189 
VAL 'L-peptide linking' y VALINE ? 'C5 H11 N O2'     117.146 
# 
loop_
_pdbx_poly_seq_scheme.asym_id 
_pdbx_poly_seq_scheme.entity_id 
_pdbx_poly_seq_scheme.seq_id 
_pdbx_poly_seq_scheme.mon_id 
_pdbx_poly_seq_scheme.ndb_seq_num 
_pdbx_poly_seq_scheme.pdb_seq_num 
_pdbx_poly_seq_scheme.auth_seq_num 
_pdbx_poly_seq_scheme.pdb_mon_id 
_pdbx_poly_seq_scheme.auth_mon_id 
_pdbx_poly_seq_scheme.pdb_strand_id 
_pdbx_poly_seq_scheme.pdb_ins_code 
_pdbx_poly_seq_scheme.hetero 
A 1 1   SER 1   5   ?   ?   ?   A . n 
A 1 2   ARG 2   6   ?   ?   ?   A . n 
A 1 3   THR 3   7   ?   ?   ?   A . n 
A 1 4   GLY 4   8   ?   ?   ?   A . n 
A 1 5   TYR 5   9   9   TYR TYR A . n 
A 1 6   ASP 6   10  10  ASP ASP A . n 
A 1 7   ASN 7   11  11  ASN ASN A . n 
A 1 8   ARG 8   12  12  ARG ARG A . n 
A 1 9   GLU 9   13  13  GLU GLU A . n 
A 1 10  ILE 10  14  14  ILE ILE A . n 
A 1 11  VAL 11  15  15  VAL VAL A . n 
A 1 12  MET 12  16  16  MET MET A . n 
A 1 13  LYS 13  17  17  LYS LYS A . n 
A 1 14  TYR 14  18  18  TYR TYR A . n 
A 1 15  ILE 15  19  19  ILE ILE A . n 
A 1 16  HIS 16  20  20  HIS HIS A . n 
A 1 17  TYR 17  21  21  TYR TYR A . n 
A 1 18  LYS 18  22  22  LYS LYS A . n 
A 1 19  LEU 19  23  23  LEU LEU A . n 
A 1 20  SER 20  24  24  SER SER A . n 
A 1 21  GLN 21  25  25  GLN GLN A . n 
A 1 22  ARG 22  26  26  ARG ARG A . n 
A 1 23  GLY 23  27  27  GLY GLY A . n 
A 1 24  TYR 24  28  28  TYR TYR A . n 
A 1 25  GLU 25  29  29  GLU GLU A . n 
A 1 26  TRP 26  30  30  TRP TRP A . n 
A 1 27  ASP 27  31  31  ASP ASP A . n 
A 1 28  ALA 28  32  32  ALA ALA A . n 
A 1 29  GLY 29  33  33  GLY GLY A . n 
A 1 30  ASP 30  34  34  ASP ASP A . n 
A 1 31  ASP 31  35  35  ASP ASP A . n 
A 1 32  VAL 32  36  36  VAL VAL A . n 
A 1 33  GLU 33  37  37  GLU GLU A . n 
A 1 34  GLU 34  79  ?   ?   ?   A . n 
A 1 35  ASN 35  80  ?   ?   ?   A . n 
A 1 36  ARG 36  81  ?   ?   ?   A . n 
A 1 37  THR 37  82  ?   ?   ?   A . n 
A 1 38  GLU 38  83  ?   ?   ?   A . n 
A 1 39  ALA 39  84  ?   ?   ?   A . n 
A 1 40  PRO 40  85  ?   ?   ?   A . n 
A 1 41  GLU 41  86  ?   ?   ?   A . n 
A 1 42  GLY 42  87  ?   ?   ?   A . n 
A 1 43  THR 43  88  ?   ?   ?   A . n 
A 1 44  GLU 44  89  ?   ?   ?   A . n 
A 1 45  SER 45  90  90  SER SER A . n 
A 1 46  GLU 46  91  91  GLU GLU A . n 
A 1 47  VAL 47  92  92  VAL VAL A . n 
A 1 48  VAL 48  93  93  VAL VAL A . n 
A 1 49  HIS 49  94  94  HIS HIS A . n 
A 1 50  LEU 50  95  95  LEU LEU A . n 
A 1 51  THR 51  96  96  THR THR A . n 
A 1 52  LEU 52  97  97  LEU LEU A . n 
A 1 53  ARG 53  98  98  ARG ARG A . n 
A 1 54  GLN 54  99  99  GLN GLN A . n 
A 1 55  ALA 55  100 100 ALA ALA A . n 
A 1 56  GLY 56  101 101 GLY GLY A . n 
A 1 57  ASP 57  102 102 ASP ASP A . n 
A 1 58  ASP 58  103 103 ASP ASP A . n 
A 1 59  PHE 59  104 104 PHE PHE A . n 
A 1 60  SER 60  105 105 SER SER A . n 
A 1 61  ARG 61  106 106 ARG ARG A . n 
A 1 62  ARG 62  107 107 ARG ARG A . n 
A 1 63  TYR 63  108 108 TYR TYR A . n 
A 1 64  ARG 64  109 109 ARG ARG A . n 
A 1 65  ARG 65  110 110 ARG ARG A . n 
A 1 66  ASP 66  111 111 ASP ASP A . n 
A 1 67  PHE 67  112 112 PHE PHE A . n 
A 1 68  ALA 68  113 113 ALA ALA A . n 
A 1 69  GLU 69  114 114 GLU GLU A . n 
A 1 70  MET 70  115 115 MET MET A . n 
A 1 71  SER 71  116 116 SER SER A . n 
A 1 72  SER 72  117 117 SER SER A . n 
A 1 73  GLN 73  118 118 GLN GLN A . n 
A 1 74  LEU 74  119 119 LEU LEU A . n 
A 1 75  HIS 75  120 120 HIS HIS A . n 
A 1 76  LEU 76  121 121 LEU LEU A . n 
A 1 77  THR 77  122 122 THR THR A . n 
A 1 78  PRO 78  123 123 PRO PRO A . n 
A 1 79  PHE 79  124 124 PHE PHE A . n 
A 1 80  THR 80  125 125 THR THR A . n 
A 1 81  ALA 81  126 126 ALA ALA A . n 
A 1 82  ARG 82  127 127 ARG ARG A . n 
A 1 83  GLY 83  128 128 GLY GLY A . n 
A 1 84  ARG 84  129 129 ARG ARG A . n 
A 1 85  PHE 85  130 130 PHE PHE A . n 
A 1 86  ALA 86  131 131 ALA ALA A . n 
A 1 87  THR 87  132 132 THR THR A . n 
A 1 88  VAL 88  133 133 VAL VAL A . n 
A 1 89  VAL 89  134 134 VAL VAL A . n 
A 1 90  GLU 90  135 135 GLU GLU A . n 
A 1 91  GLU 91  136 136 GLU GLU A . n 
A 1 92  LEU 92  137 137 LEU LEU A . n 
A 1 93  PHE 93  138 138 PHE PHE A . n 
A 1 94  ARG 94  139 139 ARG ARG A . n 
A 1 95  ASP 95  140 140 ASP ASP A . n 
A 1 96  GLY 96  141 141 GLY GLY A . n 
A 1 97  VAL 97  142 142 VAL VAL A . n 
A 1 98  ASN 98  143 143 ASN ASN A . n 
A 1 99  TRP 99  144 144 TRP TRP A . n 
A 1 100 GLY 100 145 145 GLY GLY A . n 
A 1 101 ARG 101 146 146 ARG ARG A . n 
A 1 102 ILE 102 147 147 ILE ILE A . n 
A 1 103 VAL 103 148 148 VAL VAL A . n 
A 1 104 ALA 104 149 149 ALA ALA A . n 
A 1 105 PHE 105 150 150 PHE PHE A . n 
A 1 106 PHE 106 151 151 PHE PHE A . n 
A 1 107 GLU 107 152 152 GLU GLU A . n 
A 1 108 PHE 108 153 153 PHE PHE A . n 
A 1 109 GLY 109 154 154 GLY GLY A . n 
A 1 110 GLY 110 155 155 GLY GLY A . n 
A 1 111 VAL 111 156 156 VAL VAL A . n 
A 1 112 MET 112 157 157 MET MET A . n 
A 1 113 CYS 113 158 158 CYS CYS A . n 
A 1 114 VAL 114 159 159 VAL VAL A . n 
A 1 115 GLU 115 160 160 GLU GLU A . n 
A 1 116 SER 116 161 161 SER SER A . n 
A 1 117 VAL 117 162 162 VAL VAL A . n 
A 1 118 ASN 118 163 163 ASN ASN A . n 
A 1 119 ARG 119 164 164 ARG ARG A . n 
A 1 120 GLU 120 165 165 GLU GLU A . n 
A 1 121 MET 121 166 166 MET MET A . n 
A 1 122 SER 122 167 167 SER SER A . n 
A 1 123 PRO 123 168 168 PRO PRO A . n 
A 1 124 LEU 124 169 169 LEU LEU A . n 
A 1 125 VAL 125 170 170 VAL VAL A . n 
A 1 126 ASP 126 171 171 ASP ASP A . n 
A 1 127 ASN 127 172 172 ASN ASN A . n 
A 1 128 ILE 128 173 173 ILE ILE A . n 
A 1 129 ALA 129 174 174 ALA ALA A . n 
A 1 130 LEU 130 175 175 LEU LEU A . n 
A 1 131 TRP 131 176 176 TRP TRP A . n 
A 1 132 MET 132 177 177 MET MET A . n 
A 1 133 THR 133 178 178 THR THR A . n 
A 1 134 GLU 134 179 179 GLU GLU A . n 
A 1 135 TYR 135 180 180 TYR TYR A . n 
A 1 136 LEU 136 181 181 LEU LEU A . n 
A 1 137 ASN 137 182 182 ASN ASN A . n 
A 1 138 ARG 138 183 183 ARG ARG A . n 
A 1 139 HIS 139 184 184 HIS HIS A . n 
A 1 140 LEU 140 185 185 LEU LEU A . n 
A 1 141 HIS 141 186 186 HIS HIS A . n 
A 1 142 THR 142 187 187 THR THR A . n 
A 1 143 TRP 143 188 188 TRP TRP A . n 
A 1 144 ILE 144 189 189 ILE ILE A . n 
A 1 145 GLN 145 190 190 GLN GLN A . n 
A 1 146 ASP 146 191 191 ASP ASP A . n 
A 1 147 ASN 147 192 192 ASN ASN A . n 
A 1 148 GLY 148 193 193 GLY GLY A . n 
A 1 149 GLY 149 194 194 GLY GLY A . n 
A 1 150 TRP 150 195 195 TRP TRP A . n 
A 1 151 ASP 151 196 196 ASP ASP A . n 
A 1 152 ALA 152 197 197 ALA ALA A . n 
A 1 153 PHE 153 198 198 PHE PHE A . n 
A 1 154 VAL 154 199 199 VAL VAL A . n 
A 1 155 GLU 155 200 200 GLU GLU A . n 
A 1 156 LEU 156 201 201 LEU LEU A . n 
A 1 157 TYR 157 202 202 TYR TYR A . n 
A 1 158 GLY 158 203 203 GLY GLY A . n 
A 1 159 PRO 159 204 204 PRO PRO A . n 
A 1 160 SER 160 205 ?   ?   ?   A . n 
A 1 161 MET 161 206 ?   ?   ?   A . n 
A 1 162 ARG 162 207 ?   ?   ?   A . n 
# 
loop_
_pdbx_nonpoly_scheme.asym_id 
_pdbx_nonpoly_scheme.entity_id 
_pdbx_nonpoly_scheme.mon_id 
_pdbx_nonpoly_scheme.ndb_seq_num 
_pdbx_nonpoly_scheme.pdb_seq_num 
_pdbx_nonpoly_scheme.auth_seq_num 
_pdbx_nonpoly_scheme.pdb_mon_id 
_pdbx_nonpoly_scheme.auth_mon_id 
_pdbx_nonpoly_scheme.pdb_strand_id 
_pdbx_nonpoly_scheme.pdb_ins_code 
B 2 98I 1  301 301 98I XXX A . 
C 3 HOH 1  401 17  HOH HOH A . 
C 3 HOH 2  402 7   HOH HOH A . 
C 3 HOH 3  403 44  HOH HOH A . 
C 3 HOH 4  404 54  HOH HOH A . 
C 3 HOH 5  405 30  HOH HOH A . 
C 3 HOH 6  406 3   HOH HOH A . 
C 3 HOH 7  407 9   HOH HOH A . 
C 3 HOH 8  408 36  HOH HOH A . 
C 3 HOH 9  409 6   HOH HOH A . 
C 3 HOH 10 410 45  HOH HOH A . 
C 3 HOH 11 411 31  HOH HOH A . 
C 3 HOH 12 412 15  HOH HOH A . 
C 3 HOH 13 413 43  HOH HOH A . 
C 3 HOH 14 414 24  HOH HOH A . 
C 3 HOH 15 415 1   HOH HOH A . 
C 3 HOH 16 416 8   HOH HOH A . 
C 3 HOH 17 417 28  HOH HOH A . 
C 3 HOH 18 418 4   HOH HOH A . 
C 3 HOH 19 419 34  HOH HOH A . 
C 3 HOH 20 420 39  HOH HOH A . 
C 3 HOH 21 421 52  HOH HOH A . 
C 3 HOH 22 422 25  HOH HOH A . 
C 3 HOH 23 423 22  HOH HOH A . 
C 3 HOH 24 424 32  HOH HOH A . 
C 3 HOH 25 425 46  HOH HOH A . 
C 3 HOH 26 426 40  HOH HOH A . 
C 3 HOH 27 427 47  HOH HOH A . 
C 3 HOH 28 428 13  HOH HOH A . 
C 3 HOH 29 429 11  HOH HOH A . 
C 3 HOH 30 430 23  HOH HOH A . 
C 3 HOH 31 431 20  HOH HOH A . 
C 3 HOH 32 432 27  HOH HOH A . 
C 3 HOH 33 433 2   HOH HOH A . 
C 3 HOH 34 434 5   HOH HOH A . 
C 3 HOH 35 435 21  HOH HOH A . 
C 3 HOH 36 436 14  HOH HOH A . 
C 3 HOH 37 437 10  HOH HOH A . 
C 3 HOH 38 438 18  HOH HOH A . 
C 3 HOH 39 439 38  HOH HOH A . 
C 3 HOH 40 440 53  HOH HOH A . 
C 3 HOH 41 441 42  HOH HOH A . 
C 3 HOH 42 442 26  HOH HOH A . 
C 3 HOH 43 443 57  HOH HOH A . 
C 3 HOH 44 444 12  HOH HOH A . 
C 3 HOH 45 445 37  HOH HOH A . 
C 3 HOH 46 446 50  HOH HOH A . 
C 3 HOH 47 447 55  HOH HOH A . 
C 3 HOH 48 448 51  HOH HOH A . 
C 3 HOH 49 449 41  HOH HOH A . 
C 3 HOH 50 450 29  HOH HOH A . 
C 3 HOH 51 451 49  HOH HOH A . 
C 3 HOH 52 452 56  HOH HOH A . 
C 3 HOH 53 453 16  HOH HOH A . 
C 3 HOH 54 454 48  HOH HOH A . 
# 
loop_
_software.citation_id 
_software.classification 
_software.compiler_name 
_software.compiler_version 
_software.contact_author 
_software.contact_author_email 
_software.date 
_software.description 
_software.dependencies 
_software.hardware 
_software.language 
_software.location 
_software.mods 
_software.name 
_software.os 
_software.os_version 
_software.type 
_software.version 
_software.pdbx_ordinal 
? refinement       ? ? ? ? ? ? ? ? ? ? ? PHENIX ? ? ? 1.19.2-4158 1 
? 'data reduction' ? ? ? ? ? ? ? ? ? ? ? xia2   ? ? ? .           2 
? phasing          ? ? ? ? ? ? ? ? ? ? ? PHENIX ? ? ? .           3 
# 
_cell.angle_alpha                  90.000 
_cell.angle_alpha_esd              ? 
_cell.angle_beta                   90.000 
_cell.angle_beta_esd               ? 
_cell.angle_gamma                  90.000 
_cell.angle_gamma_esd              ? 
_cell.entry_id                     8HOG 
_cell.details                      ? 
_cell.formula_units_Z              ? 
_cell.length_a                     32.560 
_cell.length_a_esd                 ? 
_cell.length_b                     47.549 
_cell.length_b_esd                 ? 
_cell.length_c                     101.084 
_cell.length_c_esd                 ? 
_cell.volume                       ? 
_cell.volume_esd                   ? 
_cell.Z_PDB                        4 
_cell.reciprocal_angle_alpha       ? 
_cell.reciprocal_angle_beta        ? 
_cell.reciprocal_angle_gamma       ? 
_cell.reciprocal_angle_alpha_esd   ? 
_cell.reciprocal_angle_beta_esd    ? 
_cell.reciprocal_angle_gamma_esd   ? 
_cell.reciprocal_length_a          ? 
_cell.reciprocal_length_b          ? 
_cell.reciprocal_length_c          ? 
_cell.reciprocal_length_a_esd      ? 
_cell.reciprocal_length_b_esd      ? 
_cell.reciprocal_length_c_esd      ? 
_cell.pdbx_unique_axis             ? 
_cell.pdbx_esd_method              ? 
# 
_symmetry.entry_id                         8HOG 
_symmetry.cell_setting                     ? 
_symmetry.Int_Tables_number                19 
_symmetry.space_group_name_Hall            ? 
_symmetry.space_group_name_H-M             'P 21 21 21' 
_symmetry.pdbx_full_space_group_name_H-M   ? 
# 
_exptl.absorpt_coefficient_mu     ? 
_exptl.absorpt_correction_T_max   ? 
_exptl.absorpt_correction_T_min   ? 
_exptl.absorpt_correction_type    ? 
_exptl.absorpt_process_details    ? 
_exptl.entry_id                   8HOG 
_exptl.crystals_number            1 
_exptl.details                    ? 
_exptl.method                     'X-RAY DIFFRACTION' 
_exptl.method_details             ? 
# 
_exptl_crystal.colour                       ? 
_exptl_crystal.density_diffrn               ? 
_exptl_crystal.density_Matthews             2.06 
_exptl_crystal.density_method               ? 
_exptl_crystal.density_percent_sol          40.34 
_exptl_crystal.description                  ? 
_exptl_crystal.F_000                        ? 
_exptl_crystal.id                           1 
_exptl_crystal.preparation                  ? 
_exptl_crystal.size_max                     ? 
_exptl_crystal.size_mid                     ? 
_exptl_crystal.size_min                     ? 
_exptl_crystal.size_rad                     ? 
_exptl_crystal.colour_lustre                ? 
_exptl_crystal.colour_modifier              ? 
_exptl_crystal.colour_primary               ? 
_exptl_crystal.density_meas                 ? 
_exptl_crystal.density_meas_esd             ? 
_exptl_crystal.density_meas_gt              ? 
_exptl_crystal.density_meas_lt              ? 
_exptl_crystal.density_meas_temp            ? 
_exptl_crystal.density_meas_temp_esd        ? 
_exptl_crystal.density_meas_temp_gt         ? 
_exptl_crystal.density_meas_temp_lt         ? 
_exptl_crystal.pdbx_crystal_image_url       ? 
_exptl_crystal.pdbx_crystal_image_format    ? 
_exptl_crystal.pdbx_mosaicity               ? 
_exptl_crystal.pdbx_mosaicity_esd           ? 
_exptl_crystal.pdbx_mosaic_method           ? 
_exptl_crystal.pdbx_mosaic_block_size       ? 
_exptl_crystal.pdbx_mosaic_block_size_esd   ? 
# 
_exptl_crystal_grow.apparatus       ? 
_exptl_crystal_grow.atmosphere      ? 
_exptl_crystal_grow.crystal_id      1 
_exptl_crystal_grow.details         ? 
_exptl_crystal_grow.method          'VAPOR DIFFUSION, HANGING DROP' 
_exptl_crystal_grow.method_ref      ? 
_exptl_crystal_grow.pH              ? 
_exptl_crystal_grow.pressure        ? 
_exptl_crystal_grow.pressure_esd    ? 
_exptl_crystal_grow.seeding         ? 
_exptl_crystal_grow.seeding_ref     ? 
_exptl_crystal_grow.temp_details    ? 
_exptl_crystal_grow.temp_esd        ? 
_exptl_crystal_grow.time            ? 
_exptl_crystal_grow.pdbx_details    '0.1 M Bis-tris propane pH 9.0, 30% PEG 6000' 
_exptl_crystal_grow.pdbx_pH_range   ? 
_exptl_crystal_grow.temp            293.15 
# 
_diffrn.ambient_environment              ? 
_diffrn.ambient_temp                     100 
_diffrn.ambient_temp_details             ? 
_diffrn.ambient_temp_esd                 ? 
_diffrn.crystal_id                       1 
_diffrn.crystal_support                  ? 
_diffrn.crystal_treatment                ? 
_diffrn.details                          ? 
_diffrn.id                               1 
_diffrn.ambient_pressure                 ? 
_diffrn.ambient_pressure_esd             ? 
_diffrn.ambient_pressure_gt              ? 
_diffrn.ambient_pressure_lt              ? 
_diffrn.ambient_temp_gt                  ? 
_diffrn.ambient_temp_lt                  ? 
_diffrn.pdbx_serial_crystal_experiment   N 
# 
_diffrn_detector.details                      ? 
_diffrn_detector.detector                     PIXEL 
_diffrn_detector.diffrn_id                    1 
_diffrn_detector.type                         'DECTRIS EIGER X 16M' 
_diffrn_detector.area_resol_mean              ? 
_diffrn_detector.dtime                        ? 
_diffrn_detector.pdbx_frames_total            ? 
_diffrn_detector.pdbx_collection_time_total   ? 
_diffrn_detector.pdbx_collection_date         2019-03-25 
_diffrn_detector.pdbx_frequency               ? 
# 
_diffrn_radiation.collimation                      ? 
_diffrn_radiation.diffrn_id                        1 
_diffrn_radiation.filter_edge                      ? 
_diffrn_radiation.inhomogeneity                    ? 
_diffrn_radiation.monochromator                    ? 
_diffrn_radiation.polarisn_norm                    ? 
_diffrn_radiation.polarisn_ratio                   ? 
_diffrn_radiation.probe                            ? 
_diffrn_radiation.type                             ? 
_diffrn_radiation.xray_symbol                      ? 
_diffrn_radiation.wavelength_id                    1 
_diffrn_radiation.pdbx_monochromatic_or_laue_m_l   M 
_diffrn_radiation.pdbx_wavelength_list             ? 
_diffrn_radiation.pdbx_wavelength                  ? 
_diffrn_radiation.pdbx_diffrn_protocol             'SINGLE WAVELENGTH' 
_diffrn_radiation.pdbx_analyzer                    ? 
_diffrn_radiation.pdbx_scattering_type             x-ray 
# 
_diffrn_radiation_wavelength.id           1 
_diffrn_radiation_wavelength.wavelength   0.979183 
_diffrn_radiation_wavelength.wt           1.0 
# 
_diffrn_source.current                     ? 
_diffrn_source.details                     ? 
_diffrn_source.diffrn_id                   1 
_diffrn_source.power                       ? 
_diffrn_source.size                        ? 
_diffrn_source.source                      SYNCHROTRON 
_diffrn_source.target                      ? 
_diffrn_source.type                        'SSRF BEAMLINE BL17U1' 
_diffrn_source.voltage                     ? 
_diffrn_source.take-off_angle              ? 
_diffrn_source.pdbx_wavelength_list        0.979183 
_diffrn_source.pdbx_wavelength             ? 
_diffrn_source.pdbx_synchrotron_beamline   BL17U1 
_diffrn_source.pdbx_synchrotron_site       SSRF 
# 
_reflns.B_iso_Wilson_estimate                          30.520 
_reflns.entry_id                                       8HOG 
_reflns.data_reduction_details                         ? 
_reflns.data_reduction_method                          ? 
_reflns.d_resolution_high                              1.800 
_reflns.d_resolution_low                               50.540 
_reflns.details                                        ? 
_reflns.limit_h_max                                    ? 
_reflns.limit_h_min                                    ? 
_reflns.limit_k_max                                    ? 
_reflns.limit_k_min                                    ? 
_reflns.limit_l_max                                    ? 
_reflns.limit_l_min                                    ? 
_reflns.number_all                                     ? 
_reflns.number_obs                                     15163 
_reflns.observed_criterion                             ? 
_reflns.observed_criterion_F_max                       ? 
_reflns.observed_criterion_F_min                       ? 
_reflns.observed_criterion_I_max                       ? 
_reflns.observed_criterion_I_min                       ? 
_reflns.observed_criterion_sigma_F                     ? 
_reflns.observed_criterion_sigma_I                     ? 
_reflns.percent_possible_obs                           99.900 
_reflns.R_free_details                                 ? 
_reflns.Rmerge_F_all                                   ? 
_reflns.Rmerge_F_obs                                   ? 
_reflns.Friedel_coverage                               ? 
_reflns.number_gt                                      ? 
_reflns.threshold_expression                           ? 
_reflns.pdbx_redundancy                                11.400 
_reflns.pdbx_netI_over_av_sigmaI                       ? 
_reflns.pdbx_netI_over_sigmaI                          21.5 
_reflns.pdbx_res_netI_over_av_sigmaI_2                 ? 
_reflns.pdbx_res_netI_over_sigmaI_2                    ? 
_reflns.pdbx_chi_squared                               ? 
_reflns.pdbx_scaling_rejects                           ? 
_reflns.pdbx_d_res_high_opt                            ? 
_reflns.pdbx_d_res_low_opt                             ? 
_reflns.pdbx_d_res_opt_method                          ? 
_reflns.phase_calculation_details                      ? 
_reflns.pdbx_Rrim_I_all                                ? 
_reflns.pdbx_Rpim_I_all                                ? 
_reflns.pdbx_d_opt                                     ? 
_reflns.pdbx_number_measured_all                       ? 
_reflns.pdbx_diffrn_id                                 1 
_reflns.pdbx_ordinal                                   1 
_reflns.pdbx_CC_half                                   ? 
_reflns.pdbx_CC_star                                   ? 
_reflns.pdbx_R_split                                   ? 
_reflns.pdbx_Rmerge_I_obs                              0.059 
_reflns.pdbx_Rmerge_I_all                              ? 
_reflns.pdbx_Rsym_value                                ? 
_reflns.pdbx_CC_split_method                           ? 
_reflns.pdbx_aniso_diffraction_limit_axis_1_ortho[1]   ? 
_reflns.pdbx_aniso_diffraction_limit_axis_1_ortho[2]   ? 
_reflns.pdbx_aniso_diffraction_limit_axis_1_ortho[3]   ? 
_reflns.pdbx_aniso_diffraction_limit_axis_2_ortho[1]   ? 
_reflns.pdbx_aniso_diffraction_limit_axis_2_ortho[2]   ? 
_reflns.pdbx_aniso_diffraction_limit_axis_2_ortho[3]   ? 
_reflns.pdbx_aniso_diffraction_limit_axis_3_ortho[1]   ? 
_reflns.pdbx_aniso_diffraction_limit_axis_3_ortho[2]   ? 
_reflns.pdbx_aniso_diffraction_limit_axis_3_ortho[3]   ? 
_reflns.pdbx_aniso_diffraction_limit_1                 ? 
_reflns.pdbx_aniso_diffraction_limit_2                 ? 
_reflns.pdbx_aniso_diffraction_limit_3                 ? 
_reflns.pdbx_aniso_B_tensor_eigenvector_1_ortho[1]     ? 
_reflns.pdbx_aniso_B_tensor_eigenvector_1_ortho[2]     ? 
_reflns.pdbx_aniso_B_tensor_eigenvector_1_ortho[3]     ? 
_reflns.pdbx_aniso_B_tensor_eigenvector_2_ortho[1]     ? 
_reflns.pdbx_aniso_B_tensor_eigenvector_2_ortho[2]     ? 
_reflns.pdbx_aniso_B_tensor_eigenvector_2_ortho[3]     ? 
_reflns.pdbx_aniso_B_tensor_eigenvector_3_ortho[1]     ? 
_reflns.pdbx_aniso_B_tensor_eigenvector_3_ortho[2]     ? 
_reflns.pdbx_aniso_B_tensor_eigenvector_3_ortho[3]     ? 
_reflns.pdbx_aniso_B_tensor_eigenvalue_1               ? 
_reflns.pdbx_aniso_B_tensor_eigenvalue_2               ? 
_reflns.pdbx_aniso_B_tensor_eigenvalue_3               ? 
_reflns.pdbx_orthogonalization_convention              ? 
_reflns.pdbx_percent_possible_ellipsoidal              ? 
_reflns.pdbx_percent_possible_spherical                ? 
_reflns.pdbx_percent_possible_ellipsoidal_anomalous    ? 
_reflns.pdbx_percent_possible_spherical_anomalous      ? 
_reflns.pdbx_redundancy_anomalous                      ? 
_reflns.pdbx_CC_half_anomalous                         ? 
_reflns.pdbx_absDiff_over_sigma_anomalous              ? 
_reflns.pdbx_percent_possible_anomalous                ? 
_reflns.pdbx_observed_signal_threshold                 ? 
_reflns.pdbx_signal_type                               ? 
_reflns.pdbx_signal_details                            ? 
_reflns.pdbx_signal_software_id                        ? 
# 
_reflns_shell.d_res_high                                    1.800 
_reflns_shell.d_res_low                                     1.840 
_reflns_shell.meanI_over_sigI_all                           ? 
_reflns_shell.meanI_over_sigI_obs                           ? 
_reflns_shell.number_measured_all                           ? 
_reflns_shell.number_measured_obs                           ? 
_reflns_shell.number_possible                               ? 
_reflns_shell.number_unique_all                             ? 
_reflns_shell.number_unique_obs                             1467 
_reflns_shell.percent_possible_obs                          ? 
_reflns_shell.Rmerge_F_all                                  ? 
_reflns_shell.Rmerge_F_obs                                  ? 
_reflns_shell.meanI_over_sigI_gt                            ? 
_reflns_shell.meanI_over_uI_all                             ? 
_reflns_shell.meanI_over_uI_gt                              ? 
_reflns_shell.number_measured_gt                            ? 
_reflns_shell.number_unique_gt                              ? 
_reflns_shell.percent_possible_gt                           ? 
_reflns_shell.Rmerge_F_gt                                   ? 
_reflns_shell.Rmerge_I_gt                                   ? 
_reflns_shell.pdbx_redundancy                               11.800 
_reflns_shell.pdbx_chi_squared                              ? 
_reflns_shell.pdbx_netI_over_sigmaI_all                     ? 
_reflns_shell.pdbx_netI_over_sigmaI_obs                     ? 
_reflns_shell.pdbx_Rrim_I_all                               ? 
_reflns_shell.pdbx_Rpim_I_all                               ? 
_reflns_shell.pdbx_rejects                                  ? 
_reflns_shell.pdbx_ordinal                                  1 
_reflns_shell.pdbx_diffrn_id                                1 
_reflns_shell.pdbx_CC_half                                  ? 
_reflns_shell.pdbx_CC_star                                  ? 
_reflns_shell.pdbx_R_split                                  ? 
_reflns_shell.percent_possible_all                          100.000 
_reflns_shell.Rmerge_I_all                                  ? 
_reflns_shell.Rmerge_I_obs                                  0.533 
_reflns_shell.pdbx_Rsym_value                               ? 
_reflns_shell.pdbx_percent_possible_ellipsoidal             ? 
_reflns_shell.pdbx_percent_possible_spherical               ? 
_reflns_shell.pdbx_percent_possible_ellipsoidal_anomalous   ? 
_reflns_shell.pdbx_percent_possible_spherical_anomalous     ? 
_reflns_shell.pdbx_redundancy_anomalous                     ? 
_reflns_shell.pdbx_CC_half_anomalous                        ? 
_reflns_shell.pdbx_absDiff_over_sigma_anomalous             ? 
_reflns_shell.pdbx_percent_possible_anomalous               ? 
# 
_refine.aniso_B[1][1]                            ? 
_refine.aniso_B[1][2]                            ? 
_refine.aniso_B[1][3]                            ? 
_refine.aniso_B[2][2]                            ? 
_refine.aniso_B[2][3]                            ? 
_refine.aniso_B[3][3]                            ? 
_refine.B_iso_max                                89.250 
_refine.B_iso_mean                               44.5792 
_refine.B_iso_min                                22.430 
_refine.correlation_coeff_Fo_to_Fc               ? 
_refine.correlation_coeff_Fo_to_Fc_free          ? 
_refine.details                                  ? 
_refine.diff_density_max                         ? 
_refine.diff_density_max_esd                     ? 
_refine.diff_density_min                         ? 
_refine.diff_density_min_esd                     ? 
_refine.diff_density_rms                         ? 
_refine.diff_density_rms_esd                     ? 
_refine.entry_id                                 8HOG 
_refine.pdbx_refine_id                           'X-RAY DIFFRACTION' 
_refine.ls_abs_structure_details                 ? 
_refine.ls_abs_structure_Flack                   ? 
_refine.ls_abs_structure_Flack_esd               ? 
_refine.ls_abs_structure_Rogers                  ? 
_refine.ls_abs_structure_Rogers_esd              ? 
_refine.ls_d_res_high                            1.8000 
_refine.ls_d_res_low                             50.5400 
_refine.ls_extinction_coef                       ? 
_refine.ls_extinction_coef_esd                   ? 
_refine.ls_extinction_expression                 ? 
_refine.ls_extinction_method                     ? 
_refine.ls_goodness_of_fit_all                   ? 
_refine.ls_goodness_of_fit_all_esd               ? 
_refine.ls_goodness_of_fit_obs                   ? 
_refine.ls_goodness_of_fit_obs_esd               ? 
_refine.ls_hydrogen_treatment                    ? 
_refine.ls_matrix_type                           ? 
_refine.ls_number_constraints                    ? 
_refine.ls_number_parameters                     ? 
_refine.ls_number_reflns_all                     ? 
_refine.ls_number_reflns_obs                     15147 
_refine.ls_number_reflns_R_free                  723 
_refine.ls_number_reflns_R_work                  14424 
_refine.ls_number_restraints                     ? 
_refine.ls_percent_reflns_obs                    99.7800 
_refine.ls_percent_reflns_R_free                 4.7700 
_refine.ls_R_factor_all                          ? 
_refine.ls_R_factor_obs                          0.2175 
_refine.ls_R_factor_R_free                       0.2380 
_refine.ls_R_factor_R_free_error                 ? 
_refine.ls_R_factor_R_free_error_details         ? 
_refine.ls_R_factor_R_work                       0.2164 
_refine.ls_R_Fsqd_factor_obs                     ? 
_refine.ls_R_I_factor_obs                        ? 
_refine.ls_redundancy_reflns_all                 ? 
_refine.ls_redundancy_reflns_obs                 ? 
_refine.ls_restrained_S_all                      ? 
_refine.ls_restrained_S_obs                      ? 
_refine.ls_shift_over_esd_max                    ? 
_refine.ls_shift_over_esd_mean                   ? 
_refine.ls_structure_factor_coef                 ? 
_refine.ls_weighting_details                     ? 
_refine.ls_weighting_scheme                      ? 
_refine.ls_wR_factor_all                         ? 
_refine.ls_wR_factor_obs                         ? 
_refine.ls_wR_factor_R_free                      ? 
_refine.ls_wR_factor_R_work                      ? 
_refine.occupancy_max                            ? 
_refine.occupancy_min                            ? 
_refine.solvent_model_details                    'FLAT BULK SOLVENT MODEL' 
_refine.solvent_model_param_bsol                 ? 
_refine.solvent_model_param_ksol                 ? 
_refine.pdbx_R_complete                          ? 
_refine.ls_R_factor_gt                           ? 
_refine.ls_goodness_of_fit_gt                    ? 
_refine.ls_goodness_of_fit_ref                   ? 
_refine.ls_shift_over_su_max                     ? 
_refine.ls_shift_over_su_max_lt                  ? 
_refine.ls_shift_over_su_mean                    ? 
_refine.ls_shift_over_su_mean_lt                 ? 
_refine.pdbx_ls_sigma_I                          ? 
_refine.pdbx_ls_sigma_F                          1.340 
_refine.pdbx_ls_sigma_Fsqd                       ? 
_refine.pdbx_data_cutoff_high_absF               ? 
_refine.pdbx_data_cutoff_high_rms_absF           ? 
_refine.pdbx_data_cutoff_low_absF                ? 
_refine.pdbx_isotropic_thermal_model             ? 
_refine.pdbx_ls_cross_valid_method               THROUGHOUT 
_refine.pdbx_method_to_determine_struct          'MOLECULAR REPLACEMENT' 
_refine.pdbx_starting_model                      5VAU 
_refine.pdbx_stereochemistry_target_values       ML 
_refine.pdbx_R_Free_selection_details            ? 
_refine.pdbx_stereochem_target_val_spec_case     ? 
_refine.pdbx_overall_ESU_R                       ? 
_refine.pdbx_overall_ESU_R_Free                  ? 
_refine.pdbx_solvent_vdw_probe_radii             1.1000 
_refine.pdbx_solvent_ion_probe_radii             ? 
_refine.pdbx_solvent_shrinkage_radii             0.9000 
_refine.pdbx_real_space_R                        ? 
_refine.pdbx_density_correlation                 ? 
_refine.pdbx_pd_number_of_powder_patterns        ? 
_refine.pdbx_pd_number_of_points                 ? 
_refine.pdbx_pd_meas_number_of_points            ? 
_refine.pdbx_pd_proc_ls_prof_R_factor            ? 
_refine.pdbx_pd_proc_ls_prof_wR_factor           ? 
_refine.pdbx_pd_Marquardt_correlation_coeff      ? 
_refine.pdbx_pd_Fsqrd_R_factor                   ? 
_refine.pdbx_pd_ls_matrix_band_width             ? 
_refine.pdbx_overall_phase_error                 33.5100 
_refine.pdbx_overall_SU_R_free_Cruickshank_DPI   ? 
_refine.pdbx_overall_SU_R_free_Blow_DPI          ? 
_refine.pdbx_overall_SU_R_Blow_DPI               ? 
_refine.pdbx_TLS_residual_ADP_flag               ? 
_refine.pdbx_diffrn_id                           1 
_refine.overall_SU_B                             ? 
_refine.overall_SU_ML                            0.1500 
_refine.overall_SU_R_Cruickshank_DPI             ? 
_refine.overall_SU_R_free                        ? 
_refine.overall_FOM_free_R_set                   ? 
_refine.overall_FOM_work_R_set                   ? 
_refine.pdbx_average_fsc_overall                 ? 
_refine.pdbx_average_fsc_work                    ? 
_refine.pdbx_average_fsc_free                    ? 
# 
_refine_hist.pdbx_refine_id                   'X-RAY DIFFRACTION' 
_refine_hist.cycle_id                         final 
_refine_hist.details                          ? 
_refine_hist.d_res_high                       1.8000 
_refine_hist.d_res_low                        50.5400 
_refine_hist.number_atoms_solvent             54 
_refine_hist.number_atoms_total               1316 
_refine_hist.number_reflns_all                ? 
_refine_hist.number_reflns_obs                ? 
_refine_hist.number_reflns_R_free             ? 
_refine_hist.number_reflns_R_work             ? 
_refine_hist.R_factor_all                     ? 
_refine_hist.R_factor_obs                     ? 
_refine_hist.R_factor_R_free                  ? 
_refine_hist.R_factor_R_work                  ? 
_refine_hist.pdbx_number_residues_total       144 
_refine_hist.pdbx_B_iso_mean_ligand           36.16 
_refine_hist.pdbx_B_iso_mean_solvent          45.68 
_refine_hist.pdbx_number_atoms_protein        1198 
_refine_hist.pdbx_number_atoms_nucleic_acid   0 
_refine_hist.pdbx_number_atoms_ligand         64 
_refine_hist.pdbx_number_atoms_lipid          ? 
_refine_hist.pdbx_number_atoms_carb           ? 
_refine_hist.pdbx_pseudo_atom_details         ? 
# 
loop_
_refine_ls_shell.pdbx_refine_id 
_refine_ls_shell.d_res_high 
_refine_ls_shell.d_res_low 
_refine_ls_shell.number_reflns_all 
_refine_ls_shell.number_reflns_obs 
_refine_ls_shell.number_reflns_R_free 
_refine_ls_shell.number_reflns_R_work 
_refine_ls_shell.percent_reflns_obs 
_refine_ls_shell.percent_reflns_R_free 
_refine_ls_shell.R_factor_all 
_refine_ls_shell.R_factor_obs 
_refine_ls_shell.R_factor_R_free_error 
_refine_ls_shell.R_factor_R_work 
_refine_ls_shell.redundancy_reflns_all 
_refine_ls_shell.redundancy_reflns_obs 
_refine_ls_shell.wR_factor_all 
_refine_ls_shell.wR_factor_obs 
_refine_ls_shell.wR_factor_R_free 
_refine_ls_shell.wR_factor_R_work 
_refine_ls_shell.pdbx_R_complete 
_refine_ls_shell.pdbx_total_number_of_bins_used 
_refine_ls_shell.pdbx_phase_error 
_refine_ls_shell.pdbx_fsc_work 
_refine_ls_shell.pdbx_fsc_free 
_refine_ls_shell.R_factor_R_free 
'X-RAY DIFFRACTION' 1.8000 1.9400  2944 . 145 2799 100.0000 . . . 0.0000 0.2779 . . . . . . . 5 . . . 0.3359 
'X-RAY DIFFRACTION' 1.9400 2.1300  2988 . 136 2852 100.0000 . . . 0.0000 0.2372 . . . . . . . 5 . . . 0.2946 
'X-RAY DIFFRACTION' 2.1300 2.4400  2997 . 152 2845 100.0000 . . . 0.0000 0.2250 . . . . . . . 5 . . . 0.2728 
'X-RAY DIFFRACTION' 2.4400 3.0800  3031 . 140 2891 100.0000 . . . 0.0000 0.2395 . . . . . . . 5 . . . 0.2737 
'X-RAY DIFFRACTION' 3.0800 50.5400 3187 . 150 3037 100.0000 . . . 0.0000 0.1970 . . . . . . . 5 . . . 0.1990 
# 
_struct.entry_id                     8HOG 
_struct.title                        'Crystal structure of Bcl-2 in complex with sonrotoclax' 
_struct.pdbx_model_details           ? 
_struct.pdbx_formula_weight          ? 
_struct.pdbx_formula_weight_method   ? 
_struct.pdbx_model_type_details      ? 
_struct.pdbx_CASP_flag               N 
# 
_struct_keywords.entry_id        8HOG 
_struct_keywords.text            'Inhibitor, APOPTOSIS' 
_struct_keywords.pdbx_keywords   APOPTOSIS 
# 
loop_
_struct_asym.id 
_struct_asym.pdbx_blank_PDB_chainid_flag 
_struct_asym.pdbx_modified 
_struct_asym.entity_id 
_struct_asym.details 
A N N 1 ? 
B N N 2 ? 
C N N 3 ? 
# 
_struct_ref.id                         1 
_struct_ref.db_name                    PDB 
_struct_ref.db_code                    8HOG 
_struct_ref.pdbx_db_accession          8HOG 
_struct_ref.pdbx_db_isoform            ? 
_struct_ref.entity_id                  1 
_struct_ref.pdbx_seq_one_letter_code   ? 
_struct_ref.pdbx_align_begin           1 
# 
_struct_ref_seq.align_id                      1 
_struct_ref_seq.ref_id                        1 
_struct_ref_seq.pdbx_PDB_id_code              8HOG 
_struct_ref_seq.pdbx_strand_id                A 
_struct_ref_seq.seq_align_beg                 1 
_struct_ref_seq.pdbx_seq_align_beg_ins_code   ? 
_struct_ref_seq.seq_align_end                 162 
_struct_ref_seq.pdbx_seq_align_end_ins_code   ? 
_struct_ref_seq.pdbx_db_accession             8HOG 
_struct_ref_seq.db_align_beg                  5 
_struct_ref_seq.pdbx_db_align_beg_ins_code    ? 
_struct_ref_seq.db_align_end                  207 
_struct_ref_seq.pdbx_db_align_end_ins_code    ? 
_struct_ref_seq.pdbx_auth_seq_align_beg       5 
_struct_ref_seq.pdbx_auth_seq_align_end       207 
# 
_pdbx_struct_assembly.id                   1 
_pdbx_struct_assembly.details              author_defined_assembly 
_pdbx_struct_assembly.method_details       ? 
_pdbx_struct_assembly.oligomeric_details   monomeric 
_pdbx_struct_assembly.oligomeric_count     1 
# 
_pdbx_struct_assembly_gen.assembly_id       1 
_pdbx_struct_assembly_gen.oper_expression   1 
_pdbx_struct_assembly_gen.asym_id_list      A,B,C 
# 
_pdbx_struct_assembly_auth_evidence.id                     1 
_pdbx_struct_assembly_auth_evidence.assembly_id            1 
_pdbx_struct_assembly_auth_evidence.experimental_support   'gel filtration' 
_pdbx_struct_assembly_auth_evidence.details                ? 
# 
_pdbx_struct_oper_list.id                   1 
_pdbx_struct_oper_list.type                 'identity operation' 
_pdbx_struct_oper_list.name                 1_555 
_pdbx_struct_oper_list.symmetry_operation   x,y,z 
_pdbx_struct_oper_list.matrix[1][1]         1.0000000000 
_pdbx_struct_oper_list.matrix[1][2]         0.0000000000 
_pdbx_struct_oper_list.matrix[1][3]         0.0000000000 
_pdbx_struct_oper_list.vector[1]            0.0000000000 
_pdbx_struct_oper_list.matrix[2][1]         0.0000000000 
_pdbx_struct_oper_list.matrix[2][2]         1.0000000000 
_pdbx_struct_oper_list.matrix[2][3]         0.0000000000 
_pdbx_struct_oper_list.vector[2]            0.0000000000 
_pdbx_struct_oper_list.matrix[3][1]         0.0000000000 
_pdbx_struct_oper_list.matrix[3][2]         0.0000000000 
_pdbx_struct_oper_list.matrix[3][3]         1.0000000000 
_pdbx_struct_oper_list.vector[3]            0.0000000000 
# 
loop_
_struct_conf.conf_type_id 
_struct_conf.id 
_struct_conf.pdbx_PDB_helix_id 
_struct_conf.beg_label_comp_id 
_struct_conf.beg_label_asym_id 
_struct_conf.beg_label_seq_id 
_struct_conf.pdbx_beg_PDB_ins_code 
_struct_conf.end_label_comp_id 
_struct_conf.end_label_asym_id 
_struct_conf.end_label_seq_id 
_struct_conf.pdbx_end_PDB_ins_code 
_struct_conf.beg_auth_comp_id 
_struct_conf.beg_auth_asym_id 
_struct_conf.beg_auth_seq_id 
_struct_conf.end_auth_comp_id 
_struct_conf.end_auth_asym_id 
_struct_conf.end_auth_seq_id 
_struct_conf.pdbx_PDB_helix_class 
_struct_conf.details 
_struct_conf.pdbx_PDB_helix_length 
HELX_P HELX_P1 AA1 ASP A 6   ? ARG A 22  ? ASP A 10  ARG A 26  1 ? 17 
HELX_P HELX_P2 AA2 TRP A 26  ? ASP A 31  ? TRP A 30  ASP A 35  1 ? 6  
HELX_P HELX_P3 AA3 GLU A 46  ? TYR A 63  ? GLU A 91  TYR A 108 1 ? 18 
HELX_P HELX_P4 AA4 TYR A 63  ? GLN A 73  ? TYR A 108 GLN A 118 1 ? 11 
HELX_P HELX_P5 AA5 THR A 80  ? PHE A 93  ? THR A 125 PHE A 138 1 ? 14 
HELX_P HELX_P6 AA6 ASN A 98  ? ARG A 119 ? ASN A 143 ARG A 164 1 ? 22 
HELX_P HELX_P7 AA7 PRO A 123 ? LEU A 140 ? PRO A 168 LEU A 185 1 ? 18 
HELX_P HELX_P8 AA8 LEU A 140 ? ASN A 147 ? LEU A 185 ASN A 192 1 ? 8  
HELX_P HELX_P9 AA9 GLY A 148 ? GLY A 158 ? GLY A 193 GLY A 203 1 ? 11 
# 
_struct_conf_type.id          HELX_P 
_struct_conf_type.criteria    ? 
_struct_conf_type.reference   ? 
# 
_pdbx_entry_details.entry_id                 8HOG 
_pdbx_entry_details.nonpolymer_details       ? 
_pdbx_entry_details.sequence_details         ? 
_pdbx_entry_details.compound_details         ? 
_pdbx_entry_details.source_details           ? 
_pdbx_entry_details.has_ligand_of_interest   Y 
# 
loop_
_pdbx_unobs_or_zero_occ_residues.id 
_pdbx_unobs_or_zero_occ_residues.PDB_model_num 
_pdbx_unobs_or_zero_occ_residues.polymer_flag 
_pdbx_unobs_or_zero_occ_residues.occupancy_flag 
_pdbx_unobs_or_zero_occ_residues.auth_asym_id 
_pdbx_unobs_or_zero_occ_residues.auth_comp_id 
_pdbx_unobs_or_zero_occ_residues.auth_seq_id 
_pdbx_unobs_or_zero_occ_residues.PDB_ins_code 
_pdbx_unobs_or_zero_occ_residues.label_asym_id 
_pdbx_unobs_or_zero_occ_residues.label_comp_id 
_pdbx_unobs_or_zero_occ_residues.label_seq_id 
1  1 Y 1 A SER 5   ? A SER 1   
2  1 Y 1 A ARG 6   ? A ARG 2   
3  1 Y 1 A THR 7   ? A THR 3   
4  1 Y 1 A GLY 8   ? A GLY 4   
5  1 Y 1 A GLU 79  ? A GLU 34  
6  1 Y 1 A ASN 80  ? A ASN 35  
7  1 Y 1 A ARG 81  ? A ARG 36  
8  1 Y 1 A THR 82  ? A THR 37  
9  1 Y 1 A GLU 83  ? A GLU 38  
10 1 Y 1 A ALA 84  ? A ALA 39  
11 1 Y 1 A PRO 85  ? A PRO 40  
12 1 Y 1 A GLU 86  ? A GLU 41  
13 1 Y 1 A GLY 87  ? A GLY 42  
14 1 Y 1 A THR 88  ? A THR 43  
15 1 Y 1 A GLU 89  ? A GLU 44  
16 1 Y 1 A SER 205 ? A SER 160 
17 1 Y 1 A MET 206 ? A MET 161 
18 1 Y 1 A ARG 207 ? A ARG 162 
# 
loop_
_chem_comp_atom.comp_id 
_chem_comp_atom.atom_id 
_chem_comp_atom.type_symbol 
_chem_comp_atom.pdbx_aromatic_flag 
_chem_comp_atom.pdbx_stereo_config 
_chem_comp_atom.pdbx_ordinal 
98I CAA  C Y N 1   
98I CAB  C Y N 2   
98I CAC  C Y N 3   
98I CAD  C Y N 4   
98I CAE  C Y N 5   
98I CAF  C Y N 6   
98I CAH  C Y N 7   
98I CAI  C Y N 8   
98I CAJ  C Y N 9   
98I CAK  C Y N 10  
98I CAM  C Y N 11  
98I CAN  C Y N 12  
98I CAO  C Y N 13  
98I CAQ  C N N 14  
98I CAW  C Y N 15  
98I CAX  C Y N 16  
98I CAY  C Y N 17  
98I CAZ  C Y N 18  
98I CBA  C Y N 19  
98I CBB  C Y N 20  
98I CBE  C N N 21  
98I CBF  C N N 22  
98I CBG  C N N 23  
98I CBH  C N N 24  
98I CBI  C N N 25  
98I CBJ  C N N 26  
98I CBK  C N N 27  
98I CBO  C N N 28  
98I CBQ  C N N 29  
98I CBR  C N N 30  
98I CBS  C N N 31  
98I CBT  C N N 32  
98I CBU  C N N 33  
98I CBV  C N N 34  
98I CBW  C N N 35  
98I CBX  C N N 36  
98I CBZ  C N N 37  
98I CCA  C N N 38  
98I CCB  C N N 39  
98I CCC  C N S 40  
98I CCD  C Y N 41  
98I CCE  C Y N 42  
98I CCF  C Y N 43  
98I CCG  C Y N 44  
98I CCH  C Y N 45  
98I CCI  C Y N 46  
98I CCJ  C N N 47  
98I CCK  C N N 48  
98I CCL  C N N 49  
98I NAL  N Y N 50  
98I NAP  N Y N 51  
98I NAS  N N N 52  
98I NBC  N N N 53  
98I NBD  N N N 54  
98I NBN  N N N 55  
98I NBY  N N N 56  
98I OAG  O N N 57  
98I OAR  O N N 58  
98I OAU  O N N 59  
98I OAV  O N N 60  
98I OBL  O N N 61  
98I OBM  O N N 62  
98I OBP  O N N 63  
98I SAT  S N N 64  
98I H1   H N N 65  
98I H2   H N N 66  
98I H3   H N N 67  
98I H4   H N N 68  
98I H5   H N N 69  
98I H6   H N N 70  
98I H7   H N N 71  
98I H8   H N N 72  
98I H9   H N N 73  
98I H10  H N N 74  
98I H11  H N N 75  
98I H12  H N N 76  
98I H13  H N N 77  
98I H14  H N N 78  
98I H15  H N N 79  
98I H16  H N N 80  
98I H17  H N N 81  
98I H18  H N N 82  
98I H19  H N N 83  
98I H20  H N N 84  
98I H21  H N N 85  
98I H22  H N N 86  
98I H23  H N N 87  
98I H24  H N N 88  
98I H25  H N N 89  
98I H26  H N N 90  
98I H27  H N N 91  
98I H28  H N N 92  
98I H29  H N N 93  
98I H30  H N N 94  
98I H31  H N N 95  
98I H32  H N N 96  
98I H33  H N N 97  
98I H34  H N N 98  
98I H35  H N N 99  
98I H36  H N N 100 
98I H37  H N N 101 
98I H38  H N N 102 
98I H39  H N N 103 
98I H40  H N N 104 
98I H41  H N N 105 
98I H42  H N N 106 
98I H43  H N N 107 
98I H44  H N N 108 
98I H45  H N N 109 
98I H46  H N N 110 
98I H47  H N N 111 
98I H48  H N N 112 
98I H49  H N N 113 
98I H50  H N N 114 
98I H51  H N N 115 
98I H52  H N N 116 
98I H53  H N N 117 
98I H54  H N N 118 
98I H55  H N N 119 
98I H56  H N N 120 
98I H57  H N N 121 
98I H58  H N N 122 
98I H60  H N N 123 
ALA N    N N N 124 
ALA CA   C N S 125 
ALA C    C N N 126 
ALA O    O N N 127 
ALA CB   C N N 128 
ALA OXT  O N N 129 
ALA H    H N N 130 
ALA H2   H N N 131 
ALA HA   H N N 132 
ALA HB1  H N N 133 
ALA HB2  H N N 134 
ALA HB3  H N N 135 
ALA HXT  H N N 136 
ARG N    N N N 137 
ARG CA   C N S 138 
ARG C    C N N 139 
ARG O    O N N 140 
ARG CB   C N N 141 
ARG CG   C N N 142 
ARG CD   C N N 143 
ARG NE   N N N 144 
ARG CZ   C N N 145 
ARG NH1  N N N 146 
ARG NH2  N N N 147 
ARG OXT  O N N 148 
ARG H    H N N 149 
ARG H2   H N N 150 
ARG HA   H N N 151 
ARG HB2  H N N 152 
ARG HB3  H N N 153 
ARG HG2  H N N 154 
ARG HG3  H N N 155 
ARG HD2  H N N 156 
ARG HD3  H N N 157 
ARG HE   H N N 158 
ARG HH11 H N N 159 
ARG HH12 H N N 160 
ARG HH21 H N N 161 
ARG HH22 H N N 162 
ARG HXT  H N N 163 
ASN N    N N N 164 
ASN CA   C N S 165 
ASN C    C N N 166 
ASN O    O N N 167 
ASN CB   C N N 168 
ASN CG   C N N 169 
ASN OD1  O N N 170 
ASN ND2  N N N 171 
ASN OXT  O N N 172 
ASN H    H N N 173 
ASN H2   H N N 174 
ASN HA   H N N 175 
ASN HB2  H N N 176 
ASN HB3  H N N 177 
ASN HD21 H N N 178 
ASN HD22 H N N 179 
ASN HXT  H N N 180 
ASP N    N N N 181 
ASP CA   C N S 182 
ASP C    C N N 183 
ASP O    O N N 184 
ASP CB   C N N 185 
ASP CG   C N N 186 
ASP OD1  O N N 187 
ASP OD2  O N N 188 
ASP OXT  O N N 189 
ASP H    H N N 190 
ASP H2   H N N 191 
ASP HA   H N N 192 
ASP HB2  H N N 193 
ASP HB3  H N N 194 
ASP HD2  H N N 195 
ASP HXT  H N N 196 
CYS N    N N N 197 
CYS CA   C N R 198 
CYS C    C N N 199 
CYS O    O N N 200 
CYS CB   C N N 201 
CYS SG   S N N 202 
CYS OXT  O N N 203 
CYS H    H N N 204 
CYS H2   H N N 205 
CYS HA   H N N 206 
CYS HB2  H N N 207 
CYS HB3  H N N 208 
CYS HG   H N N 209 
CYS HXT  H N N 210 
GLN N    N N N 211 
GLN CA   C N S 212 
GLN C    C N N 213 
GLN O    O N N 214 
GLN CB   C N N 215 
GLN CG   C N N 216 
GLN CD   C N N 217 
GLN OE1  O N N 218 
GLN NE2  N N N 219 
GLN OXT  O N N 220 
GLN H    H N N 221 
GLN H2   H N N 222 
GLN HA   H N N 223 
GLN HB2  H N N 224 
GLN HB3  H N N 225 
GLN HG2  H N N 226 
GLN HG3  H N N 227 
GLN HE21 H N N 228 
GLN HE22 H N N 229 
GLN HXT  H N N 230 
GLU N    N N N 231 
GLU CA   C N S 232 
GLU C    C N N 233 
GLU O    O N N 234 
GLU CB   C N N 235 
GLU CG   C N N 236 
GLU CD   C N N 237 
GLU OE1  O N N 238 
GLU OE2  O N N 239 
GLU OXT  O N N 240 
GLU H    H N N 241 
GLU H2   H N N 242 
GLU HA   H N N 243 
GLU HB2  H N N 244 
GLU HB3  H N N 245 
GLU HG2  H N N 246 
GLU HG3  H N N 247 
GLU HE2  H N N 248 
GLU HXT  H N N 249 
GLY N    N N N 250 
GLY CA   C N N 251 
GLY C    C N N 252 
GLY O    O N N 253 
GLY OXT  O N N 254 
GLY H    H N N 255 
GLY H2   H N N 256 
GLY HA2  H N N 257 
GLY HA3  H N N 258 
GLY HXT  H N N 259 
HIS N    N N N 260 
HIS CA   C N S 261 
HIS C    C N N 262 
HIS O    O N N 263 
HIS CB   C N N 264 
HIS CG   C Y N 265 
HIS ND1  N Y N 266 
HIS CD2  C Y N 267 
HIS CE1  C Y N 268 
HIS NE2  N Y N 269 
HIS OXT  O N N 270 
HIS H    H N N 271 
HIS H2   H N N 272 
HIS HA   H N N 273 
HIS HB2  H N N 274 
HIS HB3  H N N 275 
HIS HD1  H N N 276 
HIS HD2  H N N 277 
HIS HE1  H N N 278 
HIS HE2  H N N 279 
HIS HXT  H N N 280 
HOH O    O N N 281 
HOH H1   H N N 282 
HOH H2   H N N 283 
ILE N    N N N 284 
ILE CA   C N S 285 
ILE C    C N N 286 
ILE O    O N N 287 
ILE CB   C N S 288 
ILE CG1  C N N 289 
ILE CG2  C N N 290 
ILE CD1  C N N 291 
ILE OXT  O N N 292 
ILE H    H N N 293 
ILE H2   H N N 294 
ILE HA   H N N 295 
ILE HB   H N N 296 
ILE HG12 H N N 297 
ILE HG13 H N N 298 
ILE HG21 H N N 299 
ILE HG22 H N N 300 
ILE HG23 H N N 301 
ILE HD11 H N N 302 
ILE HD12 H N N 303 
ILE HD13 H N N 304 
ILE HXT  H N N 305 
LEU N    N N N 306 
LEU CA   C N S 307 
LEU C    C N N 308 
LEU O    O N N 309 
LEU CB   C N N 310 
LEU CG   C N N 311 
LEU CD1  C N N 312 
LEU CD2  C N N 313 
LEU OXT  O N N 314 
LEU H    H N N 315 
LEU H2   H N N 316 
LEU HA   H N N 317 
LEU HB2  H N N 318 
LEU HB3  H N N 319 
LEU HG   H N N 320 
LEU HD11 H N N 321 
LEU HD12 H N N 322 
LEU HD13 H N N 323 
LEU HD21 H N N 324 
LEU HD22 H N N 325 
LEU HD23 H N N 326 
LEU HXT  H N N 327 
LYS N    N N N 328 
LYS CA   C N S 329 
LYS C    C N N 330 
LYS O    O N N 331 
LYS CB   C N N 332 
LYS CG   C N N 333 
LYS CD   C N N 334 
LYS CE   C N N 335 
LYS NZ   N N N 336 
LYS OXT  O N N 337 
LYS H    H N N 338 
LYS H2   H N N 339 
LYS HA   H N N 340 
LYS HB2  H N N 341 
LYS HB3  H N N 342 
LYS HG2  H N N 343 
LYS HG3  H N N 344 
LYS HD2  H N N 345 
LYS HD3  H N N 346 
LYS HE2  H N N 347 
LYS HE3  H N N 348 
LYS HZ1  H N N 349 
LYS HZ2  H N N 350 
LYS HZ3  H N N 351 
LYS HXT  H N N 352 
MET N    N N N 353 
MET CA   C N S 354 
MET C    C N N 355 
MET O    O N N 356 
MET CB   C N N 357 
MET CG   C N N 358 
MET SD   S N N 359 
MET CE   C N N 360 
MET OXT  O N N 361 
MET H    H N N 362 
MET H2   H N N 363 
MET HA   H N N 364 
MET HB2  H N N 365 
MET HB3  H N N 366 
MET HG2  H N N 367 
MET HG3  H N N 368 
MET HE1  H N N 369 
MET HE2  H N N 370 
MET HE3  H N N 371 
MET HXT  H N N 372 
PHE N    N N N 373 
PHE CA   C N S 374 
PHE C    C N N 375 
PHE O    O N N 376 
PHE CB   C N N 377 
PHE CG   C Y N 378 
PHE CD1  C Y N 379 
PHE CD2  C Y N 380 
PHE CE1  C Y N 381 
PHE CE2  C Y N 382 
PHE CZ   C Y N 383 
PHE OXT  O N N 384 
PHE H    H N N 385 
PHE H2   H N N 386 
PHE HA   H N N 387 
PHE HB2  H N N 388 
PHE HB3  H N N 389 
PHE HD1  H N N 390 
PHE HD2  H N N 391 
PHE HE1  H N N 392 
PHE HE2  H N N 393 
PHE HZ   H N N 394 
PHE HXT  H N N 395 
PRO N    N N N 396 
PRO CA   C N S 397 
PRO C    C N N 398 
PRO O    O N N 399 
PRO CB   C N N 400 
PRO CG   C N N 401 
PRO CD   C N N 402 
PRO OXT  O N N 403 
PRO H    H N N 404 
PRO HA   H N N 405 
PRO HB2  H N N 406 
PRO HB3  H N N 407 
PRO HG2  H N N 408 
PRO HG3  H N N 409 
PRO HD2  H N N 410 
PRO HD3  H N N 411 
PRO HXT  H N N 412 
SER N    N N N 413 
SER CA   C N S 414 
SER C    C N N 415 
SER O    O N N 416 
SER CB   C N N 417 
SER OG   O N N 418 
SER OXT  O N N 419 
SER H    H N N 420 
SER H2   H N N 421 
SER HA   H N N 422 
SER HB2  H N N 423 
SER HB3  H N N 424 
SER HG   H N N 425 
SER HXT  H N N 426 
THR N    N N N 427 
THR CA   C N S 428 
THR C    C N N 429 
THR O    O N N 430 
THR CB   C N R 431 
THR OG1  O N N 432 
THR CG2  C N N 433 
THR OXT  O N N 434 
THR H    H N N 435 
THR H2   H N N 436 
THR HA   H N N 437 
THR HB   H N N 438 
THR HG1  H N N 439 
THR HG21 H N N 440 
THR HG22 H N N 441 
THR HG23 H N N 442 
THR HXT  H N N 443 
TRP N    N N N 444 
TRP CA   C N S 445 
TRP C    C N N 446 
TRP O    O N N 447 
TRP CB   C N N 448 
TRP CG   C Y N 449 
TRP CD1  C Y N 450 
TRP CD2  C Y N 451 
TRP NE1  N Y N 452 
TRP CE2  C Y N 453 
TRP CE3  C Y N 454 
TRP CZ2  C Y N 455 
TRP CZ3  C Y N 456 
TRP CH2  C Y N 457 
TRP OXT  O N N 458 
TRP H    H N N 459 
TRP H2   H N N 460 
TRP HA   H N N 461 
TRP HB2  H N N 462 
TRP HB3  H N N 463 
TRP HD1  H N N 464 
TRP HE1  H N N 465 
TRP HE3  H N N 466 
TRP HZ2  H N N 467 
TRP HZ3  H N N 468 
TRP HH2  H N N 469 
TRP HXT  H N N 470 
TYR N    N N N 471 
TYR CA   C N S 472 
TYR C    C N N 473 
TYR O    O N N 474 
TYR CB   C N N 475 
TYR CG   C Y N 476 
TYR CD1  C Y N 477 
TYR CD2  C Y N 478 
TYR CE1  C Y N 479 
TYR CE2  C Y N 480 
TYR CZ   C Y N 481 
TYR OH   O N N 482 
TYR OXT  O N N 483 
TYR H    H N N 484 
TYR H2   H N N 485 
TYR HA   H N N 486 
TYR HB2  H N N 487 
TYR HB3  H N N 488 
TYR HD1  H N N 489 
TYR HD2  H N N 490 
TYR HE1  H N N 491 
TYR HE2  H N N 492 
TYR HH   H N N 493 
TYR HXT  H N N 494 
VAL N    N N N 495 
VAL CA   C N S 496 
VAL C    C N N 497 
VAL O    O N N 498 
VAL CB   C N N 499 
VAL CG1  C N N 500 
VAL CG2  C N N 501 
VAL OXT  O N N 502 
VAL H    H N N 503 
VAL H2   H N N 504 
VAL HA   H N N 505 
VAL HB   H N N 506 
VAL HG11 H N N 507 
VAL HG12 H N N 508 
VAL HG13 H N N 509 
VAL HG21 H N N 510 
VAL HG22 H N N 511 
VAL HG23 H N N 512 
VAL HXT  H N N 513 
# 
loop_
_chem_comp_bond.comp_id 
_chem_comp_bond.atom_id_1 
_chem_comp_bond.atom_id_2 
_chem_comp_bond.value_order 
_chem_comp_bond.pdbx_aromatic_flag 
_chem_comp_bond.pdbx_stereo_config 
_chem_comp_bond.pdbx_ordinal 
98I OBL NBC  sing N N 1   
98I OAU SAT  doub N N 2   
98I NBC OBM  doub N N 3   
98I NBC CBA  sing N N 4   
98I CBB CBA  doub Y N 5   
98I CBB CAW  sing Y N 6   
98I CBA CAZ  sing Y N 7   
98I SAT CAW  sing N N 8   
98I SAT OAV  doub N N 9   
98I SAT NAS  sing N N 10  
98I CAW CAX  doub Y N 11  
98I CAZ NBD  sing N N 12  
98I CAZ CAY  doub Y N 13  
98I NBD CBE  sing N N 14  
98I NAS CAQ  sing N N 15  
98I CAX CAY  sing Y N 16  
98I CBH CBG  sing N N 17  
98I CBH CBI  sing N N 18  
98I CBF CBG  sing N N 19  
98I CBF CBE  sing N N 20  
98I CBF CBK  sing N N 21  
98I OBP CBI  sing N N 22  
98I CBJ CBI  sing N N 23  
98I CBJ CBK  sing N N 24  
98I CBI CBO  sing N N 25  
98I CAN CAO  doub Y N 26  
98I CAN CAJ  sing Y N 27  
98I CAB CAA  doub Y N 28  
98I CAB CAC  sing Y N 29  
98I CAO NAP  sing Y N 30  
98I CAQ CAC  sing N N 31  
98I CAQ OAR  doub N N 32  
98I CAA CAF  sing Y N 33  
98I CAC CAD  doub Y N 34  
98I CAJ CAI  doub Y N 35  
98I CAJ CAK  sing Y N 36  
98I NAP CAK  sing Y N 37  
98I CAI CAH  sing Y N 38  
98I CCH CCG  doub Y N 39  
98I CCH CCI  sing Y N 40  
98I CAK NAL  doub Y N 41  
98I CBU NBN  sing N N 42  
98I CBU CBT  sing N N 43  
98I CAF NBN  sing N N 44  
98I CAF CAE  doub Y N 45  
98I CAD CAE  sing Y N 46  
98I CAD OAG  sing N N 47  
98I CCG CCF  sing Y N 48  
98I CAH OAG  sing N N 49  
98I CAH CAM  doub Y N 50  
98I NBN CBQ  sing N N 51  
98I CBT CBS  sing N N 52  
98I CCI CCD  doub Y N 53  
98I NAL CAM  sing Y N 54  
98I CCF CCE  doub Y N 55  
98I CBX CBS  sing N N 56  
98I CBX CBW  sing N N 57  
98I CBQ CBR  sing N N 58  
98I CBS CBR  sing N N 59  
98I CBS CBV  sing N N 60  
98I CCD CCE  sing Y N 61  
98I CCD CCC  sing N N 62  
98I CCE CCJ  sing N N 63  
98I NBY CBW  sing N N 64  
98I NBY CCC  sing N N 65  
98I NBY CBZ  sing N N 66  
98I CBV CBW  sing N N 67  
98I CCC CCB  sing N N 68  
98I CCB CCA  sing N N 69  
98I CBZ CCA  sing N N 70  
98I CCJ CCL  sing N N 71  
98I CCJ CCK  sing N N 72  
98I CAA H1   sing N N 73  
98I CAB H2   sing N N 74  
98I CAE H3   sing N N 75  
98I CAI H4   sing N N 76  
98I CAM H5   sing N N 77  
98I CAN H6   sing N N 78  
98I CAO H7   sing N N 79  
98I CAX H8   sing N N 80  
98I CAY H9   sing N N 81  
98I CBB H10  sing N N 82  
98I CBE H11  sing N N 83  
98I CBE H12  sing N N 84  
98I CBF H13  sing N N 85  
98I CBG H14  sing N N 86  
98I CBG H15  sing N N 87  
98I CBH H16  sing N N 88  
98I CBH H17  sing N N 89  
98I CBJ H18  sing N N 90  
98I CBJ H19  sing N N 91  
98I CBK H20  sing N N 92  
98I CBK H21  sing N N 93  
98I CBO H22  sing N N 94  
98I CBO H23  sing N N 95  
98I CBO H24  sing N N 96  
98I CBQ H25  sing N N 97  
98I CBQ H26  sing N N 98  
98I CBR H27  sing N N 99  
98I CBR H28  sing N N 100 
98I CBT H29  sing N N 101 
98I CBT H30  sing N N 102 
98I CBU H31  sing N N 103 
98I CBU H32  sing N N 104 
98I CBV H33  sing N N 105 
98I CBV H34  sing N N 106 
98I CBW H35  sing N N 107 
98I CBX H36  sing N N 108 
98I CBX H37  sing N N 109 
98I CBZ H38  sing N N 110 
98I CBZ H39  sing N N 111 
98I CCA H40  sing N N 112 
98I CCA H41  sing N N 113 
98I CCB H42  sing N N 114 
98I CCB H43  sing N N 115 
98I CCC H44  sing N N 116 
98I CCF H45  sing N N 117 
98I CCG H46  sing N N 118 
98I CCH H47  sing N N 119 
98I CCI H48  sing N N 120 
98I CCJ H49  sing N N 121 
98I CCK H50  sing N N 122 
98I CCK H51  sing N N 123 
98I CCK H52  sing N N 124 
98I CCL H53  sing N N 125 
98I CCL H54  sing N N 126 
98I CCL H55  sing N N 127 
98I NAP H56  sing N N 128 
98I NAS H57  sing N N 129 
98I NBD H58  sing N N 130 
98I OBP H60  sing N N 131 
ALA N   CA   sing N N 132 
ALA N   H    sing N N 133 
ALA N   H2   sing N N 134 
ALA CA  C    sing N N 135 
ALA CA  CB   sing N N 136 
ALA CA  HA   sing N N 137 
ALA C   O    doub N N 138 
ALA C   OXT  sing N N 139 
ALA CB  HB1  sing N N 140 
ALA CB  HB2  sing N N 141 
ALA CB  HB3  sing N N 142 
ALA OXT HXT  sing N N 143 
ARG N   CA   sing N N 144 
ARG N   H    sing N N 145 
ARG N   H2   sing N N 146 
ARG CA  C    sing N N 147 
ARG CA  CB   sing N N 148 
ARG CA  HA   sing N N 149 
ARG C   O    doub N N 150 
ARG C   OXT  sing N N 151 
ARG CB  CG   sing N N 152 
ARG CB  HB2  sing N N 153 
ARG CB  HB3  sing N N 154 
ARG CG  CD   sing N N 155 
ARG CG  HG2  sing N N 156 
ARG CG  HG3  sing N N 157 
ARG CD  NE   sing N N 158 
ARG CD  HD2  sing N N 159 
ARG CD  HD3  sing N N 160 
ARG NE  CZ   sing N N 161 
ARG NE  HE   sing N N 162 
ARG CZ  NH1  sing N N 163 
ARG CZ  NH2  doub N N 164 
ARG NH1 HH11 sing N N 165 
ARG NH1 HH12 sing N N 166 
ARG NH2 HH21 sing N N 167 
ARG NH2 HH22 sing N N 168 
ARG OXT HXT  sing N N 169 
ASN N   CA   sing N N 170 
ASN N   H    sing N N 171 
ASN N   H2   sing N N 172 
ASN CA  C    sing N N 173 
ASN CA  CB   sing N N 174 
ASN CA  HA   sing N N 175 
ASN C   O    doub N N 176 
ASN C   OXT  sing N N 177 
ASN CB  CG   sing N N 178 
ASN CB  HB2  sing N N 179 
ASN CB  HB3  sing N N 180 
ASN CG  OD1  doub N N 181 
ASN CG  ND2  sing N N 182 
ASN ND2 HD21 sing N N 183 
ASN ND2 HD22 sing N N 184 
ASN OXT HXT  sing N N 185 
ASP N   CA   sing N N 186 
ASP N   H    sing N N 187 
ASP N   H2   sing N N 188 
ASP CA  C    sing N N 189 
ASP CA  CB   sing N N 190 
ASP CA  HA   sing N N 191 
ASP C   O    doub N N 192 
ASP C   OXT  sing N N 193 
ASP CB  CG   sing N N 194 
ASP CB  HB2  sing N N 195 
ASP CB  HB3  sing N N 196 
ASP CG  OD1  doub N N 197 
ASP CG  OD2  sing N N 198 
ASP OD2 HD2  sing N N 199 
ASP OXT HXT  sing N N 200 
CYS N   CA   sing N N 201 
CYS N   H    sing N N 202 
CYS N   H2   sing N N 203 
CYS CA  C    sing N N 204 
CYS CA  CB   sing N N 205 
CYS CA  HA   sing N N 206 
CYS C   O    doub N N 207 
CYS C   OXT  sing N N 208 
CYS CB  SG   sing N N 209 
CYS CB  HB2  sing N N 210 
CYS CB  HB3  sing N N 211 
CYS SG  HG   sing N N 212 
CYS OXT HXT  sing N N 213 
GLN N   CA   sing N N 214 
GLN N   H    sing N N 215 
GLN N   H2   sing N N 216 
GLN CA  C    sing N N 217 
GLN CA  CB   sing N N 218 
GLN CA  HA   sing N N 219 
GLN C   O    doub N N 220 
GLN C   OXT  sing N N 221 
GLN CB  CG   sing N N 222 
GLN CB  HB2  sing N N 223 
GLN CB  HB3  sing N N 224 
GLN CG  CD   sing N N 225 
GLN CG  HG2  sing N N 226 
GLN CG  HG3  sing N N 227 
GLN CD  OE1  doub N N 228 
GLN CD  NE2  sing N N 229 
GLN NE2 HE21 sing N N 230 
GLN NE2 HE22 sing N N 231 
GLN OXT HXT  sing N N 232 
GLU N   CA   sing N N 233 
GLU N   H    sing N N 234 
GLU N   H2   sing N N 235 
GLU CA  C    sing N N 236 
GLU CA  CB   sing N N 237 
GLU CA  HA   sing N N 238 
GLU C   O    doub N N 239 
GLU C   OXT  sing N N 240 
GLU CB  CG   sing N N 241 
GLU CB  HB2  sing N N 242 
GLU CB  HB3  sing N N 243 
GLU CG  CD   sing N N 244 
GLU CG  HG2  sing N N 245 
GLU CG  HG3  sing N N 246 
GLU CD  OE1  doub N N 247 
GLU CD  OE2  sing N N 248 
GLU OE2 HE2  sing N N 249 
GLU OXT HXT  sing N N 250 
GLY N   CA   sing N N 251 
GLY N   H    sing N N 252 
GLY N   H2   sing N N 253 
GLY CA  C    sing N N 254 
GLY CA  HA2  sing N N 255 
GLY CA  HA3  sing N N 256 
GLY C   O    doub N N 257 
GLY C   OXT  sing N N 258 
GLY OXT HXT  sing N N 259 
HIS N   CA   sing N N 260 
HIS N   H    sing N N 261 
HIS N   H2   sing N N 262 
HIS CA  C    sing N N 263 
HIS CA  CB   sing N N 264 
HIS CA  HA   sing N N 265 
HIS C   O    doub N N 266 
HIS C   OXT  sing N N 267 
HIS CB  CG   sing N N 268 
HIS CB  HB2  sing N N 269 
HIS CB  HB3  sing N N 270 
HIS CG  ND1  sing Y N 271 
HIS CG  CD2  doub Y N 272 
HIS ND1 CE1  doub Y N 273 
HIS ND1 HD1  sing N N 274 
HIS CD2 NE2  sing Y N 275 
HIS CD2 HD2  sing N N 276 
HIS CE1 NE2  sing Y N 277 
HIS CE1 HE1  sing N N 278 
HIS NE2 HE2  sing N N 279 
HIS OXT HXT  sing N N 280 
HOH O   H1   sing N N 281 
HOH O   H2   sing N N 282 
ILE N   CA   sing N N 283 
ILE N   H    sing N N 284 
ILE N   H2   sing N N 285 
ILE CA  C    sing N N 286 
ILE CA  CB   sing N N 287 
ILE CA  HA   sing N N 288 
ILE C   O    doub N N 289 
ILE C   OXT  sing N N 290 
ILE CB  CG1  sing N N 291 
ILE CB  CG2  sing N N 292 
ILE CB  HB   sing N N 293 
ILE CG1 CD1  sing N N 294 
ILE CG1 HG12 sing N N 295 
ILE CG1 HG13 sing N N 296 
ILE CG2 HG21 sing N N 297 
ILE CG2 HG22 sing N N 298 
ILE CG2 HG23 sing N N 299 
ILE CD1 HD11 sing N N 300 
ILE CD1 HD12 sing N N 301 
ILE CD1 HD13 sing N N 302 
ILE OXT HXT  sing N N 303 
LEU N   CA   sing N N 304 
LEU N   H    sing N N 305 
LEU N   H2   sing N N 306 
LEU CA  C    sing N N 307 
LEU CA  CB   sing N N 308 
LEU CA  HA   sing N N 309 
LEU C   O    doub N N 310 
LEU C   OXT  sing N N 311 
LEU CB  CG   sing N N 312 
LEU CB  HB2  sing N N 313 
LEU CB  HB3  sing N N 314 
LEU CG  CD1  sing N N 315 
LEU CG  CD2  sing N N 316 
LEU CG  HG   sing N N 317 
LEU CD1 HD11 sing N N 318 
LEU CD1 HD12 sing N N 319 
LEU CD1 HD13 sing N N 320 
LEU CD2 HD21 sing N N 321 
LEU CD2 HD22 sing N N 322 
LEU CD2 HD23 sing N N 323 
LEU OXT HXT  sing N N 324 
LYS N   CA   sing N N 325 
LYS N   H    sing N N 326 
LYS N   H2   sing N N 327 
LYS CA  C    sing N N 328 
LYS CA  CB   sing N N 329 
LYS CA  HA   sing N N 330 
LYS C   O    doub N N 331 
LYS C   OXT  sing N N 332 
LYS CB  CG   sing N N 333 
LYS CB  HB2  sing N N 334 
LYS CB  HB3  sing N N 335 
LYS CG  CD   sing N N 336 
LYS CG  HG2  sing N N 337 
LYS CG  HG3  sing N N 338 
LYS CD  CE   sing N N 339 
LYS CD  HD2  sing N N 340 
LYS CD  HD3  sing N N 341 
LYS CE  NZ   sing N N 342 
LYS CE  HE2  sing N N 343 
LYS CE  HE3  sing N N 344 
LYS NZ  HZ1  sing N N 345 
LYS NZ  HZ2  sing N N 346 
LYS NZ  HZ3  sing N N 347 
LYS OXT HXT  sing N N 348 
MET N   CA   sing N N 349 
MET N   H    sing N N 350 
MET N   H2   sing N N 351 
MET CA  C    sing N N 352 
MET CA  CB   sing N N 353 
MET CA  HA   sing N N 354 
MET C   O    doub N N 355 
MET C   OXT  sing N N 356 
MET CB  CG   sing N N 357 
MET CB  HB2  sing N N 358 
MET CB  HB3  sing N N 359 
MET CG  SD   sing N N 360 
MET CG  HG2  sing N N 361 
MET CG  HG3  sing N N 362 
MET SD  CE   sing N N 363 
MET CE  HE1  sing N N 364 
MET CE  HE2  sing N N 365 
MET CE  HE3  sing N N 366 
MET OXT HXT  sing N N 367 
PHE N   CA   sing N N 368 
PHE N   H    sing N N 369 
PHE N   H2   sing N N 370 
PHE CA  C    sing N N 371 
PHE CA  CB   sing N N 372 
PHE CA  HA   sing N N 373 
PHE C   O    doub N N 374 
PHE C   OXT  sing N N 375 
PHE CB  CG   sing N N 376 
PHE CB  HB2  sing N N 377 
PHE CB  HB3  sing N N 378 
PHE CG  CD1  doub Y N 379 
PHE CG  CD2  sing Y N 380 
PHE CD1 CE1  sing Y N 381 
PHE CD1 HD1  sing N N 382 
PHE CD2 CE2  doub Y N 383 
PHE CD2 HD2  sing N N 384 
PHE CE1 CZ   doub Y N 385 
PHE CE1 HE1  sing N N 386 
PHE CE2 CZ   sing Y N 387 
PHE CE2 HE2  sing N N 388 
PHE CZ  HZ   sing N N 389 
PHE OXT HXT  sing N N 390 
PRO N   CA   sing N N 391 
PRO N   CD   sing N N 392 
PRO N   H    sing N N 393 
PRO CA  C    sing N N 394 
PRO CA  CB   sing N N 395 
PRO CA  HA   sing N N 396 
PRO C   O    doub N N 397 
PRO C   OXT  sing N N 398 
PRO CB  CG   sing N N 399 
PRO CB  HB2  sing N N 400 
PRO CB  HB3  sing N N 401 
PRO CG  CD   sing N N 402 
PRO CG  HG2  sing N N 403 
PRO CG  HG3  sing N N 404 
PRO CD  HD2  sing N N 405 
PRO CD  HD3  sing N N 406 
PRO OXT HXT  sing N N 407 
SER N   CA   sing N N 408 
SER N   H    sing N N 409 
SER N   H2   sing N N 410 
SER CA  C    sing N N 411 
SER CA  CB   sing N N 412 
SER CA  HA   sing N N 413 
SER C   O    doub N N 414 
SER C   OXT  sing N N 415 
SER CB  OG   sing N N 416 
SER CB  HB2  sing N N 417 
SER CB  HB3  sing N N 418 
SER OG  HG   sing N N 419 
SER OXT HXT  sing N N 420 
THR N   CA   sing N N 421 
THR N   H    sing N N 422 
THR N   H2   sing N N 423 
THR CA  C    sing N N 424 
THR CA  CB   sing N N 425 
THR CA  HA   sing N N 426 
THR C   O    doub N N 427 
THR C   OXT  sing N N 428 
THR CB  OG1  sing N N 429 
THR CB  CG2  sing N N 430 
THR CB  HB   sing N N 431 
THR OG1 HG1  sing N N 432 
THR CG2 HG21 sing N N 433 
THR CG2 HG22 sing N N 434 
THR CG2 HG23 sing N N 435 
THR OXT HXT  sing N N 436 
TRP N   CA   sing N N 437 
TRP N   H    sing N N 438 
TRP N   H2   sing N N 439 
TRP CA  C    sing N N 440 
TRP CA  CB   sing N N 441 
TRP CA  HA   sing N N 442 
TRP C   O    doub N N 443 
TRP C   OXT  sing N N 444 
TRP CB  CG   sing N N 445 
TRP CB  HB2  sing N N 446 
TRP CB  HB3  sing N N 447 
TRP CG  CD1  doub Y N 448 
TRP CG  CD2  sing Y N 449 
TRP CD1 NE1  sing Y N 450 
TRP CD1 HD1  sing N N 451 
TRP CD2 CE2  doub Y N 452 
TRP CD2 CE3  sing Y N 453 
TRP NE1 CE2  sing Y N 454 
TRP NE1 HE1  sing N N 455 
TRP CE2 CZ2  sing Y N 456 
TRP CE3 CZ3  doub Y N 457 
TRP CE3 HE3  sing N N 458 
TRP CZ2 CH2  doub Y N 459 
TRP CZ2 HZ2  sing N N 460 
TRP CZ3 CH2  sing Y N 461 
TRP CZ3 HZ3  sing N N 462 
TRP CH2 HH2  sing N N 463 
TRP OXT HXT  sing N N 464 
TYR N   CA   sing N N 465 
TYR N   H    sing N N 466 
TYR N   H2   sing N N 467 
TYR CA  C    sing N N 468 
TYR CA  CB   sing N N 469 
TYR CA  HA   sing N N 470 
TYR C   O    doub N N 471 
TYR C   OXT  sing N N 472 
TYR CB  CG   sing N N 473 
TYR CB  HB2  sing N N 474 
TYR CB  HB3  sing N N 475 
TYR CG  CD1  doub Y N 476 
TYR CG  CD2  sing Y N 477 
TYR CD1 CE1  sing Y N 478 
TYR CD1 HD1  sing N N 479 
TYR CD2 CE2  doub Y N 480 
TYR CD2 HD2  sing N N 481 
TYR CE1 CZ   doub Y N 482 
TYR CE1 HE1  sing N N 483 
TYR CE2 CZ   sing Y N 484 
TYR CE2 HE2  sing N N 485 
TYR CZ  OH   sing N N 486 
TYR OH  HH   sing N N 487 
TYR OXT HXT  sing N N 488 
VAL N   CA   sing N N 489 
VAL N   H    sing N N 490 
VAL N   H2   sing N N 491 
VAL CA  C    sing N N 492 
VAL CA  CB   sing N N 493 
VAL CA  HA   sing N N 494 
VAL C   O    doub N N 495 
VAL C   OXT  sing N N 496 
VAL CB  CG1  sing N N 497 
VAL CB  CG2  sing N N 498 
VAL CB  HB   sing N N 499 
VAL CG1 HG11 sing N N 500 
VAL CG1 HG12 sing N N 501 
VAL CG1 HG13 sing N N 502 
VAL CG2 HG21 sing N N 503 
VAL CG2 HG22 sing N N 504 
VAL CG2 HG23 sing N N 505 
VAL OXT HXT  sing N N 506 
# 
_pdbx_audit_support.funding_organization   'Not funded' 
_pdbx_audit_support.country                ? 
_pdbx_audit_support.grant_number           ? 
_pdbx_audit_support.ordinal                1 
# 
_pdbx_entity_instance_feature.ordinal        1 
_pdbx_entity_instance_feature.comp_id        98I 
_pdbx_entity_instance_feature.asym_id        ? 
_pdbx_entity_instance_feature.seq_num        ? 
_pdbx_entity_instance_feature.auth_comp_id   98I 
_pdbx_entity_instance_feature.auth_asym_id   ? 
_pdbx_entity_instance_feature.auth_seq_num   ? 
_pdbx_entity_instance_feature.feature_type   'SUBJECT OF INVESTIGATION' 
_pdbx_entity_instance_feature.details        ? 
# 
_pdbx_initial_refinement_model.id               1 
_pdbx_initial_refinement_model.entity_id_list   ? 
_pdbx_initial_refinement_model.type             'experimental model' 
_pdbx_initial_refinement_model.source_name      PDB 
_pdbx_initial_refinement_model.accession_code   5VAU 
_pdbx_initial_refinement_model.details          ? 
# 
_atom_sites.entry_id                    8HOG 
_atom_sites.Cartn_transf_matrix[1][1]   ? 
_atom_sites.Cartn_transf_matrix[1][2]   ? 
_atom_sites.Cartn_transf_matrix[1][3]   ? 
_atom_sites.Cartn_transf_matrix[2][1]   ? 
_atom_sites.Cartn_transf_matrix[2][2]   ? 
_atom_sites.Cartn_transf_matrix[2][3]   ? 
_atom_sites.Cartn_transf_matrix[3][1]   ? 
_atom_sites.Cartn_transf_matrix[3][2]   ? 
_atom_sites.Cartn_transf_matrix[3][3]   ? 
_atom_sites.Cartn_transf_vector[1]      ? 
_atom_sites.Cartn_transf_vector[2]      ? 
_atom_sites.Cartn_transf_vector[3]      ? 
_atom_sites.fract_transf_matrix[1][1]   0.00426041 
_atom_sites.fract_transf_matrix[1][2]   -0.02730391 
_atom_sites.fract_transf_matrix[1][3]   0.01340275 
_atom_sites.fract_transf_matrix[2][1]   -0.02080406 
_atom_sites.fract_transf_matrix[2][2]   -0.00305707 
_atom_sites.fract_transf_matrix[2][3]   0.00038528 
_atom_sites.fract_transf_matrix[3][1]   0.00046643 
_atom_sites.fract_transf_matrix[3][2]   -0.00429573 
_atom_sites.fract_transf_matrix[3][3]   -0.00889947 
_atom_sites.fract_transf_vector[1]      -0.236865 
_atom_sites.fract_transf_vector[2]      -0.107032 
_atom_sites.fract_transf_vector[3]      0.142399 
_atom_sites.solution_primary            ? 
_atom_sites.solution_secondary          ? 
_atom_sites.solution_hydrogens          ? 
_atom_sites.special_details             ? 
# 
loop_
_atom_type.symbol 
C 
N 
O 
S 
# 
loop_
_atom_site.group_PDB 
_atom_site.id 
_atom_site.type_symbol 
_atom_site.label_atom_id 
_atom_site.label_alt_id 
_atom_site.label_comp_id 
_atom_site.label_asym_id 
_atom_site.label_entity_id 
_atom_site.label_seq_id 
_atom_site.pdbx_PDB_ins_code 
_atom_site.Cartn_x 
_atom_site.Cartn_y 
_atom_site.Cartn_z 
_atom_site.occupancy 
_atom_site.B_iso_or_equiv 
_atom_site.pdbx_formal_charge 
_atom_site.auth_seq_id 
_atom_site.auth_comp_id 
_atom_site.auth_asym_id 
_atom_site.auth_atom_id 
_atom_site.pdbx_PDB_model_num 
ATOM   1    N N   . TYR A 1 5   ? -5.775  0.896   16.525  1.00 68.26 ?  9   TYR A N   1 
ATOM   2    C CA  . TYR A 1 5   ? -5.360  0.782   15.129  1.00 68.09 ?  9   TYR A CA  1 
ATOM   3    C C   . TYR A 1 5   ? -4.528  1.999   14.706  1.00 66.99 ?  9   TYR A C   1 
ATOM   4    O O   . TYR A 1 5   ? -4.997  3.139   14.746  1.00 66.35 ?  9   TYR A O   1 
ATOM   5    C CB  . TYR A 1 5   ? -6.580  0.618   14.226  1.00 67.81 ?  9   TYR A CB  1 
ATOM   6    C CG  . TYR A 1 5   ? -7.393  -0.613  14.561  1.00 67.28 ?  9   TYR A CG  1 
ATOM   7    C CD1 . TYR A 1 5   ? -6.826  -1.679  15.251  1.00 71.12 ?  9   TYR A CD1 1 
ATOM   8    C CD2 . TYR A 1 5   ? -8.730  -0.705  14.207  1.00 67.37 ?  9   TYR A CD2 1 
ATOM   9    C CE1 . TYR A 1 5   ? -7.571  -2.809  15.575  1.00 68.81 ?  9   TYR A CE1 1 
ATOM   10   C CE2 . TYR A 1 5   ? -9.487  -1.834  14.527  1.00 67.57 ?  9   TYR A CE2 1 
ATOM   11   C CZ  . TYR A 1 5   ? -8.904  -2.882  15.207  1.00 71.01 ?  9   TYR A CZ  1 
ATOM   12   O OH  . TYR A 1 5   ? -9.658  -4.006  15.518  1.00 74.93 ?  9   TYR A OH  1 
ATOM   13   N N   . ASP A 1 6   ? -3.287  1.735   14.301  1.00 66.39 ?  10  ASP A N   1 
ATOM   14   C CA  . ASP A 1 6   ? -2.291  2.767   14.026  1.00 67.14 ?  10  ASP A CA  1 
ATOM   15   C C   . ASP A 1 6   ? -1.884  2.679   12.562  1.00 62.05 ?  10  ASP A C   1 
ATOM   16   O O   . ASP A 1 6   ? -1.325  1.662   12.132  1.00 59.79 ?  10  ASP A O   1 
ATOM   17   C CB  . ASP A 1 6   ? -1.077  2.594   14.943  1.00 68.86 ?  10  ASP A CB  1 
ATOM   18   C CG  . ASP A 1 6   ? 0.152   3.323   14.442  1.00 69.67 ?  10  ASP A CG  1 
ATOM   19   O OD1 . ASP A 1 6   ? 0.045   4.515   14.079  1.00 73.96 ?  10  ASP A OD1 1 
ATOM   20   O OD2 . ASP A 1 6   ? 1.235   2.699   14.419  1.00 70.47 ?  10  ASP A OD2 1 
ATOM   21   N N   . ASN A 1 7   ? -2.142  3.756   11.811  1.00 60.61 ?  11  ASN A N   1 
ATOM   22   C CA  . ASN A 1 7   ? -1.971  3.732   10.361  1.00 57.94 ?  11  ASN A CA  1 
ATOM   23   C C   . ASN A 1 7   ? -0.522  3.470   9.950   1.00 53.72 ?  11  ASN A C   1 
ATOM   24   O O   . ASN A 1 7   ? -0.276  2.811   8.928   1.00 54.26 ?  11  ASN A O   1 
ATOM   25   C CB  . ASN A 1 7   ? -2.469  5.054   9.767   1.00 55.49 ?  11  ASN A CB  1 
ATOM   26   C CG  . ASN A 1 7   ? -3.958  5.273   9.991   1.00 55.92 ?  11  ASN A CG  1 
ATOM   27   O OD1 . ASN A 1 7   ? -4.773  4.375   9.770   1.00 56.79 ?  11  ASN A OD1 1 
ATOM   28   N ND2 . ASN A 1 7   ? -4.321  6.480   10.424  1.00 65.98 ?  11  ASN A ND2 1 
ATOM   29   N N   . ARG A 1 8   ? 0.453   3.952   10.726  1.00 54.07 ?  12  ARG A N   1 
ATOM   30   C CA  . ARG A 1 8   ? 1.839   3.634   10.391  1.00 59.18 ?  12  ARG A CA  1 
ATOM   31   C C   . ARG A 1 8   ? 2.121   2.142   10.553  1.00 52.08 ?  12  ARG A C   1 
ATOM   32   O O   . ARG A 1 8   ? 2.854   1.568   9.744   1.00 52.48 ?  12  ARG A O   1 
ATOM   33   C CB  . ARG A 1 8   ? 2.802   4.483   11.226  1.00 60.94 ?  12  ARG A CB  1 
ATOM   34   C CG  . ARG A 1 8   ? 4.213   4.595   10.637  1.00 58.34 ?  12  ARG A CG  1 
ATOM   35   C CD  . ARG A 1 8   ? 5.207   5.173   11.635  1.00 67.31 ?  12  ARG A CD  1 
ATOM   36   N NE  . ARG A 1 8   ? 5.584   4.239   12.689  1.00 76.41 ?  12  ARG A NE  1 
ATOM   37   C CZ  . ARG A 1 8   ? 6.826   3.832   12.929  1.00 75.85 ?  12  ARG A CZ  1 
ATOM   38   N NH1 . ARG A 1 8   ? 7.865   4.337   12.272  1.00 74.38 ?  12  ARG A NH1 1 
ATOM   39   N NH2 . ARG A 1 8   ? 7.034   2.912   13.870  1.00 73.01 ?  12  ARG A NH2 1 
ATOM   40   N N   . GLU A 1 9   ? 1.526   1.483   11.558  1.00 59.49 ?  13  GLU A N   1 
ATOM   41   C CA  . GLU A 1 9   ? 1.732   0.042   11.680  1.00 45.94 ?  13  GLU A CA  1 
ATOM   42   C C   . GLU A 1 9   ? 1.070   -0.700  10.530  1.00 45.77 ?  13  GLU A C   1 
ATOM   43   O O   . GLU A 1 9   ? 1.623   -1.670  10.001  1.00 41.59 ?  13  GLU A O   1 
ATOM   44   C CB  . GLU A 1 9   ? 1.190   -0.489  13.013  1.00 53.14 ?  13  GLU A CB  1 
ATOM   45   C CG  . GLU A 1 9   ? 1.223   -2.025  13.096  1.00 58.87 ?  13  GLU A CG  1 
ATOM   46   C CD  . GLU A 1 9   ? 0.345   -2.611  14.204  1.00 62.39 ?  13  GLU A CD  1 
ATOM   47   O OE1 . GLU A 1 9   ? -0.894  -2.432  14.164  1.00 69.22 ?  13  GLU A OE1 1 
ATOM   48   O OE2 . GLU A 1 9   ? 0.902   -3.268  15.111  1.00 68.60 ?  13  GLU A OE2 1 
ATOM   49   N N   . ILE A 1 10  ? -0.113  -0.244  10.124  1.00 46.64 ?  14  ILE A N   1 
ATOM   50   C CA  . ILE A 1 10  ? -0.810  -0.874  9.010   1.00 44.76 ?  14  ILE A CA  1 
ATOM   51   C C   . ILE A 1 10  ? 0.038   -0.801  7.745   1.00 39.36 ?  14  ILE A C   1 
ATOM   52   O O   . ILE A 1 10  ? 0.218   -1.803  7.033   1.00 42.13 ?  14  ILE A O   1 
ATOM   53   C CB  . ILE A 1 10  ? -2.189  -0.222  8.820   1.00 45.74 ?  14  ILE A CB  1 
ATOM   54   C CG1 . ILE A 1 10  ? -3.079  -0.556  10.023  1.00 53.72 ?  14  ILE A CG1 1 
ATOM   55   C CG2 . ILE A 1 10  ? -2.773  -0.634  7.505   1.00 38.67 ?  14  ILE A CG2 1 
ATOM   56   C CD1 . ILE A 1 10  ? -4.529  -0.154  9.852   1.00 50.21 ?  14  ILE A CD1 1 
ATOM   57   N N   . VAL A 1 11  ? 0.625   0.368   7.495   1.00 41.25 ?  15  VAL A N   1 
ATOM   58   C CA  . VAL A 1 11  ? 1.469   0.565   6.319   1.00 41.98 ?  15  VAL A CA  1 
ATOM   59   C C   . VAL A 1 11  ? 2.733   -0.291  6.413   1.00 41.52 ?  15  VAL A C   1 
ATOM   60   O O   . VAL A 1 11  ? 3.080   -1.026  5.473   1.00 39.49 ?  15  VAL A O   1 
ATOM   61   C CB  . VAL A 1 11  ? 1.814   2.057   6.163   1.00 41.25 ?  15  VAL A CB  1 
ATOM   62   C CG1 . VAL A 1 11  ? 2.891   2.254   5.108   1.00 39.13 ?  15  VAL A CG1 1 
ATOM   63   C CG2 . VAL A 1 11  ? 0.579   2.865   5.822   1.00 38.10 ?  15  VAL A CG2 1 
ATOM   64   N N   . MET A 1 12  ? 3.460   -0.178  7.532   1.00 43.53 ?  16  MET A N   1 
ATOM   65   C CA  . MET A 1 12  ? 4.694   -0.941  7.702   1.00 42.13 ?  16  MET A CA  1 
ATOM   66   C C   . MET A 1 12  ? 4.452   -2.423  7.478   1.00 40.07 ?  16  MET A C   1 
ATOM   67   O O   . MET A 1 12  ? 5.166   -3.071  6.705   1.00 39.66 ?  16  MET A O   1 
ATOM   68   C CB  . MET A 1 12  ? 5.287   -0.715  9.100   1.00 50.10 ?  16  MET A CB  1 
ATOM   69   C CG  . MET A 1 12  ? 5.729   0.709   9.402   1.00 52.16 ?  16  MET A CG  1 
ATOM   70   S SD  . MET A 1 12  ? 6.801   1.459   8.162   1.00 59.32 ?  16  MET A SD  1 
ATOM   71   C CE  . MET A 1 12  ? 7.000   3.106   8.828   1.00 59.62 ?  16  MET A CE  1 
ATOM   72   N N   . LYS A 1 13  ? 3.421   -2.973  8.130   1.00 41.42 ?  17  LYS A N   1 
ATOM   73   C CA  . LYS A 1 13  ? 3.181   -4.407  8.084   1.00 36.73 ?  17  LYS A CA  1 
ATOM   74   C C   . LYS A 1 13  ? 2.728   -4.851  6.693   1.00 41.64 ?  17  LYS A C   1 
ATOM   75   O O   . LYS A 1 13  ? 3.132   -5.928  6.225   1.00 35.37 ?  17  LYS A O   1 
ATOM   76   C CB  . LYS A 1 13  ? 2.159   -4.768  9.164   1.00 45.42 ?  17  LYS A CB  1 
ATOM   77   C CG  . LYS A 1 13  ? 2.811   -5.351  10.423  1.00 54.60 ?  17  LYS A CG  1 
ATOM   78   C CD  . LYS A 1 13  ? 2.100   -6.558  11.040  1.00 61.25 ?  17  LYS A CD  1 
ATOM   79   C CE  . LYS A 1 13  ? 2.699   -7.893  10.578  1.00 61.95 ?  17  LYS A CE  1 
ATOM   80   N NZ  . LYS A 1 13  ? 1.972   -9.072  11.130  1.00 67.85 ?  17  LYS A NZ  1 
ATOM   81   N N   . TYR A 1 14  ? 1.967   -4.001  5.971   1.00 39.18 ?  18  TYR A N   1 
ATOM   82   C CA  . TYR A 1 14  ? 1.574   -4.370  4.612   1.00 35.44 ?  18  TYR A CA  1 
ATOM   83   C C   . TYR A 1 14  ? 2.790   -4.412  3.685   1.00 32.73 ?  18  TYR A C   1 
ATOM   84   O O   . TYR A 1 14  ? 2.958   -5.357  2.896   1.00 35.01 ?  18  TYR A O   1 
ATOM   85   C CB  . TYR A 1 14  ? 0.518   -3.401  4.070   1.00 33.89 ?  18  TYR A CB  1 
ATOM   86   C CG  . TYR A 1 14  ? -0.111  -3.930  2.804   1.00 32.34 ?  18  TYR A CG  1 
ATOM   87   C CD1 . TYR A 1 14  ? -1.172  -4.807  2.881   1.00 39.41 ?  18  TYR A CD1 1 
ATOM   88   C CD2 . TYR A 1 14  ? 0.350   -3.557  1.527   1.00 35.84 ?  18  TYR A CD2 1 
ATOM   89   C CE1 . TYR A 1 14  ? -1.772  -5.328  1.759   1.00 38.99 ?  18  TYR A CE1 1 
ATOM   90   C CE2 . TYR A 1 14  ? -0.265  -4.082  0.368   1.00 28.51 ?  18  TYR A CE2 1 
ATOM   91   C CZ  . TYR A 1 14  ? -1.324  -4.968  0.509   1.00 39.18 ?  18  TYR A CZ  1 
ATOM   92   O OH  . TYR A 1 14  ? -1.956  -5.517  -0.590  1.00 39.36 ?  18  TYR A OH  1 
ATOM   93   N N   . ILE A 1 15  ? 3.637   -3.384  3.750   1.00 32.90 ?  19  ILE A N   1 
ATOM   94   C CA  . ILE A 1 15  ? 4.833   -3.370  2.912   1.00 28.13 ?  19  ILE A CA  1 
ATOM   95   C C   . ILE A 1 15  ? 5.737   -4.559  3.250   1.00 32.16 ?  19  ILE A C   1 
ATOM   96   O O   . ILE A 1 15  ? 6.285   -5.208  2.353   1.00 32.74 ?  19  ILE A O   1 
ATOM   97   C CB  . ILE A 1 15  ? 5.573   -2.025  3.064   1.00 27.05 ?  19  ILE A CB  1 
ATOM   98   C CG1 . ILE A 1 15  ? 4.721   -0.878  2.518   1.00 34.95 ?  19  ILE A CG1 1 
ATOM   99   C CG2 . ILE A 1 15  ? 6.970   -2.080  2.406   1.00 31.38 ?  19  ILE A CG2 1 
ATOM   100  C CD1 . ILE A 1 15  ? 5.263   0.496   2.892   1.00 36.52 ?  19  ILE A CD1 1 
ATOM   101  N N   . HIS A 1 16  ? 5.930   -4.843  4.544   1.00 41.08 ?  20  HIS A N   1 
ATOM   102  C CA  . HIS A 1 16  ? 6.698   -6.027  4.948   1.00 43.12 ?  20  HIS A CA  1 
ATOM   103  C C   . HIS A 1 16  ? 6.164   -7.282  4.278   1.00 33.91 ?  20  HIS A C   1 
ATOM   104  O O   . HIS A 1 16  ? 6.936   -8.119  3.803   1.00 33.38 ?  20  HIS A O   1 
ATOM   105  C CB  . HIS A 1 16  ? 6.664   -6.169  6.477   1.00 46.17 ?  20  HIS A CB  1 
ATOM   106  C CG  . HIS A 1 16  ? 7.552   -7.242  7.035   1.00 56.39 ?  20  HIS A CG  1 
ATOM   107  N ND1 . HIS A 1 16  ? 7.098   -8.521  7.287   1.00 57.13 ?  20  HIS A ND1 1 
ATOM   108  C CD2 . HIS A 1 16  ? 8.849   -7.221  7.431   1.00 65.97 ?  20  HIS A CD2 1 
ATOM   109  C CE1 . HIS A 1 16  ? 8.080   -9.247  7.798   1.00 65.39 ?  20  HIS A CE1 1 
ATOM   110  N NE2 . HIS A 1 16  ? 9.153   -8.480  7.896   1.00 70.38 ?  20  HIS A NE2 1 
ATOM   111  N N   . TYR A 1 17  ? 4.835   -7.408  4.198   1.00 33.15 ?  21  TYR A N   1 
ATOM   112  C CA  . TYR A 1 17  ? 4.237   -8.587  3.582   1.00 29.70 ?  21  TYR A CA  1 
ATOM   113  C C   . TYR A 1 17  ? 4.502   -8.641  2.076   1.00 31.42 ?  21  TYR A C   1 
ATOM   114  O O   . TYR A 1 17  ? 4.859   -9.692  1.524   1.00 29.60 ?  21  TYR A O   1 
ATOM   115  C CB  . TYR A 1 17  ? 2.740   -8.615  3.879   1.00 32.72 ?  21  TYR A CB  1 
ATOM   116  C CG  . TYR A 1 17  ? 1.989   -9.708  3.181   1.00 36.30 ?  21  TYR A CG  1 
ATOM   117  C CD1 . TYR A 1 17  ? 2.265   -11.043 3.440   1.00 33.41 ?  21  TYR A CD1 1 
ATOM   118  C CD2 . TYR A 1 17  ? 0.990   -9.410  2.268   1.00 37.21 ?  21  TYR A CD2 1 
ATOM   119  C CE1 . TYR A 1 17  ? 1.590   -12.045 2.796   1.00 36.44 ?  21  TYR A CE1 1 
ATOM   120  C CE2 . TYR A 1 17  ? 0.305   -10.406 1.628   1.00 39.38 ?  21  TYR A CE2 1 
ATOM   121  C CZ  . TYR A 1 17  ? 0.608   -11.721 1.895   1.00 42.12 ?  21  TYR A CZ  1 
ATOM   122  O OH  . TYR A 1 17  ? -0.090  -12.710 1.249   1.00 39.74 ?  21  TYR A OH  1 
ATOM   123  N N   . LYS A 1 18  ? 4.264   -7.537  1.380   1.00 30.63 ?  22  LYS A N   1 
ATOM   124  C CA  . LYS A 1 18  ? 4.573   -7.491  -0.048  1.00 33.11 ?  22  LYS A CA  1 
ATOM   125  C C   . LYS A 1 18  ? 6.038   -7.806  -0.335  1.00 30.60 ?  22  LYS A C   1 
ATOM   126  O O   . LYS A 1 18  ? 6.353   -8.532  -1.286  1.00 32.67 ?  22  LYS A O   1 
ATOM   127  C CB  . LYS A 1 18  ? 4.202   -6.122  -0.607  1.00 29.94 ?  22  LYS A CB  1 
ATOM   128  C CG  . LYS A 1 18  ? 2.764   -5.858  -0.364  1.00 33.70 ?  22  LYS A CG  1 
ATOM   129  C CD  . LYS A 1 18  ? 1.962   -6.535  -1.424  1.00 35.14 ?  22  LYS A CD  1 
ATOM   130  C CE  . LYS A 1 18  ? 0.931   -7.364  -0.788  1.00 43.03 ?  22  LYS A CE  1 
ATOM   131  N NZ  . LYS A 1 18  ? 0.093   -8.122  -1.793  1.00 41.95 ?  22  LYS A NZ  1 
ATOM   132  N N   . LEU A 1 19  ? 6.950   -7.235  0.454   1.00 29.84 ?  23  LEU A N   1 
ATOM   133  C CA  . LEU A 1 19  ? 8.372   -7.495  0.248   1.00 33.64 ?  23  LEU A CA  1 
ATOM   134  C C   . LEU A 1 19  ? 8.677   -8.968  0.506   1.00 37.47 ?  23  LEU A C   1 
ATOM   135  O O   . LEU A 1 19  ? 9.402   -9.603  -0.264  1.00 39.19 ?  23  LEU A O   1 
ATOM   136  C CB  . LEU A 1 19  ? 9.231   -6.566  1.131   1.00 29.33 ?  23  LEU A CB  1 
ATOM   137  C CG  . LEU A 1 19  ? 9.278   -5.055  0.772   1.00 33.16 ?  23  LEU A CG  1 
ATOM   138  C CD1 . LEU A 1 19  ? 10.168  -4.235  1.705   1.00 35.66 ?  23  LEU A CD1 1 
ATOM   139  C CD2 . LEU A 1 19  ? 9.707   -4.846  -0.673  1.00 31.51 ?  23  LEU A CD2 1 
ATOM   140  N N   . SER A 1 20  ? 8.069   -9.555  1.542   1.00 32.15 ?  24  SER A N   1 
ATOM   141  C CA  . SER A 1 20  ? 8.310   -10.967 1.828   1.00 33.66 ?  24  SER A CA  1 
ATOM   142  C C   . SER A 1 20  ? 7.752   -11.904 0.752   1.00 42.01 ?  24  SER A C   1 
ATOM   143  O O   . SER A 1 20  ? 8.266   -13.021 0.588   1.00 35.77 ?  24  SER A O   1 
ATOM   144  C CB  . SER A 1 20  ? 7.700   -11.311 3.189   1.00 35.19 ?  24  SER A CB  1 
ATOM   145  O OG  . SER A 1 20  ? 6.393   -11.834 3.010   1.00 54.07 ?  24  SER A OG  1 
ATOM   146  N N   . GLN A 1 21  ? 6.693   -11.505 0.041   1.00 35.81 ?  25  GLN A N   1 
ATOM   147  C CA  . GLN A 1 21  ? 6.176   -12.362 -1.032  1.00 31.96 ?  25  GLN A CA  1 
ATOM   148  C C   . GLN A 1 21  ? 7.176   -12.485 -2.172  1.00 38.67 ?  25  GLN A C   1 
ATOM   149  O O   . GLN A 1 21  ? 7.075   -13.413 -2.990  1.00 38.10 ?  25  GLN A O   1 
ATOM   150  C CB  . GLN A 1 21  ? 4.870   -11.829 -1.620  1.00 34.94 ?  25  GLN A CB  1 
ATOM   151  C CG  . GLN A 1 21  ? 3.665   -11.665 -0.704  1.00 37.48 ?  25  GLN A CG  1 
ATOM   152  C CD  . GLN A 1 21  ? 2.469   -11.118 -1.475  1.00 40.75 ?  25  GLN A CD  1 
ATOM   153  O OE1 . GLN A 1 21  ? 2.497   -9.963  -1.956  1.00 37.54 ?  25  GLN A OE1 1 
ATOM   154  N NE2 . GLN A 1 21  ? 1.399   -11.905 -1.556  1.00 38.46 ?  25  GLN A NE2 1 
ATOM   155  N N   . ARG A 1 22  ? 8.115   -11.544 -2.261  1.00 37.59 ?  26  ARG A N   1 
ATOM   156  C CA  . ARG A 1 22  ? 9.177   -11.599 -3.249  1.00 41.49 ?  26  ARG A CA  1 
ATOM   157  C C   . ARG A 1 22  ? 10.496  -12.013 -2.627  1.00 39.26 ?  26  ARG A C   1 
ATOM   158  O O   . ARG A 1 22  ? 11.529  -11.992 -3.308  1.00 42.54 ?  26  ARG A O   1 
ATOM   159  C CB  . ARG A 1 22  ? 9.328   -10.245 -3.944  1.00 35.11 ?  26  ARG A CB  1 
ATOM   160  C CG  . ARG A 1 22  ? 8.202   -9.947  -4.926  1.00 39.88 ?  26  ARG A CG  1 
ATOM   161  C CD  . ARG A 1 22  ? 8.502   -10.573 -6.263  1.00 43.49 ?  26  ARG A CD  1 
ATOM   162  N NE  . ARG A 1 22  ? 9.687   -9.960  -6.849  1.00 50.96 ?  26  ARG A NE  1 
ATOM   163  C CZ  . ARG A 1 22  ? 9.683   -9.244  -7.962  1.00 55.28 ?  26  ARG A CZ  1 
ATOM   164  N NH1 . ARG A 1 22  ? 8.554   -8.939  -8.584  1.00 44.63 ?  26  ARG A NH1 1 
ATOM   165  N NH2 . ARG A 1 22  ? 10.840  -8.794  -8.450  1.00 49.46 ?  26  ARG A NH2 1 
ATOM   166  N N   . GLY A 1 23  ? 10.484  -12.389 -1.350  1.00 43.60 ?  27  GLY A N   1 
ATOM   167  C CA  . GLY A 1 23  ? 11.689  -12.799 -0.656  1.00 41.35 ?  27  GLY A CA  1 
ATOM   168  C C   . GLY A 1 23  ? 12.653  -11.680 -0.350  1.00 46.83 ?  27  GLY A C   1 
ATOM   169  O O   . GLY A 1 23  ? 13.841  -11.942 -0.151  1.00 43.57 ?  27  GLY A O   1 
ATOM   170  N N   . TYR A 1 24  ? 12.180  -10.433 -0.317  1.00 36.87 ?  28  TYR A N   1 
ATOM   171  C CA  . TYR A 1 24  ? 12.997  -9.273  0.013   1.00 41.68 ?  28  TYR A CA  1 
ATOM   172  C C   . TYR A 1 24  ? 12.878  -8.924  1.495   1.00 46.54 ?  28  TYR A C   1 
ATOM   173  O O   . TYR A 1 24  ? 11.781  -8.891  2.055   1.00 50.64 ?  28  TYR A O   1 
ATOM   174  C CB  . TYR A 1 24  ? 12.590  -8.029  -0.798  1.00 35.54 ?  28  TYR A CB  1 
ATOM   175  C CG  . TYR A 1 24  ? 12.646  -8.121  -2.318  1.00 36.59 ?  28  TYR A CG  1 
ATOM   176  C CD1 . TYR A 1 24  ? 13.532  -8.965  -2.970  1.00 38.18 ?  28  TYR A CD1 1 
ATOM   177  C CD2 . TYR A 1 24  ? 11.839  -7.298  -3.103  1.00 35.71 ?  28  TYR A CD2 1 
ATOM   178  C CE1 . TYR A 1 24  ? 13.588  -9.019  -4.365  1.00 35.36 ?  28  TYR A CE1 1 
ATOM   179  C CE2 . TYR A 1 24  ? 11.892  -7.342  -4.493  1.00 32.74 ?  28  TYR A CE2 1 
ATOM   180  C CZ  . TYR A 1 24  ? 12.762  -8.208  -5.117  1.00 38.60 ?  28  TYR A CZ  1 
ATOM   181  O OH  . TYR A 1 24  ? 12.828  -8.261  -6.495  1.00 44.97 ?  28  TYR A OH  1 
ATOM   182  N N   . GLU A 1 25  ? 14.010  -8.593  2.106   1.00 62.25 ?  29  GLU A N   1 
ATOM   183  C CA  . GLU A 1 25  ? 14.098  -8.241  3.517   1.00 58.30 ?  29  GLU A CA  1 
ATOM   184  C C   . GLU A 1 25  ? 13.859  -6.743  3.712   1.00 59.16 ?  29  GLU A C   1 
ATOM   185  O O   . GLU A 1 25  ? 14.099  -5.931  2.814   1.00 64.20 ?  29  GLU A O   1 
ATOM   186  C CB  . GLU A 1 25  ? 15.479  -8.592  4.053   1.00 61.26 ?  29  GLU A CB  1 
ATOM   187  C CG  . GLU A 1 25  ? 16.126  -9.839  3.450   1.00 68.25 ?  29  GLU A CG  1 
ATOM   188  C CD  . GLU A 1 25  ? 16.807  -9.536  2.103   1.00 71.48 ?  29  GLU A CD  1 
ATOM   189  O OE1 . GLU A 1 25  ? 17.367  -8.416  1.967   1.00 67.74 ?  29  GLU A OE1 1 
ATOM   190  O OE2 . GLU A 1 25  ? 16.713  -10.377 1.170   1.00 60.62 ?  29  GLU A OE2 1 
ATOM   191  N N   . TRP A 1 26  ? 13.410  -6.377  4.913   1.00 54.47 ?  30  TRP A N   1 
ATOM   192  C CA  . TRP A 1 26  ? 13.216  -4.962  5.231   1.00 63.64 ?  30  TRP A CA  1 
ATOM   193  C C   . TRP A 1 26  ? 13.543  -4.733  6.699   1.00 68.38 ?  30  TRP A C   1 
ATOM   194  O O   . TRP A 1 26  ? 12.943  -5.368  7.570   1.00 66.98 ?  30  TRP A O   1 
ATOM   195  C CB  . TRP A 1 26  ? 11.782  -4.508  4.924   1.00 57.75 ?  30  TRP A CB  1 
ATOM   196  C CG  . TRP A 1 26  ? 11.606  -3.027  4.999   1.00 54.77 ?  30  TRP A CG  1 
ATOM   197  C CD1 . TRP A 1 26  ? 12.539  -2.087  4.707   1.00 56.45 ?  30  TRP A CD1 1 
ATOM   198  C CD2 . TRP A 1 26  ? 10.422  -2.308  5.381   1.00 51.19 ?  30  TRP A CD2 1 
ATOM   199  N NE1 . TRP A 1 26  ? 12.016  -0.827  4.881   1.00 51.89 ?  30  TRP A NE1 1 
ATOM   200  C CE2 . TRP A 1 26  ? 10.721  -0.935  5.298   1.00 50.38 ?  30  TRP A CE2 1 
ATOM   201  C CE3 . TRP A 1 26  ? 9.142   -2.691  5.785   1.00 52.08 ?  30  TRP A CE3 1 
ATOM   202  C CZ2 . TRP A 1 26  ? 9.790   0.053   5.597   1.00 53.70 ?  30  TRP A CZ2 1 
ATOM   203  C CZ3 . TRP A 1 26  ? 8.215   -1.700  6.083   1.00 48.73 ?  30  TRP A CZ3 1 
ATOM   204  C CH2 . TRP A 1 26  ? 8.549   -0.352  5.996   1.00 50.16 ?  30  TRP A CH2 1 
ATOM   205  N N   . ASP A 1 27  ? 14.470  -3.810  6.970   1.00 74.79 ?  31  ASP A N   1 
ATOM   206  C CA  . ASP A 1 27  ? 14.865  -3.546  8.354   1.00 74.25 ?  31  ASP A CA  1 
ATOM   207  C C   . ASP A 1 27  ? 13.816  -2.732  9.118   1.00 77.26 ?  31  ASP A C   1 
ATOM   208  O O   . ASP A 1 27  ? 13.450  -3.100  10.237  1.00 82.95 ?  31  ASP A O   1 
ATOM   209  C CB  . ASP A 1 27  ? 16.243  -2.883  8.379   1.00 74.34 ?  31  ASP A CB  1 
ATOM   210  C CG  . ASP A 1 27  ? 17.238  -3.590  7.470   1.00 79.71 ?  31  ASP A CG  1 
ATOM   211  O OD1 . ASP A 1 27  ? 17.843  -4.587  7.922   1.00 79.08 ?  31  ASP A OD1 1 
ATOM   212  O OD2 . ASP A 1 27  ? 17.398  -3.173  6.301   1.00 82.96 ?  31  ASP A OD2 1 
ATOM   213  N N   . ALA A 1 28  ? 13.286  -1.649  8.531   1.00 70.65 ?  32  ALA A N   1 
ATOM   214  C CA  . ALA A 1 28  ? 12.305  -0.834  9.250   1.00 69.88 ?  32  ALA A CA  1 
ATOM   215  C C   . ALA A 1 28  ? 11.109  -1.643  9.750   1.00 68.54 ?  32  ALA A C   1 
ATOM   216  O O   . ALA A 1 28  ? 10.453  -1.235  10.717  1.00 72.70 ?  32  ALA A O   1 
ATOM   217  C CB  . ALA A 1 28  ? 11.811  0.313   8.364   1.00 62.13 ?  32  ALA A CB  1 
ATOM   218  N N   . GLY A 1 29  ? 10.828  -2.792  9.142   1.00 70.01 ?  33  GLY A N   1 
ATOM   219  C CA  . GLY A 1 29  ? 9.635   -3.546  9.476   1.00 69.53 ?  33  GLY A CA  1 
ATOM   220  C C   . GLY A 1 29  ? 9.808   -4.680  10.471  1.00 80.24 ?  33  GLY A C   1 
ATOM   221  O O   . GLY A 1 29  ? 8.837   -5.071  11.128  1.00 81.10 ?  33  GLY A O   1 
ATOM   222  N N   . ASP A 1 30  ? 11.020  -5.245  10.571  1.00 79.01 ?  34  ASP A N   1 
ATOM   223  C CA  . ASP A 1 30  ? 11.299  -6.205  11.639  1.00 79.29 ?  34  ASP A CA  1 
ATOM   224  C C   . ASP A 1 30  ? 11.082  -5.583  13.011  1.00 79.93 ?  34  ASP A C   1 
ATOM   225  O O   . ASP A 1 30  ? 10.736  -6.285  13.971  1.00 80.52 ?  34  ASP A O   1 
ATOM   226  C CB  . ASP A 1 30  ? 12.735  -6.727  11.536  1.00 80.25 ?  34  ASP A CB  1 
ATOM   227  C CG  . ASP A 1 30  ? 12.878  -7.895  10.571  1.00 82.10 ?  34  ASP A CG  1 
ATOM   228  O OD1 . ASP A 1 30  ? 11.900  -8.654  10.395  1.00 83.28 ?  34  ASP A OD1 1 
ATOM   229  O OD2 . ASP A 1 30  ? 13.981  -8.060  10.001  1.00 77.84 ?  34  ASP A OD2 1 
ATOM   230  N N   . ASP A 1 31  ? 11.288  -4.269  13.114  1.00 78.85 ?  35  ASP A N   1 
ATOM   231  C CA  . ASP A 1 31  ? 11.184  -3.576  14.391  1.00 79.54 ?  35  ASP A CA  1 
ATOM   232  C C   . ASP A 1 31  ? 9.783   -3.684  14.968  1.00 79.17 ?  35  ASP A C   1 
ATOM   233  O O   . ASP A 1 31  ? 9.617   -3.967  16.161  1.00 81.62 ?  35  ASP A O   1 
ATOM   234  C CB  . ASP A 1 31  ? 11.577  -2.110  14.210  1.00 77.64 ?  35  ASP A CB  1 
ATOM   235  C CG  . ASP A 1 31  ? 13.017  -1.951  13.784  1.00 83.34 ?  35  ASP A CG  1 
ATOM   236  O OD1 . ASP A 1 31  ? 13.408  -2.621  12.807  1.00 81.90 ?  35  ASP A OD1 1 
ATOM   237  O OD2 . ASP A 1 31  ? 13.753  -1.153  14.409  1.00 81.79 ?  35  ASP A OD2 1 
ATOM   238  N N   . VAL A 1 32  ? 8.758   -3.447  14.138  1.00 82.02 ?  36  VAL A N   1 
ATOM   239  C CA  . VAL A 1 32  ? 7.398   -3.411  14.665  1.00 80.43 ?  36  VAL A CA  1 
ATOM   240  C C   . VAL A 1 32  ? 6.934   -4.832  14.956  1.00 79.60 ?  36  VAL A C   1 
ATOM   241  O O   . VAL A 1 32  ? 6.067   -5.051  15.815  1.00 79.84 ?  36  VAL A O   1 
ATOM   242  C CB  . VAL A 1 32  ? 6.427   -2.688  13.696  1.00 76.09 ?  36  VAL A CB  1 
ATOM   243  C CG1 . VAL A 1 32  ? 7.063   -1.448  13.088  1.00 72.55 ?  36  VAL A CG1 1 
ATOM   244  C CG2 . VAL A 1 32  ? 5.817   -3.616  12.640  1.00 73.05 ?  36  VAL A CG2 1 
ATOM   245  N N   . GLU A 1 33  ? 7.511   -5.809  14.253  1.00 81.45 ?  37  GLU A N   1 
ATOM   246  C CA  . GLU A 1 33  ? 7.279   -7.231  14.474  1.00 81.11 ?  37  GLU A CA  1 
ATOM   247  C C   . GLU A 1 33  ? 7.522   -7.596  15.937  1.00 83.78 ?  37  GLU A C   1 
ATOM   248  O O   . GLU A 1 33  ? 8.555   -7.240  16.512  1.00 86.43 ?  37  GLU A O   1 
ATOM   249  C CB  . GLU A 1 33  ? 8.194   -8.072  13.577  1.00 78.32 ?  37  GLU A CB  1 
ATOM   250  C CG  . GLU A 1 33  ? 7.678   -8.343  12.172  1.00 79.91 ?  37  GLU A CG  1 
ATOM   251  C CD  . GLU A 1 33  ? 8.165   -9.679  11.630  1.00 80.45 ?  37  GLU A CD  1 
ATOM   252  O OE1 . GLU A 1 33  ? 9.233   -10.156 12.082  1.00 79.12 ?  37  GLU A OE1 1 
ATOM   253  O OE2 . GLU A 1 33  ? 7.483   -10.242 10.744  1.00 79.55 ?  37  GLU A OE2 1 
ATOM   254  N N   . SER A 1 45  ? -6.037  -6.025  16.457  1.00 69.38 ?  90  SER A N   1 
ATOM   255  C CA  . SER A 1 45  ? -5.329  -5.369  15.357  1.00 69.34 ?  90  SER A CA  1 
ATOM   256  C C   . SER A 1 45  ? -4.741  -6.340  14.314  1.00 64.92 ?  90  SER A C   1 
ATOM   257  O O   . SER A 1 45  ? -4.596  -5.968  13.152  1.00 64.56 ?  90  SER A O   1 
ATOM   258  C CB  . SER A 1 45  ? -4.219  -4.455  15.903  1.00 69.89 ?  90  SER A CB  1 
ATOM   259  O OG  . SER A 1 45  ? -4.669  -3.655  16.986  1.00 76.38 ?  90  SER A OG  1 
ATOM   260  N N   . GLU A 1 46  ? -4.414  -7.576  14.711  1.00 63.96 ?  91  GLU A N   1 
ATOM   261  C CA  . GLU A 1 46  ? -3.926  -8.562  13.740  1.00 61.00 ?  91  GLU A CA  1 
ATOM   262  C C   . GLU A 1 46  ? -4.972  -8.872  12.666  1.00 57.95 ?  91  GLU A C   1 
ATOM   263  O O   . GLU A 1 46  ? -4.619  -9.194  11.519  1.00 49.42 ?  91  GLU A O   1 
ATOM   264  C CB  . GLU A 1 46  ? -3.514  -9.839  14.481  1.00 55.24 ?  91  GLU A CB  1 
ATOM   265  C CG  . GLU A 1 46  ? -3.016  -11.005 13.631  1.00 58.83 ?  91  GLU A CG  1 
ATOM   266  C CD  . GLU A 1 46  ? -2.052  -10.614 12.521  1.00 69.54 ?  91  GLU A CD  1 
ATOM   267  O OE1 . GLU A 1 46  ? -0.892  -10.234 12.831  1.00 64.10 ?  91  GLU A OE1 1 
ATOM   268  O OE2 . GLU A 1 46  ? -2.451  -10.741 11.336  1.00 64.75 ?  91  GLU A OE2 1 
ATOM   269  N N   . VAL A 1 47  ? -6.261  -8.791  13.019  1.00 52.11 ?  92  VAL A N   1 
ATOM   270  C CA  . VAL A 1 47  ? -7.328  -9.062  12.056  1.00 53.47 ?  92  VAL A CA  1 
ATOM   271  C C   . VAL A 1 47  ? -7.312  -8.032  10.934  1.00 48.69 ?  92  VAL A C   1 
ATOM   272  O O   . VAL A 1 47  ? -7.589  -8.354  9.773   1.00 50.44 ?  92  VAL A O   1 
ATOM   273  C CB  . VAL A 1 47  ? -8.701  -9.122  12.765  1.00 54.07 ?  92  VAL A CB  1 
ATOM   274  C CG1 . VAL A 1 47  ? -9.209  -7.730  13.130  1.00 62.05 ?  92  VAL A CG1 1 
ATOM   275  C CG2 . VAL A 1 47  ? -9.714  -9.805  11.879  1.00 49.51 ?  92  VAL A CG2 1 
ATOM   276  N N   . VAL A 1 48  ? -6.957  -6.788  11.249  1.00 48.14 ?  93  VAL A N   1 
ATOM   277  C CA  . VAL A 1 48  ? -6.895  -5.760  10.213  1.00 52.32 ?  93  VAL A CA  1 
ATOM   278  C C   . VAL A 1 48  ? -5.827  -6.118  9.185   1.00 50.79 ?  93  VAL A C   1 
ATOM   279  O O   . VAL A 1 48  ? -6.057  -6.049  7.972   1.00 44.34 ?  93  VAL A O   1 
ATOM   280  C CB  . VAL A 1 48  ? -6.643  -4.380  10.843  1.00 48.91 ?  93  VAL A CB  1 
ATOM   281  C CG1 . VAL A 1 48  ? -6.615  -3.323  9.772   1.00 51.30 ?  93  VAL A CG1 1 
ATOM   282  C CG2 . VAL A 1 48  ? -7.713  -4.061  11.891  1.00 55.47 ?  93  VAL A CG2 1 
ATOM   283  N N   . HIS A 1 49  ? -4.656  -6.551  9.667   1.00 43.20 ?  94  HIS A N   1 
ATOM   284  C CA  . HIS A 1 49  ? -3.537  -6.879  8.787   1.00 46.02 ?  94  HIS A CA  1 
ATOM   285  C C   . HIS A 1 49  ? -3.839  -8.110  7.947   1.00 47.51 ?  94  HIS A C   1 
ATOM   286  O O   . HIS A 1 49  ? -3.567  -8.131  6.743   1.00 39.57 ?  94  HIS A O   1 
ATOM   287  C CB  . HIS A 1 49  ? -2.260  -7.063  9.616   1.00 48.95 ?  94  HIS A CB  1 
ATOM   288  C CG  . HIS A 1 49  ? -1.968  -5.912  10.530  1.00 49.05 ?  94  HIS A CG  1 
ATOM   289  N ND1 . HIS A 1 49  ? -2.026  -4.601  10.107  1.00 55.12 ?  94  HIS A ND1 1 
ATOM   290  C CD2 . HIS A 1 49  ? -1.684  -5.869  11.852  1.00 56.37 ?  94  HIS A CD2 1 
ATOM   291  C CE1 . HIS A 1 49  ? -1.749  -3.802  11.121  1.00 52.34 ?  94  HIS A CE1 1 
ATOM   292  N NE2 . HIS A 1 49  ? -1.542  -4.547  12.192  1.00 57.81 ?  94  HIS A NE2 1 
ATOM   293  N N   . LEU A 1 50  ? -4.413  -9.152  8.558   1.00 43.01 ?  95  LEU A N   1 
ATOM   294  C CA  . LEU A 1 50  ? -4.882  -10.291 7.770   1.00 42.11 ?  95  LEU A CA  1 
ATOM   295  C C   . LEU A 1 50  ? -5.894  -9.902  6.700   1.00 36.65 ?  95  LEU A C   1 
ATOM   296  O O   . LEU A 1 50  ? -5.777  -10.330 5.541   1.00 38.34 ?  95  LEU A O   1 
ATOM   297  C CB  . LEU A 1 50  ? -5.474  -11.372 8.674   1.00 36.30 ?  95  LEU A CB  1 
ATOM   298  C CG  . LEU A 1 50  ? -5.814  -12.576 7.789   1.00 40.69 ?  95  LEU A CG  1 
ATOM   299  C CD1 . LEU A 1 50  ? -4.627  -13.253 7.143   1.00 52.29 ?  95  LEU A CD1 1 
ATOM   300  C CD2 . LEU A 1 50  ? -6.632  -13.572 8.588   1.00 47.71 ?  95  LEU A CD2 1 
ATOM   301  N N   . THR A 1 51  ? -6.930  -9.142  7.071   1.00 40.68 ?  96  THR A N   1 
ATOM   302  C CA  . THR A 1 51  ? -7.950  -8.792  6.088   1.00 42.32 ?  96  THR A CA  1 
ATOM   303  C C   . THR A 1 51  ? -7.346  -7.955  4.963   1.00 39.98 ?  96  THR A C   1 
ATOM   304  O O   . THR A 1 51  ? -7.701  -8.123  3.788   1.00 35.55 ?  96  THR A O   1 
ATOM   305  C CB  . THR A 1 51  ? -9.113  -8.039  6.746   1.00 39.99 ?  96  THR A CB  1 
ATOM   306  O OG1 . THR A 1 51  ? -9.659  -8.810  7.819   1.00 45.36 ?  96  THR A OG1 1 
ATOM   307  C CG2 . THR A 1 51  ? -10.219 -7.809  5.744   1.00 38.72 ?  96  THR A CG2 1 
ATOM   308  N N   . LEU A 1 52  ? -6.438  -7.052  5.304   1.00 39.98 ?  97  LEU A N   1 
ATOM   309  C CA  . LEU A 1 52  ? -5.819  -6.232  4.275   1.00 36.92 ?  97  LEU A CA  1 
ATOM   310  C C   . LEU A 1 52  ? -4.936  -7.082  3.365   1.00 37.26 ?  97  LEU A C   1 
ATOM   311  O O   . LEU A 1 52  ? -4.979  -6.923  2.146   1.00 38.97 ?  97  LEU A O   1 
ATOM   312  C CB  . LEU A 1 52  ? -5.040  -5.101  4.938   1.00 39.01 ?  97  LEU A CB  1 
ATOM   313  C CG  . LEU A 1 52  ? -4.503  -3.969  4.068   1.00 41.80 ?  97  LEU A CG  1 
ATOM   314  C CD1 . LEU A 1 52  ? -5.553  -3.510  3.052   1.00 36.25 ?  97  LEU A CD1 1 
ATOM   315  C CD2 . LEU A 1 52  ? -4.110  -2.831  4.982   1.00 44.09 ?  97  LEU A CD2 1 
ATOM   316  N N   . ARG A 1 53  ? -4.178  -8.032  3.939   1.00 33.28 ?  98  ARG A N   1 
ATOM   317  C CA  . ARG A 1 53  ? -3.368  -8.953  3.138   1.00 39.29 ?  98  ARG A CA  1 
ATOM   318  C C   . ARG A 1 53  ? -4.235  -9.689  2.128   1.00 33.84 ?  98  ARG A C   1 
ATOM   319  O O   . ARG A 1 53  ? -3.909  -9.773  0.941   1.00 36.16 ?  98  ARG A O   1 
ATOM   320  C CB  . ARG A 1 53  ? -2.690  -10.011 4.020   1.00 34.90 ?  98  ARG A CB  1 
ATOM   321  C CG  . ARG A 1 53  ? -1.408  -9.659  4.716   1.00 47.89 ?  98  ARG A CG  1 
ATOM   322  C CD  . ARG A 1 53  ? -0.659  -10.946 5.071   1.00 42.98 ?  98  ARG A CD  1 
ATOM   323  N NE  . ARG A 1 53  ? -1.218  -11.793 6.121   1.00 46.73 ?  98  ARG A NE  1 
ATOM   324  C CZ  . ARG A 1 53  ? -1.256  -11.484 7.411   1.00 52.21 ?  98  ARG A CZ  1 
ATOM   325  N NH1 . ARG A 1 53  ? -0.759  -10.345 7.866   1.00 53.39 ?  98  ARG A NH1 1 
ATOM   326  N NH2 . ARG A 1 53  ? -1.789  -12.352 8.271   1.00 51.24 ?  98  ARG A NH2 1 
ATOM   327  N N   . GLN A 1 54  ? -5.311  -10.297 2.617   1.00 35.08 ?  99  GLN A N   1 
ATOM   328  C CA  . GLN A 1 54  ? -6.219  -11.060 1.764   1.00 34.70 ?  99  GLN A CA  1 
ATOM   329  C C   . GLN A 1 54  ? -6.872  -10.165 0.701   1.00 33.55 ?  99  GLN A C   1 
ATOM   330  O O   . GLN A 1 54  ? -6.981  -10.549 -0.474  1.00 33.99 ?  99  GLN A O   1 
ATOM   331  C CB  . GLN A 1 54  ? -7.277  -11.745 2.636   1.00 39.50 ?  99  GLN A CB  1 
ATOM   332  C CG  . GLN A 1 54  ? -6.738  -12.987 3.431   1.00 48.15 ?  99  GLN A CG  1 
ATOM   333  C CD  . GLN A 1 54  ? -5.783  -13.827 2.601   1.00 47.03 ?  99  GLN A CD  1 
ATOM   334  O OE1 . GLN A 1 54  ? -6.147  -14.302 1.514   1.00 51.91 ?  99  GLN A OE1 1 
ATOM   335  N NE2 . GLN A 1 54  ? -4.550  -14.007 3.095   1.00 47.28 ?  99  GLN A NE2 1 
ATOM   336  N N   . ALA A 1 55  ? -7.333  -8.980  1.098   1.00 32.95 ?  100 ALA A N   1 
ATOM   337  C CA  . ALA A 1 55  ? -7.996  -8.085  0.151   1.00 34.19 ?  100 ALA A CA  1 
ATOM   338  C C   . ALA A 1 55  ? -7.029  -7.621  -0.928  1.00 32.92 ?  100 ALA A C   1 
ATOM   339  O O   . ALA A 1 55  ? -7.379  -7.566  -2.121  1.00 30.26 ?  100 ALA A O   1 
ATOM   340  C CB  . ALA A 1 55  ? -8.583  -6.886  0.892   1.00 25.87 ?  100 ALA A CB  1 
ATOM   341  N N   . GLY A 1 56  ? -5.809  -7.259  -0.521  1.00 25.96 ?  101 GLY A N   1 
ATOM   342  C CA  . GLY A 1 56  ? -4.831  -6.784  -1.491  1.00 25.96 ?  101 GLY A CA  1 
ATOM   343  C C   . GLY A 1 56  ? -4.427  -7.891  -2.444  1.00 32.43 ?  101 GLY A C   1 
ATOM   344  O O   . GLY A 1 56  ? -4.285  -7.674  -3.653  1.00 25.83 ?  101 GLY A O   1 
ATOM   345  N N   . ASP A 1 57  ? -4.255  -9.108  -1.915  1.00 29.71 ?  102 ASP A N   1 
ATOM   346  C CA  . ASP A 1 57  ? -3.929  -10.241 -2.780  1.00 29.91 ?  102 ASP A CA  1 
ATOM   347  C C   . ASP A 1 57  ? -5.024  -10.471 -3.817  1.00 24.89 ?  102 ASP A C   1 
ATOM   348  O O   . ASP A 1 57  ? -4.731  -10.726 -4.999  1.00 31.57 ?  102 ASP A O   1 
ATOM   349  C CB  . ASP A 1 57  ? -3.720  -11.505 -1.941  1.00 39.01 ?  102 ASP A CB  1 
ATOM   350  C CG  . ASP A 1 57  ? -2.298  -11.624 -1.375  1.00 41.26 ?  102 ASP A CG  1 
ATOM   351  O OD1 . ASP A 1 57  ? -1.380  -10.876 -1.807  1.00 34.02 ?  102 ASP A OD1 1 
ATOM   352  O OD2 . ASP A 1 57  ? -2.092  -12.518 -0.520  1.00 40.19 ?  102 ASP A OD2 1 
ATOM   353  N N   . ASP A 1 58  ? -6.292  -10.424 -3.381  1.00 27.65 ?  103 ASP A N   1 
ATOM   354  C CA  . ASP A 1 58  ? -7.408  -10.620 -4.302  1.00 32.06 ?  103 ASP A CA  1 
ATOM   355  C C   . ASP A 1 58  ? -7.436  -9.503  -5.348  1.00 30.99 ?  103 ASP A C   1 
ATOM   356  O O   . ASP A 1 58  ? -7.619  -9.766  -6.542  1.00 30.42 ?  103 ASP A O   1 
ATOM   357  C CB  . ASP A 1 58  ? -8.739  -10.658 -3.531  1.00 36.08 ?  103 ASP A CB  1 
ATOM   358  C CG  . ASP A 1 58  ? -9.967  -10.773 -4.453  1.00 35.49 ?  103 ASP A CG  1 
ATOM   359  O OD1 . ASP A 1 58  ? -10.026 -11.755 -5.224  1.00 41.18 ?  103 ASP A OD1 1 
ATOM   360  O OD2 . ASP A 1 58  ? -10.870 -9.891  -4.419  1.00 39.20 ?  103 ASP A OD2 1 
ATOM   361  N N   . PHE A 1 59  ? -7.227  -8.261  -4.913  1.00 26.02 ?  104 PHE A N   1 
ATOM   362  C CA  . PHE A 1 59  ? -7.190  -7.145  -5.859  1.00 27.84 ?  104 PHE A CA  1 
ATOM   363  C C   . PHE A 1 59  ? -6.110  -7.369  -6.910  1.00 27.53 ?  104 PHE A C   1 
ATOM   364  O O   . PHE A 1 59  ? -6.317  -7.103  -8.105  1.00 29.43 ?  104 PHE A O   1 
ATOM   365  C CB  . PHE A 1 59  ? -6.949  -5.832  -5.114  1.00 23.74 ?  104 PHE A CB  1 
ATOM   366  C CG  . PHE A 1 59  ? -6.951  -4.601  -6.012  1.00 23.49 ?  104 PHE A CG  1 
ATOM   367  C CD1 . PHE A 1 59  ? -8.137  -4.015  -6.403  1.00 30.10 ?  104 PHE A CD1 1 
ATOM   368  C CD2 . PHE A 1 59  ? -5.765  -4.041  -6.452  1.00 29.48 ?  104 PHE A CD2 1 
ATOM   369  C CE1 . PHE A 1 59  ? -8.131  -2.860  -7.224  1.00 25.83 ?  104 PHE A CE1 1 
ATOM   370  C CE2 . PHE A 1 59  ? -5.761  -2.899  -7.276  1.00 26.16 ?  104 PHE A CE2 1 
ATOM   371  C CZ  . PHE A 1 59  ? -6.948  -2.321  -7.651  1.00 22.68 ?  104 PHE A CZ  1 
ATOM   372  N N   . SER A 1 60  ? -4.956  -7.888  -6.487  1.00 29.03 ?  105 SER A N   1 
ATOM   373  C CA  . SER A 1 60  ? -3.861  -8.115  -7.415  1.00 28.38 ?  105 SER A CA  1 
ATOM   374  C C   . SER A 1 60  ? -4.155  -9.274  -8.374  1.00 31.96 ?  105 SER A C   1 
ATOM   375  O O   . SER A 1 60  ? -3.677  -9.259  -9.515  1.00 31.25 ?  105 SER A O   1 
ATOM   376  C CB  . SER A 1 60  ? -2.571  -8.360  -6.619  1.00 33.80 ?  105 SER A CB  1 
ATOM   377  O OG  . SER A 1 60  ? -1.642  -9.133  -7.349  1.00 46.28 ?  105 SER A OG  1 
ATOM   378  N N   . ARG A 1 61  ? -4.894  -10.303 -7.935  1.00 29.86 ?  106 ARG A N   1 
ATOM   379  C CA  . ARG A 1 61  ? -5.323  -11.327 -8.901  1.00 28.55 ?  106 ARG A CA  1 
ATOM   380  C C   . ARG A 1 61  ? -6.323  -10.771 -9.902  1.00 30.19 ?  106 ARG A C   1 
ATOM   381  O O   . ARG A 1 61  ? -6.276  -11.122 -11.085 1.00 37.56 ?  106 ARG A O   1 
ATOM   382  C CB  . ARG A 1 61  ? -5.950  -12.553 -8.224  1.00 28.94 ?  106 ARG A CB  1 
ATOM   383  C CG  . ARG A 1 61  ? -5.023  -13.339 -7.379  1.00 35.19 ?  106 ARG A CG  1 
ATOM   384  C CD  . ARG A 1 61  ? -5.664  -14.659 -6.979  1.00 35.41 ?  106 ARG A CD  1 
ATOM   385  N NE  . ARG A 1 61  ? -6.374  -14.408 -5.737  1.00 39.17 ?  106 ARG A NE  1 
ATOM   386  C CZ  . ARG A 1 61  ? -5.788  -14.507 -4.552  1.00 36.96 ?  106 ARG A CZ  1 
ATOM   387  N NH1 . ARG A 1 61  ? -4.557  -14.963 -4.433  1.00 37.51 ?  106 ARG A NH1 1 
ATOM   388  N NH2 . ARG A 1 61  ? -6.444  -14.097 -3.469  1.00 45.74 ?  106 ARG A NH2 1 
ATOM   389  N N   . ARG A 1 62  ? -7.262  -9.958  -9.434  1.00 28.13 ?  107 ARG A N   1 
ATOM   390  C CA  . ARG A 1 62  ? -8.270  -9.374  -10.309 1.00 25.62 ?  107 ARG A CA  1 
ATOM   391  C C   . ARG A 1 62  ? -7.651  -8.457  -11.362 1.00 30.25 ?  107 ARG A C   1 
ATOM   392  O O   . ARG A 1 62  ? -8.187  -8.319  -12.471 1.00 35.11 ?  107 ARG A O   1 
ATOM   393  C CB  . ARG A 1 62  ? -9.253  -8.617  -9.426  1.00 30.09 ?  107 ARG A CB  1 
ATOM   394  C CG  . ARG A 1 62  ? -10.432 -9.467  -8.943  1.00 39.10 ?  107 ARG A CG  1 
ATOM   395  C CD  . ARG A 1 62  ? -11.648 -8.560  -8.710  1.00 44.63 ?  107 ARG A CD  1 
ATOM   396  N NE  . ARG A 1 62  ? -12.411 -8.232  -9.909  1.00 46.96 ?  107 ARG A NE  1 
ATOM   397  C CZ  . ARG A 1 62  ? -13.691 -8.522  -10.071 1.00 51.06 ?  107 ARG A CZ  1 
ATOM   398  N NH1 . ARG A 1 62  ? -14.350 -9.236  -9.173  1.00 53.22 ?  107 ARG A NH1 1 
ATOM   399  N NH2 . ARG A 1 62  ? -14.326 -8.087  -11.157 1.00 48.58 ?  107 ARG A NH2 1 
ATOM   400  N N   . TYR A 1 63  ? -6.553  -7.808  -11.022 1.00 28.85 ?  108 TYR A N   1 
ATOM   401  C CA  . TYR A 1 63  ? -5.939  -6.794  -11.886 1.00 29.80 ?  108 TYR A CA  1 
ATOM   402  C C   . TYR A 1 63  ? -4.535  -7.199  -12.318 1.00 33.41 ?  108 TYR A C   1 
ATOM   403  O O   . TYR A 1 63  ? -3.644  -6.351  -12.487 1.00 31.31 ?  108 TYR A O   1 
ATOM   404  C CB  . TYR A 1 63  ? -5.956  -5.438  -11.176 1.00 32.15 ?  108 TYR A CB  1 
ATOM   405  C CG  . TYR A 1 63  ? -7.353  -4.894  -11.099 1.00 29.51 ?  108 TYR A CG  1 
ATOM   406  C CD1 . TYR A 1 63  ? -7.922  -4.254  -12.198 1.00 26.84 ?  108 TYR A CD1 1 
ATOM   407  C CD2 . TYR A 1 63  ? -8.152  -5.111  -9.979  1.00 30.78 ?  108 TYR A CD2 1 
ATOM   408  C CE1 . TYR A 1 63  ? -9.212  -3.770  -12.153 1.00 27.76 ?  108 TYR A CE1 1 
ATOM   409  C CE2 . TYR A 1 63  ? -9.475  -4.657  -9.943  1.00 33.01 ?  108 TYR A CE2 1 
ATOM   410  C CZ  . TYR A 1 63  ? -9.981  -3.972  -11.028 1.00 31.81 ?  108 TYR A CZ  1 
ATOM   411  O OH  . TYR A 1 63  ? -11.291 -3.513  -11.022 1.00 31.33 ?  108 TYR A OH  1 
ATOM   412  N N   . ARG A 1 64  ? -4.339  -8.503  -12.519 1.00 36.69 ?  109 ARG A N   1 
ATOM   413  C CA  . ARG A 1 64  ? -2.998  -9.049  -12.695 1.00 35.32 ?  109 ARG A CA  1 
ATOM   414  C C   . ARG A 1 64  ? -2.334  -8.465  -13.933 1.00 33.94 ?  109 ARG A C   1 
ATOM   415  O O   . ARG A 1 64  ? -1.170  -8.047  -13.890 1.00 33.10 ?  109 ARG A O   1 
ATOM   416  C CB  . ARG A 1 64  ? -3.073  -10.567 -12.821 1.00 38.26 ?  109 ARG A CB  1 
ATOM   417  C CG  . ARG A 1 64  ? -1.754  -11.264 -12.518 1.00 48.57 ?  109 ARG A CG  1 
ATOM   418  C CD  . ARG A 1 64  ? -1.851  -12.756 -12.793 1.00 56.03 ?  109 ARG A CD  1 
ATOM   419  N NE  . ARG A 1 64  ? -1.631  -13.009 -14.211 1.00 64.36 ?  109 ARG A NE  1 
ATOM   420  C CZ  . ARG A 1 64  ? -2.575  -13.214 -15.121 1.00 62.60 ?  109 ARG A CZ  1 
ATOM   421  N NH1 . ARG A 1 64  ? -3.865  -13.208 -14.806 1.00 67.23 ?  109 ARG A NH1 1 
ATOM   422  N NH2 . ARG A 1 64  ? -2.214  -13.422 -16.382 1.00 66.13 ?  109 ARG A NH2 1 
ATOM   423  N N   . ARG A 1 65  ? -3.060  -8.442  -15.061 1.00 33.04 ?  110 ARG A N   1 
ATOM   424  C CA  . ARG A 1 65  ? -2.440  -7.937  -16.283 1.00 33.25 ?  110 ARG A CA  1 
ATOM   425  C C   . ARG A 1 65  ? -2.186  -6.433  -16.203 1.00 31.92 ?  110 ARG A C   1 
ATOM   426  O O   . ARG A 1 65  ? -1.152  -5.946  -16.695 1.00 33.71 ?  110 ARG A O   1 
ATOM   427  C CB  . ARG A 1 65  ? -3.285  -8.316  -17.501 1.00 33.55 ?  110 ARG A CB  1 
ATOM   428  C CG  . ARG A 1 65  ? -3.145  -9.786  -17.916 1.00 50.35 ?  110 ARG A CG  1 
ATOM   429  C CD  . ARG A 1 65  ? -3.914  -10.033 -19.205 1.00 45.75 ?  110 ARG A CD  1 
ATOM   430  N NE  . ARG A 1 65  ? -5.050  -10.949 -19.146 1.00 65.58 ?  110 ARG A NE  1 
ATOM   431  C CZ  . ARG A 1 65  ? -5.003  -12.227 -18.785 1.00 67.63 ?  110 ARG A CZ  1 
ATOM   432  N NH1 . ARG A 1 65  ? -3.890  -12.791 -18.361 1.00 68.45 ?  110 ARG A NH1 1 
ATOM   433  N NH2 . ARG A 1 65  ? -6.094  -12.971 -18.915 1.00 69.93 ?  110 ARG A NH2 1 
ATOM   434  N N   . ASP A 1 66  ? -3.076  -5.682  -15.549 1.00 36.23 ?  111 ASP A N   1 
ATOM   435  C CA  . ASP A 1 66  ? -2.838  -4.249  -15.406 1.00 33.79 ?  111 ASP A CA  1 
ATOM   436  C C   . ASP A 1 66  ? -1.643  -3.976  -14.495 1.00 32.97 ?  111 ASP A C   1 
ATOM   437  O O   . ASP A 1 66  ? -0.847  -3.059  -14.758 1.00 33.84 ?  111 ASP A O   1 
ATOM   438  C CB  . ASP A 1 66  ? -4.083  -3.553  -14.872 1.00 28.34 ?  111 ASP A CB  1 
ATOM   439  C CG  . ASP A 1 66  ? -5.195  -3.495  -15.901 1.00 39.58 ?  111 ASP A CG  1 
ATOM   440  O OD1 . ASP A 1 66  ? -5.030  -2.799  -16.922 1.00 34.56 ?  111 ASP A OD1 1 
ATOM   441  O OD2 . ASP A 1 66  ? -6.246  -4.126  -15.682 1.00 36.25 ?  111 ASP A OD2 1 
ATOM   442  N N   . PHE A 1 67  ? -1.491  -4.759  -13.426 1.00 29.75 ?  112 PHE A N   1 
ATOM   443  C CA  . PHE A 1 67  ? -0.315  -4.599  -12.573 1.00 37.42 ?  112 PHE A CA  1 
ATOM   444  C C   . PHE A 1 67  ? 0.962   -4.986  -13.297 1.00 32.32 ?  112 PHE A C   1 
ATOM   445  O O   . PHE A 1 67  ? 2.018   -4.363  -13.087 1.00 37.92 ?  112 PHE A O   1 
ATOM   446  C CB  . PHE A 1 67  ? -0.475  -5.422  -11.309 1.00 31.93 ?  112 PHE A CB  1 
ATOM   447  C CG  . PHE A 1 67  ? -1.081  -4.666  -10.179 1.00 30.16 ?  112 PHE A CG  1 
ATOM   448  C CD1 . PHE A 1 67  ? -0.443  -3.534  -9.682  1.00 33.77 ?  112 PHE A CD1 1 
ATOM   449  C CD2 . PHE A 1 67  ? -2.282  -5.077  -9.617  1.00 31.95 ?  112 PHE A CD2 1 
ATOM   450  C CE1 . PHE A 1 67  ? -1.002  -2.825  -8.634  1.00 37.18 ?  112 PHE A CE1 1 
ATOM   451  C CE2 . PHE A 1 67  ? -2.835  -4.391  -8.559  1.00 27.00 ?  112 PHE A CE2 1 
ATOM   452  C CZ  . PHE A 1 67  ? -2.205  -3.250  -8.078  1.00 34.08 ?  112 PHE A CZ  1 
ATOM   453  N N   . ALA A 1 68  ? 0.906   -6.024  -14.135 1.00 31.25 ?  113 ALA A N   1 
ATOM   454  C CA  . ALA A 1 68  ? 2.081   -6.373  -14.928 1.00 35.73 ?  113 ALA A CA  1 
ATOM   455  C C   . ALA A 1 68  ? 2.524   -5.193  -15.778 1.00 36.50 ?  113 ALA A C   1 
ATOM   456  O O   . ALA A 1 68  ? 3.725   -4.911  -15.898 1.00 37.41 ?  113 ALA A O   1 
ATOM   457  C CB  . ALA A 1 68  ? 1.797   -7.594  -15.807 1.00 45.08 ?  113 ALA A CB  1 
ATOM   458  N N   . GLU A 1 69  ? 1.565   -4.472  -16.363 1.00 31.96 ?  114 GLU A N   1 
ATOM   459  C CA  . GLU A 1 69  ? 1.949   -3.331  -17.192 1.00 37.01 ?  114 GLU A CA  1 
ATOM   460  C C   . GLU A 1 69  ? 2.428   -2.155  -16.346 1.00 40.66 ?  114 GLU A C   1 
ATOM   461  O O   . GLU A 1 69  ? 3.431   -1.496  -16.680 1.00 40.28 ?  114 GLU A O   1 
ATOM   462  C CB  . GLU A 1 69  ? 0.789   -2.942  -18.099 1.00 36.43 ?  114 GLU A CB  1 
ATOM   463  C CG  . GLU A 1 69  ? 0.428   -4.081  -19.032 1.00 44.08 ?  114 GLU A CG  1 
ATOM   464  C CD  . GLU A 1 69  ? 0.811   -3.826  -20.484 1.00 63.05 ?  114 GLU A CD  1 
ATOM   465  O OE1 . GLU A 1 69  ? 1.019   -2.644  -20.840 1.00 63.36 ?  114 GLU A OE1 1 
ATOM   466  O OE2 . GLU A 1 69  ? 0.936   -4.816  -21.250 1.00 53.28 ?  114 GLU A OE2 1 
ATOM   467  N N   . MET A 1 70  ? 1.751   -1.894  -15.226 1.00 36.25 ?  115 MET A N   1 
ATOM   468  C CA  . MET A 1 70  ? 2.165   -0.781  -14.379 1.00 38.66 ?  115 MET A CA  1 
ATOM   469  C C   . MET A 1 70  ? 3.556   -1.009  -13.791 1.00 39.07 ?  115 MET A C   1 
ATOM   470  O O   . MET A 1 70  ? 4.322   -0.055  -13.618 1.00 38.95 ?  115 MET A O   1 
ATOM   471  C CB  . MET A 1 70  ? 1.099   -0.525  -13.299 1.00 31.78 ?  115 MET A CB  1 
ATOM   472  C CG  . MET A 1 70  ? 1.538   0.511   -12.275 1.00 45.13 ?  115 MET A CG  1 
ATOM   473  S SD  . MET A 1 70  ? 0.703   0.381   -10.689 1.00 45.50 ?  115 MET A SD  1 
ATOM   474  C CE  . MET A 1 70  ? -0.603  1.554   -11.010 1.00 29.69 ?  115 MET A CE  1 
ATOM   475  N N   . SER A 1 71  ? 3.937   -2.258  -13.525 1.00 36.17 ?  116 SER A N   1 
ATOM   476  C CA  . SER A 1 71  ? 5.264   -2.484  -12.964 1.00 42.20 ?  116 SER A CA  1 
ATOM   477  C C   . SER A 1 71  ? 6.364   -2.112  -13.956 1.00 40.38 ?  116 SER A C   1 
ATOM   478  O O   . SER A 1 71  ? 7.401   -1.559  -13.564 1.00 45.82 ?  116 SER A O   1 
ATOM   479  C CB  . SER A 1 71  ? 5.382   -3.931  -12.531 1.00 40.30 ?  116 SER A CB  1 
ATOM   480  O OG  . SER A 1 71  ? 4.549   -4.103  -11.397 1.00 51.76 ?  116 SER A OG  1 
ATOM   481  N N   . SER A 1 72  ? 6.156   -2.386  -15.243 1.00 39.11 ?  117 SER A N   1 
ATOM   482  C CA  . SER A 1 72  ? 7.149   -1.998  -16.236 1.00 48.00 ?  117 SER A CA  1 
ATOM   483  C C   . SER A 1 72  ? 7.105   -0.511  -16.556 1.00 46.61 ?  117 SER A C   1 
ATOM   484  O O   . SER A 1 72  ? 8.093   0.009   -17.090 1.00 51.04 ?  117 SER A O   1 
ATOM   485  C CB  . SER A 1 72  ? 6.978   -2.808  -17.530 1.00 49.28 ?  117 SER A CB  1 
ATOM   486  O OG  . SER A 1 72  ? 5.803   -2.439  -18.228 1.00 54.74 ?  117 SER A OG  1 
ATOM   487  N N   . GLN A 1 73  ? 6.009   0.191   -16.237 1.00 42.67 ?  118 GLN A N   1 
ATOM   488  C CA  . GLN A 1 73  ? 5.908   1.601   -16.597 1.00 41.42 ?  118 GLN A CA  1 
ATOM   489  C C   . GLN A 1 73  ? 5.972   2.554   -15.394 1.00 40.03 ?  118 GLN A C   1 
ATOM   490  O O   . GLN A 1 73  ? 5.560   3.713   -15.511 1.00 41.30 ?  118 GLN A O   1 
ATOM   491  C CB  . GLN A 1 73  ? 4.624   1.845   -17.395 1.00 51.78 ?  118 GLN A CB  1 
ATOM   492  C CG  . GLN A 1 73  ? 4.439   0.846   -18.538 1.00 58.01 ?  118 GLN A CG  1 
ATOM   493  C CD  . GLN A 1 73  ? 5.597   0.829   -19.520 1.00 56.84 ?  118 GLN A CD  1 
ATOM   494  O OE1 . GLN A 1 73  ? 6.396   -0.119  -19.546 1.00 61.16 ?  118 GLN A OE1 1 
ATOM   495  N NE2 . GLN A 1 73  ? 5.693   1.869   -20.347 1.00 62.74 ?  118 GLN A NE2 1 
ATOM   496  N N   . LEU A 1 74  ? 6.504   2.121   -14.242 1.00 34.88 ?  119 LEU A N   1 
ATOM   497  C CA  . LEU A 1 74  ? 6.663   3.083   -13.144 1.00 35.26 ?  119 LEU A CA  1 
ATOM   498  C C   . LEU A 1 74  ? 7.853   4.024   -13.364 1.00 35.14 ?  119 LEU A C   1 
ATOM   499  O O   . LEU A 1 74  ? 7.834   5.167   -12.880 1.00 34.16 ?  119 LEU A O   1 
ATOM   500  C CB  . LEU A 1 74  ? 6.809   2.367   -11.799 1.00 32.96 ?  119 LEU A CB  1 
ATOM   501  C CG  . LEU A 1 74  ? 5.571   1.804   -11.094 1.00 41.80 ?  119 LEU A CG  1 
ATOM   502  C CD1 . LEU A 1 74  ? 6.051   0.745   -10.127 1.00 41.06 ?  119 LEU A CD1 1 
ATOM   503  C CD2 . LEU A 1 74  ? 4.790   2.873   -10.363 1.00 41.21 ?  119 LEU A CD2 1 
ATOM   504  N N   . HIS A 1 75  ? 8.882   3.556   -14.064 1.00 27.87 ?  120 HIS A N   1 
ATOM   505  C CA  . HIS A 1 75  ? 10.028  4.387   -14.432 1.00 32.72 ?  120 HIS A CA  1 
ATOM   506  C C   . HIS A 1 75  ? 10.638  5.073   -13.208 1.00 36.12 ?  120 HIS A C   1 
ATOM   507  O O   . HIS A 1 75  ? 10.932  6.268   -13.202 1.00 34.05 ?  120 HIS A O   1 
ATOM   508  C CB  . HIS A 1 75  ? 9.602   5.404   -15.497 1.00 36.20 ?  120 HIS A CB  1 
ATOM   509  C CG  . HIS A 1 75  ? 8.995   4.773   -16.715 1.00 34.79 ?  120 HIS A CG  1 
ATOM   510  N ND1 . HIS A 1 75  ? 7.996   5.371   -17.453 1.00 36.27 ?  120 HIS A ND1 1 
ATOM   511  C CD2 . HIS A 1 75  ? 9.285   3.610   -17.350 1.00 36.04 ?  120 HIS A CD2 1 
ATOM   512  C CE1 . HIS A 1 75  ? 7.681   4.596   -18.478 1.00 34.25 ?  120 HIS A CE1 1 
ATOM   513  N NE2 . HIS A 1 75  ? 8.446   3.518   -18.437 1.00 42.54 ?  120 HIS A NE2 1 
ATOM   514  N N   . LEU A 1 76  ? 10.862  4.296   -12.155 1.00 31.62 ?  121 LEU A N   1 
ATOM   515  C CA  . LEU A 1 76  ? 11.308  4.891   -10.902 1.00 28.63 ?  121 LEU A CA  1 
ATOM   516  C C   . LEU A 1 76  ? 12.737  5.425   -10.991 1.00 27.53 ?  121 LEU A C   1 
ATOM   517  O O   . LEU A 1 76  ? 13.628  4.837   -11.618 1.00 31.43 ?  121 LEU A O   1 
ATOM   518  C CB  . LEU A 1 76  ? 11.219  3.874   -9.751  1.00 36.94 ?  121 LEU A CB  1 
ATOM   519  C CG  . LEU A 1 76  ? 9.788   3.576   -9.302  1.00 31.59 ?  121 LEU A CG  1 
ATOM   520  C CD1 . LEU A 1 76  ? 9.807   2.515   -8.198  1.00 50.29 ?  121 LEU A CD1 1 
ATOM   521  C CD2 . LEU A 1 76  ? 9.039   4.828   -8.858  1.00 40.98 ?  121 LEU A CD2 1 
ATOM   522  N N   . THR A 1 77  ? 12.947  6.571   -10.353 1.00 31.37 ?  122 THR A N   1 
ATOM   523  C CA  . THR A 1 77  ? 14.269  7.125   -10.090 1.00 28.52 ?  122 THR A CA  1 
ATOM   524  C C   . THR A 1 77  ? 14.222  7.766   -8.714  1.00 34.81 ?  122 THR A C   1 
ATOM   525  O O   . THR A 1 77  ? 13.140  8.123   -8.239  1.00 31.06 ?  122 THR A O   1 
ATOM   526  C CB  . THR A 1 77  ? 14.691  8.158   -11.144 1.00 32.92 ?  122 THR A CB  1 
ATOM   527  O OG1 . THR A 1 77  ? 14.066  9.408   -10.844 1.00 32.38 ?  122 THR A OG1 1 
ATOM   528  C CG2 . THR A 1 77  ? 14.349  7.707   -12.555 1.00 38.62 ?  122 THR A CG2 1 
ATOM   529  N N   . PRO A 1 78  ? 15.365  7.886   -8.025  1.00 36.98 ?  123 PRO A N   1 
ATOM   530  C CA  . PRO A 1 78  ? 15.324  8.469   -6.672  1.00 37.38 ?  123 PRO A CA  1 
ATOM   531  C C   . PRO A 1 78  ? 14.675  9.841   -6.607  1.00 36.31 ?  123 PRO A C   1 
ATOM   532  O O   . PRO A 1 78  ? 14.001  10.140  -5.613  1.00 42.91 ?  123 PRO A O   1 
ATOM   533  C CB  . PRO A 1 78  ? 16.804  8.519   -6.251  1.00 45.38 ?  123 PRO A CB  1 
ATOM   534  C CG  . PRO A 1 78  ? 17.515  7.555   -7.123  1.00 43.75 ?  123 PRO A CG  1 
ATOM   535  C CD  . PRO A 1 78  ? 16.695  7.348   -8.371  1.00 38.32 ?  123 PRO A CD  1 
ATOM   536  N N   . PHE A 1 79  ? 14.825  10.670  -7.642  1.00 35.24 ?  124 PHE A N   1 
ATOM   537  C CA  . PHE A 1 79  ? 14.357  12.050  -7.612  1.00 36.29 ?  124 PHE A CA  1 
ATOM   538  C C   . PHE A 1 79  ? 12.964  12.236  -8.206  1.00 34.72 ?  124 PHE A C   1 
ATOM   539  O O   . PHE A 1 79  ? 12.374  13.313  -8.034  1.00 38.59 ?  124 PHE A O   1 
ATOM   540  C CB  . PHE A 1 79  ? 15.360  12.952  -8.354  1.00 41.31 ?  124 PHE A CB  1 
ATOM   541  C CG  . PHE A 1 79  ? 16.587  13.248  -7.558  1.00 46.25 ?  124 PHE A CG  1 
ATOM   542  C CD1 . PHE A 1 79  ? 16.615  14.307  -6.670  1.00 55.15 ?  124 PHE A CD1 1 
ATOM   543  C CD2 . PHE A 1 79  ? 17.711  12.457  -7.692  1.00 48.18 ?  124 PHE A CD2 1 
ATOM   544  C CE1 . PHE A 1 79  ? 17.758  14.576  -5.930  1.00 56.04 ?  124 PHE A CE1 1 
ATOM   545  C CE2 . PHE A 1 79  ? 18.856  12.708  -6.952  1.00 50.48 ?  124 PHE A CE2 1 
ATOM   546  C CZ  . PHE A 1 79  ? 18.879  13.772  -6.072  1.00 54.62 ?  124 PHE A CZ  1 
ATOM   547  N N   . THR A 1 80  ? 12.405  11.224  -8.894  1.00 29.60 ?  125 THR A N   1 
ATOM   548  C CA  . THR A 1 80  ? 11.049  11.358  -9.425  1.00 31.15 ?  125 THR A CA  1 
ATOM   549  C C   . THR A 1 80  ? 10.048  10.404  -8.787  1.00 30.61 ?  125 THR A C   1 
ATOM   550  O O   . THR A 1 80  ? 8.861   10.499  -9.115  1.00 30.72 ?  125 THR A O   1 
ATOM   551  C CB  . THR A 1 80  ? 10.997  11.133  -10.942 1.00 34.97 ?  125 THR A CB  1 
ATOM   552  O OG1 . THR A 1 80  ? 11.323  9.767   -11.244 1.00 29.59 ?  125 THR A OG1 1 
ATOM   553  C CG2 . THR A 1 80  ? 11.969  12.073  -11.649 1.00 32.53 ?  125 THR A CG2 1 
ATOM   554  N N   . ALA A 1 81  ? 10.476  9.496   -7.904  1.00 29.24 ?  126 ALA A N   1 
ATOM   555  C CA  . ALA A 1 81  ? 9.524   8.522   -7.369  1.00 26.27 ?  126 ALA A CA  1 
ATOM   556  C C   . ALA A 1 81  ? 8.445   9.198   -6.531  1.00 31.78 ?  126 ALA A C   1 
ATOM   557  O O   . ALA A 1 81  ? 7.283   8.769   -6.540  1.00 29.03 ?  126 ALA A O   1 
ATOM   558  C CB  . ALA A 1 81  ? 10.252  7.457   -6.542  1.00 25.95 ?  126 ALA A CB  1 
ATOM   559  N N   . ARG A 1 82  ? 8.800   10.243  -5.781  1.00 35.34 ?  127 ARG A N   1 
ATOM   560  C CA  . ARG A 1 82  ? 7.779   10.949  -5.008  1.00 35.54 ?  127 ARG A CA  1 
ATOM   561  C C   . ARG A 1 82  ? 6.664   11.473  -5.907  1.00 32.74 ?  127 ARG A C   1 
ATOM   562  O O   . ARG A 1 82  ? 5.469   11.319  -5.603  1.00 32.95 ?  127 ARG A O   1 
ATOM   563  C CB  . ARG A 1 82  ? 8.410   12.084  -4.202  1.00 31.95 ?  127 ARG A CB  1 
ATOM   564  C CG  . ARG A 1 82  ? 7.529   12.526  -3.035  1.00 39.79 ?  127 ARG A CG  1 
ATOM   565  C CD  . ARG A 1 82  ? 7.996   13.841  -2.443  1.00 51.48 ?  127 ARG A CD  1 
ATOM   566  N NE  . ARG A 1 82  ? 8.038   13.750  -0.988  1.00 52.27 ?  127 ARG A NE  1 
ATOM   567  C CZ  . ARG A 1 82  ? 7.094   14.215  -0.182  1.00 61.45 ?  127 ARG A CZ  1 
ATOM   568  N NH1 . ARG A 1 82  ? 6.007   14.807  -0.656  1.00 65.10 ?  127 ARG A NH1 1 
ATOM   569  N NH2 . ARG A 1 82  ? 7.233   14.070  1.136   1.00 64.19 ?  127 ARG A NH2 1 
ATOM   570  N N   . GLY A 1 83  ? 7.031   12.098  -7.026  1.00 34.11 ?  128 GLY A N   1 
ATOM   571  C CA  . GLY A 1 83  ? 6.021   12.645  -7.923  1.00 35.07 ?  128 GLY A CA  1 
ATOM   572  C C   . GLY A 1 83  ? 5.205   11.573  -8.625  1.00 33.80 ?  128 GLY A C   1 
ATOM   573  O O   . GLY A 1 83  ? 4.019   11.762  -8.893  1.00 34.56 ?  128 GLY A O   1 
ATOM   574  N N   . ARG A 1 84  ? 5.837   10.442  -8.948  1.00 33.34 ?  129 ARG A N   1 
ATOM   575  C CA  . ARG A 1 84  ? 5.127   9.295   -9.507  1.00 31.84 ?  129 ARG A CA  1 
ATOM   576  C C   . ARG A 1 84  ? 4.056   8.796   -8.539  1.00 33.87 ?  129 ARG A C   1 
ATOM   577  O O   . ARG A 1 84  ? 2.901   8.543   -8.927  1.00 34.14 ?  129 ARG A O   1 
ATOM   578  C CB  . ARG A 1 84  ? 6.140   8.179   -9.791  1.00 35.66 ?  129 ARG A CB  1 
ATOM   579  C CG  . ARG A 1 84  ? 5.614   6.872   -10.368 1.00 45.57 ?  129 ARG A CG  1 
ATOM   580  C CD  . ARG A 1 84  ? 4.886   7.081   -11.674 1.00 46.95 ?  129 ARG A CD  1 
ATOM   581  N NE  . ARG A 1 84  ? 5.868   7.568   -12.633 1.00 51.83 ?  129 ARG A NE  1 
ATOM   582  C CZ  . ARG A 1 84  ? 5.648   8.523   -13.523 1.00 56.11 ?  129 ARG A CZ  1 
ATOM   583  N NH1 . ARG A 1 84  ? 4.446   9.049   -13.689 1.00 48.26 ?  129 ARG A NH1 1 
ATOM   584  N NH2 . ARG A 1 84  ? 6.668   8.979   -14.247 1.00 61.86 ?  129 ARG A NH2 1 
ATOM   585  N N   . PHE A 1 85  ? 4.435   8.661   -7.262  1.00 27.07 ?  130 PHE A N   1 
ATOM   586  C CA  . PHE A 1 85  ? 3.508   8.216   -6.221  1.00 26.81 ?  130 PHE A CA  1 
ATOM   587  C C   . PHE A 1 85  ? 2.338   9.179   -6.123  1.00 32.94 ?  130 PHE A C   1 
ATOM   588  O O   . PHE A 1 85  ? 1.176   8.768   -6.172  1.00 31.12 ?  130 PHE A O   1 
ATOM   589  C CB  . PHE A 1 85  ? 4.252   8.124   -4.882  1.00 30.00 ?  130 PHE A CB  1 
ATOM   590  C CG  . PHE A 1 85  ? 3.396   7.699   -3.724  1.00 31.71 ?  130 PHE A CG  1 
ATOM   591  C CD1 . PHE A 1 85  ? 2.707   8.632   -2.964  1.00 37.39 ?  130 PHE A CD1 1 
ATOM   592  C CD2 . PHE A 1 85  ? 3.273   6.361   -3.404  1.00 32.78 ?  130 PHE A CD2 1 
ATOM   593  C CE1 . PHE A 1 85  ? 1.906   8.239   -1.899  1.00 36.98 ?  130 PHE A CE1 1 
ATOM   594  C CE2 . PHE A 1 85  ? 2.478   5.948   -2.328  1.00 38.57 ?  130 PHE A CE2 1 
ATOM   595  C CZ  . PHE A 1 85  ? 1.794   6.884   -1.577  1.00 36.13 ?  130 PHE A CZ  1 
ATOM   596  N N   . ALA A 1 86  ? 2.637   10.483  -6.011  1.00 31.99 ?  131 ALA A N   1 
ATOM   597  C CA  . ALA A 1 86  ? 1.571   11.473  -5.886  1.00 31.82 ?  131 ALA A CA  1 
ATOM   598  C C   . ALA A 1 86  ? 0.651   11.453  -7.100  1.00 32.87 ?  131 ALA A C   1 
ATOM   599  O O   . ALA A 1 86  ? -0.574  11.514  -6.953  1.00 34.48 ?  131 ALA A O   1 
ATOM   600  C CB  . ALA A 1 86  ? 2.169   12.864  -5.684  1.00 35.32 ?  131 ALA A CB  1 
ATOM   601  N N   . THR A 1 87  ? 1.214   11.359  -8.306  1.00 29.13 ?  132 THR A N   1 
ATOM   602  C CA  . THR A 1 87  ? 0.390   11.375  -9.512  1.00 34.89 ?  132 THR A CA  1 
ATOM   603  C C   . THR A 1 87  ? -0.608  10.242  -9.487  1.00 30.02 ?  132 THR A C   1 
ATOM   604  O O   . THR A 1 87  ? -1.827  10.447  -9.656  1.00 27.75 ?  132 THR A O   1 
ATOM   605  C CB  . THR A 1 87  ? 1.278   11.257  -10.748 1.00 40.27 ?  132 THR A CB  1 
ATOM   606  O OG1 . THR A 1 87  ? 1.963   12.501  -10.947 1.00 42.82 ?  132 THR A OG1 1 
ATOM   607  C CG2 . THR A 1 87  ? 0.459   10.857  -11.993 1.00 39.94 ?  132 THR A CG2 1 
ATOM   608  N N   . VAL A 1 88  ? -0.103  9.028   -9.232  1.00 28.53 ?  133 VAL A N   1 
ATOM   609  C CA  . VAL A 1 88  ? -0.973  7.870   -9.264  1.00 25.24 ?  133 VAL A CA  1 
ATOM   610  C C   . VAL A 1 88  ? -2.029  7.978   -8.181  1.00 28.74 ?  133 VAL A C   1 
ATOM   611  O O   . VAL A 1 88  ? -3.202  7.689   -8.417  1.00 32.40 ?  133 VAL A O   1 
ATOM   612  C CB  . VAL A 1 88  ? -0.172  6.565   -9.119  1.00 30.05 ?  133 VAL A CB  1 
ATOM   613  C CG1 . VAL A 1 88  ? -1.172  5.395   -8.923  1.00 30.51 ?  133 VAL A CG1 1 
ATOM   614  C CG2 . VAL A 1 88  ? 0.739   6.367   -10.334 1.00 28.79 ?  133 VAL A CG2 1 
ATOM   615  N N   . VAL A 1 89  ? -1.628  8.382   -6.975  1.00 33.33 ?  134 VAL A N   1 
ATOM   616  C CA  . VAL A 1 89  ? -2.573  8.309   -5.863  1.00 27.58 ?  134 VAL A CA  1 
ATOM   617  C C   . VAL A 1 89  ? -3.654  9.379   -6.010  1.00 33.89 ?  134 VAL A C   1 
ATOM   618  O O   . VAL A 1 89  ? -4.836  9.123   -5.742  1.00 31.41 ?  134 VAL A O   1 
ATOM   619  C CB  . VAL A 1 89  ? -1.843  8.395   -4.506  1.00 31.93 ?  134 VAL A CB  1 
ATOM   620  C CG1 . VAL A 1 89  ? -2.846  8.508   -3.390  1.00 37.08 ?  134 VAL A CG1 1 
ATOM   621  C CG2 . VAL A 1 89  ? -0.983  7.138   -4.270  1.00 32.77 ?  134 VAL A CG2 1 
ATOM   622  N N   . GLU A 1 90  ? -3.288  10.576  -6.475  1.00 31.74 ?  135 GLU A N   1 
ATOM   623  C CA  . GLU A 1 90  ? -4.312  11.592  -6.732  1.00 36.15 ?  135 GLU A CA  1 
ATOM   624  C C   . GLU A 1 90  ? -5.294  11.164  -7.818  1.00 37.11 ?  135 GLU A C   1 
ATOM   625  O O   . GLU A 1 90  ? -6.507  11.400  -7.685  1.00 37.65 ?  135 GLU A O   1 
ATOM   626  C CB  . GLU A 1 90  ? -3.649  12.922  -7.070  1.00 40.78 ?  135 GLU A CB  1 
ATOM   627  C CG  . GLU A 1 90  ? -2.711  13.376  -6.004  1.00 47.35 ?  135 GLU A CG  1 
ATOM   628  C CD  . GLU A 1 90  ? -2.464  14.877  -6.024  1.00 65.10 ?  135 GLU A CD  1 
ATOM   629  O OE1 . GLU A 1 90  ? -2.214  15.452  -7.118  1.00 63.07 ?  135 GLU A OE1 1 
ATOM   630  O OE2 . GLU A 1 90  ? -2.552  15.480  -4.931  1.00 73.19 ?  135 GLU A OE2 1 
ATOM   631  N N   . GLU A 1 91  ? -4.807  10.550  -8.904  1.00 31.59 ?  136 GLU A N   1 
ATOM   632  C CA  . GLU A 1 91  ? -5.751  10.033  -9.889  1.00 29.72 ?  136 GLU A CA  1 
ATOM   633  C C   . GLU A 1 91  ? -6.653  8.963   -9.290  1.00 31.98 ?  136 GLU A C   1 
ATOM   634  O O   . GLU A 1 91  ? -7.853  8.909   -9.590  1.00 31.53 ?  136 GLU A O   1 
ATOM   635  C CB  . GLU A 1 91  ? -5.024  9.502   -11.127 1.00 29.70 ?  136 GLU A CB  1 
ATOM   636  C CG  . GLU A 1 91  ? -6.027  8.926   -12.126 1.00 38.74 ?  136 GLU A CG  1 
ATOM   637  C CD  . GLU A 1 91  ? -6.488  9.989   -13.120 1.00 48.86 ?  136 GLU A CD  1 
ATOM   638  O OE1 . GLU A 1 91  ? -6.114  11.166  -12.911 1.00 52.40 ?  136 GLU A OE1 1 
ATOM   639  O OE2 . GLU A 1 91  ? -7.286  9.674   -14.033 1.00 54.77 ?  136 GLU A OE2 1 
ATOM   640  N N   . LEU A 1 92  ? -6.104  8.121   -8.406  1.00 34.53 ?  137 LEU A N   1 
ATOM   641  C CA  . LEU A 1 92  ? -6.891  7.006   -7.876  1.00 29.33 ?  137 LEU A CA  1 
ATOM   642  C C   . LEU A 1 92  ? -8.085  7.502   -7.059  1.00 33.64 ?  137 LEU A C   1 
ATOM   643  O O   . LEU A 1 92  ? -9.179  6.924   -7.118  1.00 35.38 ?  137 LEU A O   1 
ATOM   644  C CB  . LEU A 1 92  ? -5.997  6.092   -7.041  1.00 29.70 ?  137 LEU A CB  1 
ATOM   645  C CG  . LEU A 1 92  ? -6.694  5.024   -6.210  1.00 28.83 ?  137 LEU A CG  1 
ATOM   646  C CD1 . LEU A 1 92  ? -7.472  4.091   -7.107  1.00 29.24 ?  137 LEU A CD1 1 
ATOM   647  C CD2 . LEU A 1 92  ? -5.654  4.263   -5.421  1.00 28.06 ?  137 LEU A CD2 1 
ATOM   648  N N   . PHE A 1 93  ? -7.903  8.574   -6.291  1.00 34.00 ?  138 PHE A N   1 
ATOM   649  C CA  . PHE A 1 93  ? -8.963  9.045   -5.413  1.00 32.53 ?  138 PHE A CA  1 
ATOM   650  C C   . PHE A 1 93  ? -9.743  10.212  -6.030  1.00 35.83 ?  138 PHE A C   1 
ATOM   651  O O   . PHE A 1 93  ? -10.428 10.951  -5.310  1.00 39.71 ?  138 PHE A O   1 
ATOM   652  C CB  . PHE A 1 93  ? -8.359  9.400   -4.054  1.00 32.84 ?  138 PHE A CB  1 
ATOM   653  C CG  . PHE A 1 93  ? -7.897  8.182   -3.278  1.00 31.99 ?  138 PHE A CG  1 
ATOM   654  C CD1 . PHE A 1 93  ? -8.813  7.316   -2.723  1.00 32.57 ?  138 PHE A CD1 1 
ATOM   655  C CD2 . PHE A 1 93  ? -6.536  7.879   -3.163  1.00 31.33 ?  138 PHE A CD2 1 
ATOM   656  C CE1 . PHE A 1 93  ? -8.403  6.194   -2.031  1.00 38.02 ?  138 PHE A CE1 1 
ATOM   657  C CE2 . PHE A 1 93  ? -6.125  6.755   -2.459  1.00 31.36 ?  138 PHE A CE2 1 
ATOM   658  C CZ  . PHE A 1 93  ? -7.068  5.916   -1.902  1.00 34.03 ?  138 PHE A CZ  1 
ATOM   659  N N   . ARG A 1 94  ? -9.698  10.336  -7.361  1.00 30.83 ?  139 ARG A N   1 
ATOM   660  C CA  . ARG A 1 94  ? -10.367 11.441  -8.061  1.00 39.91 ?  139 ARG A CA  1 
ATOM   661  C C   . ARG A 1 94  ? -11.882 11.407  -7.872  1.00 41.04 ?  139 ARG A C   1 
ATOM   662  O O   . ARG A 1 94  ? -12.518 12.462  -7.770  1.00 48.16 ?  139 ARG A O   1 
ATOM   663  C CB  . ARG A 1 94  ? -10.012 11.405  -9.551  1.00 35.78 ?  139 ARG A CB  1 
ATOM   664  C CG  . ARG A 1 94  ? -10.722 10.302  -10.358 1.00 40.69 ?  139 ARG A CG  1 
ATOM   665  C CD  . ARG A 1 94  ? -10.260 10.278  -11.814 1.00 46.72 ?  139 ARG A CD  1 
ATOM   666  N NE  . ARG A 1 94  ? -11.030 11.155  -12.693 1.00 43.44 ?  139 ARG A NE  1 
ATOM   667  C CZ  . ARG A 1 94  ? -10.658 11.490  -13.922 1.00 48.83 ?  139 ARG A CZ  1 
ATOM   668  N NH1 . ARG A 1 94  ? -9.544  11.019  -14.457 1.00 47.83 ?  139 ARG A NH1 1 
ATOM   669  N NH2 . ARG A 1 94  ? -11.426 12.317  -14.637 1.00 46.52 ?  139 ARG A NH2 1 
ATOM   670  N N   . ASP A 1 95  ? -12.489 10.215  -7.832  1.00 36.51 ?  140 ASP A N   1 
ATOM   671  C CA  . ASP A 1 95  ? -13.929 10.105  -7.621  1.00 48.50 ?  140 ASP A CA  1 
ATOM   672  C C   . ASP A 1 95  ? -14.307 10.030  -6.154  1.00 52.24 ?  140 ASP A C   1 
ATOM   673  O O   . ASP A 1 95  ? -15.477 9.773   -5.848  1.00 56.06 ?  140 ASP A O   1 
ATOM   674  C CB  . ASP A 1 95  ? -14.508 8.864   -8.313  1.00 47.00 ?  140 ASP A CB  1 
ATOM   675  C CG  . ASP A 1 95  ? -14.221 8.833   -9.788  1.00 50.46 ?  140 ASP A CG  1 
ATOM   676  O OD1 . ASP A 1 95  ? -14.652 9.759   -10.499 1.00 45.93 ?  140 ASP A OD1 1 
ATOM   677  O OD2 . ASP A 1 95  ? -13.586 7.858   -10.241 1.00 59.54 ?  140 ASP A OD2 1 
ATOM   678  N N   . GLY A 1 96  ? -13.362 10.223  -5.245  1.00 41.02 ?  141 GLY A N   1 
ATOM   679  C CA  . GLY A 1 96  ? -13.620 10.016  -3.837  1.00 40.23 ?  141 GLY A CA  1 
ATOM   680  C C   . GLY A 1 96  ? -13.025 8.716   -3.339  1.00 41.01 ?  141 GLY A C   1 
ATOM   681  O O   . GLY A 1 96  ? -12.248 8.035   -4.014  1.00 41.18 ?  141 GLY A O   1 
ATOM   682  N N   . VAL A 1 97  ? -13.446 8.355   -2.131  1.00 46.80 ?  142 VAL A N   1 
ATOM   683  C CA  . VAL A 1 97  ? -12.847 7.270   -1.363  1.00 39.39 ?  142 VAL A CA  1 
ATOM   684  C C   . VAL A 1 97  ? -13.869 6.161   -1.170  1.00 40.99 ?  142 VAL A C   1 
ATOM   685  O O   . VAL A 1 97  ? -15.052 6.432   -0.936  1.00 39.57 ?  142 VAL A O   1 
ATOM   686  C CB  . VAL A 1 97  ? -12.354 7.787   -0.002  1.00 43.76 ?  142 VAL A CB  1 
ATOM   687  C CG1 . VAL A 1 97  ? -11.649 6.671   0.785   1.00 39.50 ?  142 VAL A CG1 1 
ATOM   688  C CG2 . VAL A 1 97  ? -11.461 8.989   -0.200  1.00 39.33 ?  142 VAL A CG2 1 
ATOM   689  N N   . ASN A 1 98  ? -13.413 4.912   -1.275  1.00 38.16 ?  143 ASN A N   1 
ATOM   690  C CA  . ASN A 1 98  ? -14.171 3.739   -0.840  1.00 40.13 ?  143 ASN A CA  1 
ATOM   691  C C   . ASN A 1 98  ? -13.169 2.627   -0.510  1.00 36.92 ?  143 ASN A C   1 
ATOM   692  O O   . ASN A 1 98  ? -11.956 2.809   -0.655  1.00 35.85 ?  143 ASN A O   1 
ATOM   693  C CB  . ASN A 1 98  ? -15.241 3.375   -1.892  1.00 42.98 ?  143 ASN A CB  1 
ATOM   694  C CG  . ASN A 1 98  ? -14.741 2.447   -2.973  1.00 44.26 ?  143 ASN A CG  1 
ATOM   695  O OD1 . ASN A 1 98  ? -13.582 2.521   -3.406  1.00 36.69 ?  143 ASN A OD1 1 
ATOM   696  N ND2 . ASN A 1 98  ? -15.641 1.588   -3.465  1.00 38.04 ?  143 ASN A ND2 1 
ATOM   697  N N   . TRP A 1 99  ? -13.663 1.476   -0.037  1.00 38.00 ?  144 TRP A N   1 
ATOM   698  C CA  . TRP A 1 99  ? -12.741 0.451   0.459   1.00 34.58 ?  144 TRP A CA  1 
ATOM   699  C C   . TRP A 1 99  ? -11.897 -0.125  -0.660  1.00 35.81 ?  144 TRP A C   1 
ATOM   700  O O   . TRP A 1 99  ? -10.693 -0.346  -0.488  1.00 37.12 ?  144 TRP A O   1 
ATOM   701  C CB  . TRP A 1 99  ? -13.478 -0.690  1.166   1.00 33.57 ?  144 TRP A CB  1 
ATOM   702  C CG  . TRP A 1 99  ? -14.010 -0.289  2.475   1.00 44.48 ?  144 TRP A CG  1 
ATOM   703  C CD1 . TRP A 1 99  ? -15.327 -0.274  2.857   1.00 53.99 ?  144 TRP A CD1 1 
ATOM   704  C CD2 . TRP A 1 99  ? -13.259 0.196   3.592   1.00 43.88 ?  144 TRP A CD2 1 
ATOM   705  N NE1 . TRP A 1 99  ? -15.433 0.177   4.149   1.00 57.16 ?  144 TRP A NE1 1 
ATOM   706  C CE2 . TRP A 1 99  ? -14.179 0.471   4.624   1.00 50.95 ?  144 TRP A CE2 1 
ATOM   707  C CE3 . TRP A 1 99  ? -11.886 0.397   3.831   1.00 45.15 ?  144 TRP A CE3 1 
ATOM   708  C CZ2 . TRP A 1 99  ? -13.781 0.956   5.865   1.00 52.73 ?  144 TRP A CZ2 1 
ATOM   709  C CZ3 . TRP A 1 99  ? -11.495 0.887   5.056   1.00 45.21 ?  144 TRP A CZ3 1 
ATOM   710  C CH2 . TRP A 1 99  ? -12.439 1.152   6.065   1.00 55.51 ?  144 TRP A CH2 1 
ATOM   711  N N   . GLY A 1 100 ? -12.524 -0.447  -1.783  1.00 34.05 ?  145 GLY A N   1 
ATOM   712  C CA  . GLY A 1 100 ? -11.768 -0.928  -2.931  1.00 31.50 ?  145 GLY A CA  1 
ATOM   713  C C   . GLY A 1 100 ? -10.603 -0.022  -3.291  1.00 30.67 ?  145 GLY A C   1 
ATOM   714  O O   . GLY A 1 100 ? -9.500  -0.496  -3.566  1.00 29.20 ?  145 GLY A O   1 
ATOM   715  N N   . ARG A 1 101 ? -10.814 1.295   -3.255  1.00 30.65 ?  146 ARG A N   1 
ATOM   716  C CA  . ARG A 1 101 ? -9.736  2.207   -3.661  1.00 28.55 ?  146 ARG A CA  1 
ATOM   717  C C   . ARG A 1 101 ? -8.659  2.319   -2.589  1.00 32.21 ?  146 ARG A C   1 
ATOM   718  O O   . ARG A 1 101 ? -7.499  2.576   -2.909  1.00 28.60 ?  146 ARG A O   1 
ATOM   719  C CB  . ARG A 1 101 ? -10.284 3.595   -3.997  1.00 31.22 ?  146 ARG A CB  1 
ATOM   720  C CG  . ARG A 1 101 ? -11.085 3.673   -5.282  1.00 33.83 ?  146 ARG A CG  1 
ATOM   721  C CD  . ARG A 1 101 ? -11.980 4.909   -5.210  1.00 34.38 ?  146 ARG A CD  1 
ATOM   722  N NE  . ARG A 1 101 ? -12.724 5.137   -6.447  1.00 38.98 ?  146 ARG A NE  1 
ATOM   723  C CZ  . ARG A 1 101 ? -14.005 4.860   -6.638  1.00 50.48 ?  146 ARG A CZ  1 
ATOM   724  N NH1 . ARG A 1 101 ? -14.736 4.234   -5.721  1.00 42.50 ?  146 ARG A NH1 1 
ATOM   725  N NH2 . ARG A 1 101 ? -14.564 5.180   -7.799  1.00 49.38 ?  146 ARG A NH2 1 
ATOM   726  N N   . ILE A 1 102 ? -9.020  2.126   -1.319  1.00 35.23 ?  147 ILE A N   1 
ATOM   727  C CA  . ILE A 1 102 ? -8.000  2.088   -0.269  1.00 30.59 ?  147 ILE A CA  1 
ATOM   728  C C   . ILE A 1 102 ? -7.125  0.851   -0.422  1.00 28.21 ?  147 ILE A C   1 
ATOM   729  O O   . ILE A 1 102 ? -5.899  0.923   -0.266  1.00 30.28 ?  147 ILE A O   1 
ATOM   730  C CB  . ILE A 1 102 ? -8.658  2.173   1.118   1.00 37.54 ?  147 ILE A CB  1 
ATOM   731  C CG1 . ILE A 1 102 ? -9.267  3.565   1.315   1.00 40.69 ?  147 ILE A CG1 1 
ATOM   732  C CG2 . ILE A 1 102 ? -7.626  1.920   2.204   1.00 38.18 ?  147 ILE A CG2 1 
ATOM   733  C CD1 . ILE A 1 102 ? -9.982  3.743   2.636   1.00 45.80 ?  147 ILE A CD1 1 
ATOM   734  N N   . VAL A 1 103 ? -7.735  -0.306  -0.739  1.00 29.60 ?  148 VAL A N   1 
ATOM   735  C CA  . VAL A 1 103 ? -6.935  -1.499  -1.006  1.00 30.14 ?  148 VAL A CA  1 
ATOM   736  C C   . VAL A 1 103 ? -6.070  -1.296  -2.251  1.00 28.80 ?  148 VAL A C   1 
ATOM   737  O O   . VAL A 1 103 ? -4.888  -1.666  -2.264  1.00 27.07 ?  148 VAL A O   1 
ATOM   738  C CB  . VAL A 1 103 ? -7.849  -2.735  -1.112  1.00 30.84 ?  148 VAL A CB  1 
ATOM   739  C CG1 . VAL A 1 103 ? -7.087  -3.929  -1.636  1.00 29.89 ?  148 VAL A CG1 1 
ATOM   740  C CG2 . VAL A 1 103 ? -8.499  -3.015  0.245   1.00 31.52 ?  148 VAL A CG2 1 
ATOM   741  N N   . ALA A 1 104 ? -6.616  -0.636  -3.289  1.00 26.54 ?  149 ALA A N   1 
ATOM   742  C CA  . ALA A 1 104 ? -5.825  -0.330  -4.478  1.00 22.43 ?  149 ALA A CA  1 
ATOM   743  C C   . ALA A 1 104 ? -4.611  0.525   -4.124  1.00 25.82 ?  149 ALA A C   1 
ATOM   744  O O   . ALA A 1 104 ? -3.526  0.347   -4.688  1.00 27.64 ?  149 ALA A O   1 
ATOM   745  C CB  . ALA A 1 104 ? -6.706  0.389   -5.535  1.00 24.96 ?  149 ALA A CB  1 
ATOM   746  N N   . PHE A 1 105 ? -4.780  1.458   -3.175  1.00 24.56 ?  150 PHE A N   1 
ATOM   747  C CA  . PHE A 1 105 ? -3.710  2.333   -2.725  1.00 24.01 ?  150 PHE A CA  1 
ATOM   748  C C   . PHE A 1 105 ? -2.605  1.544   -2.018  1.00 27.36 ?  150 PHE A C   1 
ATOM   749  O O   . PHE A 1 105 ? -1.414  1.733   -2.293  1.00 29.26 ?  150 PHE A O   1 
ATOM   750  C CB  . PHE A 1 105 ? -4.341  3.378   -1.817  1.00 29.17 ?  150 PHE A CB  1 
ATOM   751  C CG  . PHE A 1 105 ? -3.425  4.025   -0.862  1.00 31.10 ?  150 PHE A CG  1 
ATOM   752  C CD1 . PHE A 1 105 ? -2.722  5.161   -1.228  1.00 30.41 ?  150 PHE A CD1 1 
ATOM   753  C CD2 . PHE A 1 105 ? -3.286  3.528   0.423   1.00 30.35 ?  150 PHE A CD2 1 
ATOM   754  C CE1 . PHE A 1 105 ? -1.906  5.803   -0.331  1.00 34.81 ?  150 PHE A CE1 1 
ATOM   755  C CE2 . PHE A 1 105 ? -2.473  4.161   1.325   1.00 31.01 ?  150 PHE A CE2 1 
ATOM   756  C CZ  . PHE A 1 105 ? -1.773  5.293   0.944   1.00 34.76 ?  150 PHE A CZ  1 
ATOM   757  N N   . PHE A 1 106 ? -2.991  0.636   -1.125  1.00 27.34 ?  151 PHE A N   1 
ATOM   758  C CA  . PHE A 1 106 ? -1.996  -0.213  -0.470  1.00 24.00 ?  151 PHE A CA  1 
ATOM   759  C C   . PHE A 1 106 ? -1.251  -1.075  -1.476  1.00 28.97 ?  151 PHE A C   1 
ATOM   760  O O   . PHE A 1 106 ? -0.016  -1.195  -1.409  1.00 31.33 ?  151 PHE A O   1 
ATOM   761  C CB  . PHE A 1 106 ? -2.670  -1.071  0.614   1.00 27.87 ?  151 PHE A CB  1 
ATOM   762  C CG  . PHE A 1 106 ? -2.842  -0.338  1.916   1.00 31.37 ?  151 PHE A CG  1 
ATOM   763  C CD1 . PHE A 1 106 ? -1.798  -0.257  2.817   1.00 38.95 ?  151 PHE A CD1 1 
ATOM   764  C CD2 . PHE A 1 106 ? -4.037  0.306   2.224   1.00 32.04 ?  151 PHE A CD2 1 
ATOM   765  C CE1 . PHE A 1 106 ? -1.931  0.442   4.008   1.00 36.33 ?  151 PHE A CE1 1 
ATOM   766  C CE2 . PHE A 1 106 ? -4.169  1.009   3.412   1.00 32.00 ?  151 PHE A CE2 1 
ATOM   767  C CZ  . PHE A 1 106 ? -3.116  1.051   4.318   1.00 36.11 ?  151 PHE A CZ  1 
ATOM   768  N N   A GLU A 1 107 ? -1.968  -1.666  -2.432  0.47 25.87 ?  152 GLU A N   1 
ATOM   769  N N   B GLU A 1 107 ? -1.981  -1.704  -2.399  0.53 25.74 ?  152 GLU A N   1 
ATOM   770  C CA  A GLU A 1 107 ? -1.312  -2.557  -3.382  0.47 28.72 ?  152 GLU A CA  1 
ATOM   771  C CA  B GLU A 1 107 ? -1.342  -2.556  -3.401  0.53 28.71 ?  152 GLU A CA  1 
ATOM   772  C C   A GLU A 1 107 ? -0.415  -1.789  -4.353  0.47 27.76 ?  152 GLU A C   1 
ATOM   773  C C   B GLU A 1 107 ? -0.387  -1.763  -4.291  0.53 27.69 ?  152 GLU A C   1 
ATOM   774  O O   A GLU A 1 107 ? 0.627   -2.309  -4.776  0.47 28.38 ?  152 GLU A O   1 
ATOM   775  O O   B GLU A 1 107 ? 0.700   -2.253  -4.626  0.53 28.22 ?  152 GLU A O   1 
ATOM   776  C CB  A GLU A 1 107 ? -2.359  -3.380  -4.121  0.47 29.23 ?  152 GLU A CB  1 
ATOM   777  C CB  B GLU A 1 107 ? -2.402  -3.259  -4.244  0.53 29.40 ?  152 GLU A CB  1 
ATOM   778  C CG  A GLU A 1 107 ? -1.788  -4.489  -4.954  0.47 31.53 ?  152 GLU A CG  1 
ATOM   779  C CG  B GLU A 1 107 ? -2.719  -4.661  -3.795  0.53 32.49 ?  152 GLU A CG  1 
ATOM   780  C CD  A GLU A 1 107 ? -1.458  -5.710  -4.106  0.47 32.87 ?  152 GLU A CD  1 
ATOM   781  C CD  B GLU A 1 107 ? -1.512  -5.587  -3.961  0.53 32.87 ?  152 GLU A CD  1 
ATOM   782  O OE1 A GLU A 1 107 ? -2.012  -5.821  -2.995  0.47 35.13 ?  152 GLU A OE1 1 
ATOM   783  O OE1 B GLU A 1 107 ? -0.847  -5.547  -5.026  0.53 41.55 ?  152 GLU A OE1 1 
ATOM   784  O OE2 A GLU A 1 107 ? -0.667  -6.562  -4.565  0.47 37.58 ?  152 GLU A OE2 1 
ATOM   785  O OE2 B GLU A 1 107 ? -1.199  -6.327  -3.015  0.53 34.25 ?  152 GLU A OE2 1 
ATOM   786  N N   . PHE A 1 108 ? -0.763  -0.540  -4.675  1.00 26.38 ?  153 PHE A N   1 
ATOM   787  C CA  . PHE A 1 108 ? 0.132   0.294   -5.455  1.00 23.54 ?  153 PHE A CA  1 
ATOM   788  C C   . PHE A 1 108 ? 1.417   0.563   -4.684  1.00 27.81 ?  153 PHE A C   1 
ATOM   789  O O   . PHE A 1 108 ? 2.530   0.448   -5.228  1.00 30.33 ?  153 PHE A O   1 
ATOM   790  C CB  . PHE A 1 108 ? -0.570  1.625   -5.803  1.00 27.14 ?  153 PHE A CB  1 
ATOM   791  C CG  . PHE A 1 108 ? 0.352   2.633   -6.394  1.00 25.42 ?  153 PHE A CG  1 
ATOM   792  C CD1 . PHE A 1 108 ? 0.953   2.398   -7.612  1.00 27.20 ?  153 PHE A CD1 1 
ATOM   793  C CD2 . PHE A 1 108 ? 0.704   3.770   -5.681  1.00 24.36 ?  153 PHE A CD2 1 
ATOM   794  C CE1 . PHE A 1 108 ? 1.831   3.305   -8.166  1.00 25.70 ?  153 PHE A CE1 1 
ATOM   795  C CE2 . PHE A 1 108 ? 1.588   4.692   -6.226  1.00 30.94 ?  153 PHE A CE2 1 
ATOM   796  C CZ  . PHE A 1 108 ? 2.171   4.459   -7.466  1.00 31.61 ?  153 PHE A CZ  1 
ATOM   797  N N   . GLY A 1 109 ? 1.275   0.982   -3.424  1.00 26.65 ?  154 GLY A N   1 
ATOM   798  C CA  . GLY A 1 109 ? 2.440   1.227   -2.612  1.00 29.29 ?  154 GLY A CA  1 
ATOM   799  C C   . GLY A 1 109 ? 3.303   -0.012  -2.479  1.00 27.00 ?  154 GLY A C   1 
ATOM   800  O O   . GLY A 1 109 ? 4.546   0.075   -2.477  1.00 27.40 ?  154 GLY A O   1 
ATOM   801  N N   . GLY A 1 110 ? 2.655   -1.176  -2.401  1.00 28.11 ?  155 GLY A N   1 
ATOM   802  C CA  . GLY A 1 110 ? 3.388   -2.439  -2.370  1.00 27.51 ?  155 GLY A CA  1 
ATOM   803  C C   . GLY A 1 110 ? 4.186   -2.692  -3.635  1.00 30.80 ?  155 GLY A C   1 
ATOM   804  O O   . GLY A 1 110 ? 5.368   -3.047  -3.567  1.00 27.91 ?  155 GLY A O   1 
ATOM   805  N N   . VAL A 1 111 ? 3.561   -2.476  -4.803  1.00 28.89 ?  156 VAL A N   1 
ATOM   806  C CA  . VAL A 1 111 ? 4.258   -2.647  -6.077  1.00 33.57 ?  156 VAL A CA  1 
ATOM   807  C C   . VAL A 1 111 ? 5.419   -1.671  -6.180  1.00 28.36 ?  156 VAL A C   1 
ATOM   808  O O   . VAL A 1 111 ? 6.513   -2.038  -6.636  1.00 30.18 ?  156 VAL A O   1 
ATOM   809  C CB  . VAL A 1 111 ? 3.304   -2.503  -7.278  1.00 35.78 ?  156 VAL A CB  1 
ATOM   810  C CG1 . VAL A 1 111 ? 4.119   -2.353  -8.571  1.00 35.63 ?  156 VAL A CG1 1 
ATOM   811  C CG2 . VAL A 1 111 ? 2.410   -3.679  -7.380  1.00 37.36 ?  156 VAL A CG2 1 
ATOM   812  N N   . MET A 1 112 ? 5.236   -0.432  -5.715  1.00 24.21 ?  157 MET A N   1 
ATOM   813  C CA  . MET A 1 112 ? 6.346   0.516   -5.795  1.00 29.01 ?  157 MET A CA  1 
ATOM   814  C C   . MET A 1 112 ? 7.517   0.113   -4.903  1.00 27.94 ?  157 MET A C   1 
ATOM   815  O O   . MET A 1 112 ? 8.671   0.282   -5.303  1.00 26.91 ?  157 MET A O   1 
ATOM   816  C CB  . MET A 1 112 ? 5.929   1.936   -5.476  1.00 36.50 ?  157 MET A CB  1 
ATOM   817  C CG  . MET A 1 112 ? 5.598   2.661   -6.736  1.00 50.22 ?  157 MET A CG  1 
ATOM   818  S SD  . MET A 1 112 ? 5.390   4.397   -6.360  1.00 38.64 ?  157 MET A SD  1 
ATOM   819  C CE  . MET A 1 112 ? 7.030   4.955   -5.930  1.00 38.31 ?  157 MET A CE  1 
ATOM   820  N N   . CYS A 1 113 ? 7.246   -0.436  -3.709  1.00 28.85 ?  158 CYS A N   1 
ATOM   821  C CA  . CYS A 1 113 ? 8.348   -0.907  -2.861  1.00 26.81 ?  158 CYS A CA  1 
ATOM   822  C C   . CYS A 1 113 ? 9.054   -2.112  -3.480  1.00 31.32 ?  158 CYS A C   1 
ATOM   823  O O   . CYS A 1 113 ? 10.296  -2.212  -3.446  1.00 27.62 ?  158 CYS A O   1 
ATOM   824  C CB  . CYS A 1 113 ? 7.808   -1.272  -1.477  1.00 30.23 ?  158 CYS A CB  1 
ATOM   825  S SG  . CYS A 1 113 ? 7.330   0.157   -0.445  1.00 34.02 ?  158 CYS A SG  1 
ATOM   826  N N   . VAL A 1 114 ? 8.271   -3.054  -4.013  1.00 25.00 ?  159 VAL A N   1 
ATOM   827  C CA  . VAL A 1 114 ? 8.850   -4.192  -4.710  1.00 29.86 ?  159 VAL A CA  1 
ATOM   828  C C   . VAL A 1 114 ? 9.739   -3.730  -5.852  1.00 31.15 ?  159 VAL A C   1 
ATOM   829  O O   . VAL A 1 114 ? 10.883  -4.161  -5.969  1.00 27.46 ?  159 VAL A O   1 
ATOM   830  C CB  . VAL A 1 114 ? 7.753   -5.133  -5.219  1.00 24.96 ?  159 VAL A CB  1 
ATOM   831  C CG1 . VAL A 1 114 ? 8.352   -6.096  -6.234  1.00 32.34 ?  159 VAL A CG1 1 
ATOM   832  C CG2 . VAL A 1 114 ? 7.157   -5.918  -4.046  1.00 26.04 ?  159 VAL A CG2 1 
ATOM   833  N N   . GLU A 1 115 ? 9.227   -2.858  -6.727  1.00 26.58 ?  160 GLU A N   1 
ATOM   834  C CA  . GLU A 1 115 ? 10.050  -2.421  -7.858  1.00 31.01 ?  160 GLU A CA  1 
ATOM   835  C C   . GLU A 1 115 ? 11.271  -1.644  -7.402  1.00 23.89 ?  160 GLU A C   1 
ATOM   836  O O   . GLU A 1 115 ? 12.319  -1.717  -8.047  1.00 29.05 ?  160 GLU A O   1 
ATOM   837  C CB  . GLU A 1 115 ? 9.245   -1.561  -8.849  1.00 30.10 ?  160 GLU A CB  1 
ATOM   838  C CG  . GLU A 1 115 ? 8.370   -2.378  -9.817  1.00 37.30 ?  160 GLU A CG  1 
ATOM   839  C CD  . GLU A 1 115 ? 9.067   -3.599  -10.422 1.00 45.93 ?  160 GLU A CD  1 
ATOM   840  O OE1 . GLU A 1 115 ? 10.116  -3.458  -11.085 1.00 37.24 ?  160 GLU A OE1 1 
ATOM   841  O OE2 . GLU A 1 115 ? 8.519   -4.716  -10.269 1.00 44.70 ?  160 GLU A OE2 1 
ATOM   842  N N   . SER A 1 116 ? 11.165  -0.896  -6.298  1.00 25.67 ?  161 SER A N   1 
ATOM   843  C CA  . SER A 1 116 ? 12.317  -0.147  -5.800  1.00 25.52 ?  161 SER A CA  1 
ATOM   844  C C   . SER A 1 116 ? 13.453  -1.086  -5.401  1.00 28.99 ?  161 SER A C   1 
ATOM   845  O O   . SER A 1 116 ? 14.613  -0.842  -5.748  1.00 27.61 ?  161 SER A O   1 
ATOM   846  C CB  . SER A 1 116 ? 11.912  0.727   -4.608  1.00 28.00 ?  161 SER A CB  1 
ATOM   847  O OG  . SER A 1 116 ? 11.064  1.799   -5.009  1.00 34.10 ?  161 SER A OG  1 
ATOM   848  N N   . VAL A 1 117 ? 13.128  -2.186  -4.693  1.00 29.75 ?  162 VAL A N   1 
ATOM   849  C CA  . VAL A 1 117 ? 14.169  -3.179  -4.390  1.00 32.18 ?  162 VAL A CA  1 
ATOM   850  C C   . VAL A 1 117 ? 14.655  -3.875  -5.663  1.00 28.94 ?  162 VAL A C   1 
ATOM   851  O O   . VAL A 1 117 ? 15.855  -4.151  -5.826  1.00 32.03 ?  162 VAL A O   1 
ATOM   852  C CB  . VAL A 1 117 ? 13.674  -4.211  -3.360  1.00 31.00 ?  162 VAL A CB  1 
ATOM   853  C CG1 . VAL A 1 117 ? 14.765  -5.234  -3.081  1.00 34.79 ?  162 VAL A CG1 1 
ATOM   854  C CG2 . VAL A 1 117 ? 13.280  -3.531  -2.074  1.00 32.81 ?  162 VAL A CG2 1 
ATOM   855  N N   . ASN A 1 118 ? 13.725  -4.187  -6.568  1.00 29.29 ?  163 ASN A N   1 
ATOM   856  C CA  . ASN A 1 118 ? 14.033  -4.867  -7.823  1.00 29.37 ?  163 ASN A CA  1 
ATOM   857  C C   . ASN A 1 118 ? 14.962  -4.064  -8.719  1.00 29.75 ?  163 ASN A C   1 
ATOM   858  O O   . ASN A 1 118 ? 15.694  -4.640  -9.527  1.00 31.85 ?  163 ASN A O   1 
ATOM   859  C CB  . ASN A 1 118 ? 12.716  -5.185  -8.533  1.00 34.07 ?  163 ASN A CB  1 
ATOM   860  C CG  . ASN A 1 118 ? 12.898  -5.930  -9.859  1.00 43.26 ?  163 ASN A CG  1 
ATOM   861  O OD1 . ASN A 1 118 ? 12.417  -5.483  -10.904 1.00 48.59 ?  163 ASN A OD1 1 
ATOM   862  N ND2 . ASN A 1 118 ? 13.618  -7.036  -9.830  1.00 38.92 ?  163 ASN A ND2 1 
ATOM   863  N N   . ARG A 1 119 ? 14.955  -2.745  -8.600  1.00 30.57 ?  164 ARG A N   1 
ATOM   864  C CA  . ARG A 1 119 ? 15.726  -1.879  -9.486  1.00 30.15 ?  164 ARG A CA  1 
ATOM   865  C C   . ARG A 1 119 ? 16.870  -1.195  -8.748  1.00 34.79 ?  164 ARG A C   1 
ATOM   866  O O   . ARG A 1 119 ? 17.354  -0.128  -9.164  1.00 33.19 ?  164 ARG A O   1 
ATOM   867  C CB  . ARG A 1 119 ? 14.783  -0.879  -10.160 1.00 33.57 ?  164 ARG A CB  1 
ATOM   868  C CG  . ARG A 1 119 ? 13.868  -1.567  -11.154 1.00 34.12 ?  164 ARG A CG  1 
ATOM   869  C CD  . ARG A 1 119 ? 12.601  -0.801  -11.461 1.00 43.29 ?  164 ARG A CD  1 
ATOM   870  N NE  . ARG A 1 119 ? 11.655  -1.642  -12.191 1.00 41.90 ?  164 ARG A NE  1 
ATOM   871  C CZ  . ARG A 1 119 ? 11.755  -1.932  -13.483 1.00 46.95 ?  164 ARG A CZ  1 
ATOM   872  N NH1 . ARG A 1 119 ? 12.749  -1.464  -14.225 1.00 41.59 ?  164 ARG A NH1 1 
ATOM   873  N NH2 . ARG A 1 119 ? 10.836  -2.712  -14.045 1.00 44.54 ?  164 ARG A NH2 1 
ATOM   874  N N   . GLU A 1 120 ? 17.336  -1.854  -7.677  1.00 34.41 ?  165 GLU A N   1 
ATOM   875  C CA  . GLU A 1 120 ? 18.459  -1.436  -6.822  1.00 33.15 ?  165 GLU A CA  1 
ATOM   876  C C   . GLU A 1 120 ? 18.313  0.005   -6.352  1.00 40.66 ?  165 GLU A C   1 
ATOM   877  O O   . GLU A 1 120 ? 19.243  0.810   -6.399  1.00 38.36 ?  165 GLU A O   1 
ATOM   878  C CB  . GLU A 1 120 ? 19.806  -1.675  -7.511  1.00 45.32 ?  165 GLU A CB  1 
ATOM   879  C CG  . GLU A 1 120 ? 20.100  -3.164  -7.829  1.00 37.83 ?  165 GLU A CG  1 
ATOM   880  C CD  . GLU A 1 120 ? 20.534  -3.984  -6.601  1.00 49.07 ?  165 GLU A CD  1 
ATOM   881  O OE1 . GLU A 1 120 ? 21.474  -3.541  -5.902  1.00 42.39 ?  165 GLU A OE1 1 
ATOM   882  O OE2 . GLU A 1 120 ? 19.962  -5.074  -6.342  1.00 42.08 ?  165 GLU A OE2 1 
ATOM   883  N N   . MET A 1 121 ? 17.120  0.322   -5.872  1.00 36.88 ?  166 MET A N   1 
ATOM   884  C CA  . MET A 1 121 ? 16.817  1.593   -5.250  1.00 30.74 ?  166 MET A CA  1 
ATOM   885  C C   . MET A 1 121 ? 16.173  1.340   -3.884  1.00 35.92 ?  166 MET A C   1 
ATOM   886  O O   . MET A 1 121 ? 15.194  1.982   -3.487  1.00 31.98 ?  166 MET A O   1 
ATOM   887  C CB  . MET A 1 121 ? 15.901  2.402   -6.155  1.00 27.87 ?  166 MET A CB  1 
ATOM   888  C CG  . MET A 1 121 ? 16.620  3.113   -7.301  1.00 30.67 ?  166 MET A CG  1 
ATOM   889  S SD  . MET A 1 121 ? 15.314  3.714   -8.419  1.00 36.59 ?  166 MET A SD  1 
ATOM   890  C CE  . MET A 1 121 ? 15.769  3.037   -10.003 1.00 35.51 ?  166 MET A CE  1 
ATOM   891  N N   . SER A 1 122 ? 16.716  0.374   -3.141  1.00 31.83 ?  167 SER A N   1 
ATOM   892  C CA  . SER A 1 122 ? 16.162  -0.076  -1.868  1.00 31.54 ?  167 SER A CA  1 
ATOM   893  C C   . SER A 1 122 ? 15.807  1.052   -0.894  1.00 33.55 ?  167 SER A C   1 
ATOM   894  O O   . SER A 1 122 ? 14.785  0.956   -0.195  1.00 35.70 ?  167 SER A O   1 
ATOM   895  C CB  . SER A 1 122 ? 17.133  -1.064  -1.206  1.00 38.82 ?  167 SER A CB  1 
ATOM   896  O OG  . SER A 1 122 ? 16.993  -2.347  -1.800  1.00 40.22 ?  167 SER A OG  1 
ATOM   897  N N   . PRO A 1 123 ? 16.611  2.122   -0.801  1.00 36.18 ?  168 PRO A N   1 
ATOM   898  C CA  . PRO A 1 123 ? 16.278  3.202   0.146   1.00 43.41 ?  168 PRO A CA  1 
ATOM   899  C C   . PRO A 1 123 ? 14.887  3.805   -0.063  1.00 38.16 ?  168 PRO A C   1 
ATOM   900  O O   . PRO A 1 123 ? 14.234  4.196   0.923   1.00 42.74 ?  168 PRO A O   1 
ATOM   901  C CB  . PRO A 1 123 ? 17.388  4.224   -0.113  1.00 38.02 ?  168 PRO A CB  1 
ATOM   902  C CG  . PRO A 1 123 ? 18.548  3.403   -0.483  1.00 49.25 ?  168 PRO A CG  1 
ATOM   903  C CD  . PRO A 1 123 ? 17.988  2.302   -1.327  1.00 41.52 ?  168 PRO A CD  1 
ATOM   904  N N   . LEU A 1 124 ? 14.391  3.830   -1.302  1.00 34.56 ?  169 LEU A N   1 
ATOM   905  C CA  . LEU A 1 124 ? 13.051  4.366   -1.548  1.00 33.10 ?  169 LEU A CA  1 
ATOM   906  C C   . LEU A 1 124 ? 11.986  3.698   -0.677  1.00 39.90 ?  169 LEU A C   1 
ATOM   907  O O   . LEU A 1 124 ? 10.953  4.317   -0.387  1.00 40.72 ?  169 LEU A O   1 
ATOM   908  C CB  . LEU A 1 124 ? 12.669  4.210   -3.024  1.00 33.24 ?  169 LEU A CB  1 
ATOM   909  C CG  . LEU A 1 124 ? 13.261  5.218   -4.015  1.00 40.82 ?  169 LEU A CG  1 
ATOM   910  C CD1 . LEU A 1 124 ? 12.801  4.879   -5.433  1.00 31.11 ?  169 LEU A CD1 1 
ATOM   911  C CD2 . LEU A 1 124 ? 12.817  6.635   -3.631  1.00 33.55 ?  169 LEU A CD2 1 
ATOM   912  N N   . VAL A 1 125 ? 12.185  2.432   -0.277  1.00 35.10 ?  170 VAL A N   1 
ATOM   913  C CA  . VAL A 1 125 ? 11.123  1.769   0.487   1.00 31.96 ?  170 VAL A CA  1 
ATOM   914  C C   . VAL A 1 125 ? 10.783  2.580   1.734   1.00 37.88 ?  170 VAL A C   1 
ATOM   915  O O   . VAL A 1 125 ? 9.603   2.780   2.057   1.00 33.56 ?  170 VAL A O   1 
ATOM   916  C CB  . VAL A 1 125 ? 11.505  0.321   0.839   1.00 29.55 ?  170 VAL A CB  1 
ATOM   917  C CG1 . VAL A 1 125 ? 10.413  -0.311  1.685   1.00 36.46 ?  170 VAL A CG1 1 
ATOM   918  C CG2 . VAL A 1 125 ? 11.776  -0.485  -0.441  1.00 31.77 ?  170 VAL A CG2 1 
ATOM   919  N N   . ASP A 1 126 ? 11.805  3.152   2.397   1.00 37.18 ?  171 ASP A N   1 
ATOM   920  C CA  . ASP A 1 126 ? 11.507  3.894   3.624   1.00 36.70 ?  171 ASP A CA  1 
ATOM   921  C C   . ASP A 1 126 ? 10.778  5.198   3.315   1.00 41.77 ?  171 ASP A C   1 
ATOM   922  O O   . ASP A 1 126 ? 9.929   5.646   4.101   1.00 45.26 ?  171 ASP A O   1 
ATOM   923  C CB  . ASP A 1 126 ? 12.792  4.177   4.387   1.00 44.69 ?  171 ASP A CB  1 
ATOM   924  C CG  . ASP A 1 126 ? 13.281  2.953   5.147   1.00 50.36 ?  171 ASP A CG  1 
ATOM   925  O OD1 . ASP A 1 126 ? 12.848  2.718   6.297   1.00 55.48 ?  171 ASP A OD1 1 
ATOM   926  O OD2 . ASP A 1 126 ? 14.135  2.247   4.572   1.00 58.46 ?  171 ASP A OD2 1 
ATOM   927  N N   . ASN A 1 127 ? 11.083  5.803   2.167   1.00 37.38 ?  172 ASN A N   1 
ATOM   928  C CA  . ASN A 1 127 ? 10.351  6.990   1.744   1.00 40.23 ?  172 ASN A CA  1 
ATOM   929  C C   . ASN A 1 127 ? 8.902   6.643   1.451   1.00 39.44 ?  172 ASN A C   1 
ATOM   930  O O   . ASN A 1 127 ? 7.988   7.379   1.846   1.00 41.12 ?  172 ASN A O   1 
ATOM   931  C CB  . ASN A 1 127 ? 11.010  7.613   0.515   1.00 39.69 ?  172 ASN A CB  1 
ATOM   932  C CG  . ASN A 1 127 ? 12.389  8.194   0.818   1.00 46.79 ?  172 ASN A CG  1 
ATOM   933  O OD1 . ASN A 1 127 ? 13.390  7.697   0.328   1.00 51.84 ?  172 ASN A OD1 1 
ATOM   934  N ND2 . ASN A 1 127 ? 12.437  9.229   1.646   1.00 50.93 ?  172 ASN A ND2 1 
ATOM   935  N N   . ILE A 1 128 ? 8.668   5.504   0.795   1.00 34.88 ?  173 ILE A N   1 
ATOM   936  C CA  . ILE A 1 128 ? 7.307   5.218   0.354   1.00 32.62 ?  173 ILE A CA  1 
ATOM   937  C C   . ILE A 1 128 ? 6.409   4.971   1.558   1.00 40.46 ?  173 ILE A C   1 
ATOM   938  O O   . ILE A 1 128 ? 5.279   5.481   1.637   1.00 37.63 ?  173 ILE A O   1 
ATOM   939  C CB  . ILE A 1 128 ? 7.314   4.040   -0.646  1.00 30.78 ?  173 ILE A CB  1 
ATOM   940  C CG1 . ILE A 1 128 ? 7.976   4.464   -1.961  1.00 37.51 ?  173 ILE A CG1 1 
ATOM   941  C CG2 . ILE A 1 128 ? 5.900   3.481   -0.895  1.00 34.86 ?  173 ILE A CG2 1 
ATOM   942  C CD1 . ILE A 1 128 ? 8.554   3.321   -2.757  1.00 38.29 ?  173 ILE A CD1 1 
ATOM   943  N N   . ALA A 1 129 ? 6.921   4.234   2.540   1.00 38.97 ?  174 ALA A N   1 
ATOM   944  C CA  . ALA A 1 129 ? 6.181   4.039   3.777   1.00 38.69 ?  174 ALA A CA  1 
ATOM   945  C C   . ALA A 1 129 ? 5.804   5.374   4.409   1.00 41.55 ?  174 ALA A C   1 
ATOM   946  O O   . ALA A 1 129 ? 4.725   5.510   4.999   1.00 42.19 ?  174 ALA A O   1 
ATOM   947  C CB  . ALA A 1 129 ? 7.019   3.208   4.739   1.00 33.86 ?  174 ALA A CB  1 
ATOM   948  N N   . LEU A 1 130 ? 6.690   6.371   4.303   1.00 38.47 ?  175 LEU A N   1 
ATOM   949  C CA  . LEU A 1 130 ? 6.359   7.694   4.810   1.00 40.78 ?  175 LEU A CA  1 
ATOM   950  C C   . LEU A 1 130 ? 5.183   8.275   4.035   1.00 46.41 ?  175 LEU A C   1 
ATOM   951  O O   . LEU A 1 130 ? 4.146   8.626   4.621   1.00 50.27 ?  175 LEU A O   1 
ATOM   952  C CB  . LEU A 1 130 ? 7.583   8.607   4.710   1.00 47.50 ?  175 LEU A CB  1 
ATOM   953  C CG  . LEU A 1 130 ? 7.489   10.042  5.241   1.00 52.81 ?  175 LEU A CG  1 
ATOM   954  C CD1 . LEU A 1 130 ? 7.658   10.074  6.758   1.00 62.92 ?  175 LEU A CD1 1 
ATOM   955  C CD2 . LEU A 1 130 ? 8.528   10.920  4.567   1.00 53.63 ?  175 LEU A CD2 1 
ATOM   956  N N   . TRP A 1 131 ? 5.299   8.315   2.702   1.00 45.96 ?  176 TRP A N   1 
ATOM   957  C CA  . TRP A 1 131 ? 4.278   8.980   1.887   1.00 43.92 ?  176 TRP A CA  1 
ATOM   958  C C   . TRP A 1 131 ? 2.922   8.300   2.026   1.00 47.65 ?  176 TRP A C   1 
ATOM   959  O O   . TRP A 1 131 ? 1.876   8.958   2.034   1.00 40.58 ?  176 TRP A O   1 
ATOM   960  C CB  . TRP A 1 131 ? 4.714   9.008   0.416   1.00 42.77 ?  176 TRP A CB  1 
ATOM   961  C CG  . TRP A 1 131 ? 6.091   9.578   0.167   1.00 41.45 ?  176 TRP A CG  1 
ATOM   962  C CD1 . TRP A 1 131 ? 6.732   10.552  0.880   1.00 47.87 ?  176 TRP A CD1 1 
ATOM   963  C CD2 . TRP A 1 131 ? 7.007   9.171   -0.864  1.00 36.88 ?  176 TRP A CD2 1 
ATOM   964  N NE1 . TRP A 1 131 ? 7.976   10.796  0.337   1.00 46.94 ?  176 TRP A NE1 1 
ATOM   965  C CE2 . TRP A 1 131 ? 8.177   9.948   -0.722  1.00 44.88 ?  176 TRP A CE2 1 
ATOM   966  C CE3 . TRP A 1 131 ? 6.948   8.226   -1.896  1.00 37.25 ?  176 TRP A CE3 1 
ATOM   967  C CZ2 . TRP A 1 131 ? 9.286   9.796   -1.564  1.00 43.46 ?  176 TRP A CZ2 1 
ATOM   968  C CZ3 . TRP A 1 131 ? 8.055   8.082   -2.738  1.00 37.13 ?  176 TRP A CZ3 1 
ATOM   969  C CH2 . TRP A 1 131 ? 9.205   8.863   -2.567  1.00 31.70 ?  176 TRP A CH2 1 
ATOM   970  N N   . MET A 1 132 ? 2.919   6.975   2.109   1.00 36.44 ?  177 MET A N   1 
ATOM   971  C CA  . MET A 1 132 ? 1.689   6.245   2.354   1.00 41.19 ?  177 MET A CA  1 
ATOM   972  C C   . MET A 1 132 ? 1.093   6.669   3.685   1.00 46.28 ?  177 MET A C   1 
ATOM   973  O O   . MET A 1 132 ? -0.072  7.074   3.762   1.00 43.75 ?  177 MET A O   1 
ATOM   974  C CB  . MET A 1 132 ? 2.037   4.761   2.356   1.00 35.64 ?  177 MET A CB  1 
ATOM   975  C CG  . MET A 1 132 ? 2.269   4.210   0.972   1.00 35.61 ?  177 MET A CG  1 
ATOM   976  S SD  . MET A 1 132 ? 2.589   2.439   0.924   1.00 37.36 ?  177 MET A SD  1 
ATOM   977  C CE  . MET A 1 132 ? 0.950   1.804   1.205   1.00 34.27 ?  177 MET A CE  1 
ATOM   978  N N   . THR A 1 133 ? 1.910   6.613   4.746   1.00 46.15 ?  178 THR A N   1 
ATOM   979  C CA  . THR A 1 133 ? 1.448   6.985   6.080   1.00 48.80 ?  178 THR A CA  1 
ATOM   980  C C   . THR A 1 133 ? 0.868   8.390   6.070   1.00 49.18 ?  178 THR A C   1 
ATOM   981  O O   . THR A 1 133 ? -0.282  8.615   6.476   1.00 46.67 ?  178 THR A O   1 
ATOM   982  C CB  . THR A 1 133 ? 2.609   6.902   7.071   1.00 53.27 ?  178 THR A CB  1 
ATOM   983  O OG1 . THR A 1 133 ? 3.096   5.553   7.130   1.00 53.99 ?  178 THR A OG1 1 
ATOM   984  C CG2 . THR A 1 133 ? 2.140   7.327   8.447   1.00 54.08 ?  178 THR A CG2 1 
ATOM   985  N N   . GLU A 1 134 ? 1.665   9.344   5.589   1.00 49.13 ?  179 GLU A N   1 
ATOM   986  C CA  . GLU A 1 134 ? 1.229   10.714  5.375   1.00 54.21 ?  179 GLU A CA  1 
ATOM   987  C C   . GLU A 1 134 ? -0.129  10.742  4.681   1.00 53.93 ?  179 GLU A C   1 
ATOM   988  O O   . GLU A 1 134 ? -1.113  11.267  5.220   1.00 54.84 ?  179 GLU A O   1 
ATOM   989  C CB  . GLU A 1 134 ? 2.296   11.426  4.535   1.00 51.80 ?  179 GLU A CB  1 
ATOM   990  C CG  . GLU A 1 134 ? 3.461   12.021  5.327   1.00 64.72 ?  179 GLU A CG  1 
ATOM   991  C CD  . GLU A 1 134 ? 4.271   13.045  4.520   1.00 71.01 ?  179 GLU A CD  1 
ATOM   992  O OE1 . GLU A 1 134 ? 3.658   13.970  3.940   1.00 79.66 ?  179 GLU A OE1 1 
ATOM   993  O OE2 . GLU A 1 134 ? 5.529   12.930  4.482   1.00 66.24 ?  179 GLU A OE2 1 
ATOM   994  N N   . TYR A 1 135 ? -0.213  10.113  3.501   1.00 48.29 ?  180 TYR A N   1 
ATOM   995  C CA  . TYR A 1 135 ? -1.453  10.181  2.738   1.00 48.31 ?  180 TYR A CA  1 
ATOM   996  C C   . TYR A 1 135 ? -2.590  9.556   3.518   1.00 51.26 ?  180 TYR A C   1 
ATOM   997  O O   . TYR A 1 135 ? -3.733  10.022  3.443   1.00 55.84 ?  180 TYR A O   1 
ATOM   998  C CB  . TYR A 1 135 ? -1.311  9.494   1.383   1.00 46.20 ?  180 TYR A CB  1 
ATOM   999  C CG  . TYR A 1 135 ? -2.406  9.899   0.434   1.00 42.89 ?  180 TYR A CG  1 
ATOM   1000 C CD1 . TYR A 1 135 ? -2.267  11.024  -0.370  1.00 45.67 ?  180 TYR A CD1 1 
ATOM   1001 C CD2 . TYR A 1 135 ? -3.599  9.193   0.377   1.00 36.72 ?  180 TYR A CD2 1 
ATOM   1002 C CE1 . TYR A 1 135 ? -3.267  11.405  -1.221  1.00 43.86 ?  180 TYR A CE1 1 
ATOM   1003 C CE2 . TYR A 1 135 ? -4.606  9.571   -0.470  1.00 38.09 ?  180 TYR A CE2 1 
ATOM   1004 C CZ  . TYR A 1 135 ? -4.433  10.686  -1.265  1.00 40.75 ?  180 TYR A CZ  1 
ATOM   1005 O OH  . TYR A 1 135 ? -5.439  11.079  -2.116  1.00 44.71 ?  180 TYR A OH  1 
ATOM   1006 N N   . LEU A 1 136 ? -2.296  8.504   4.279   1.00 51.19 ?  181 LEU A N   1 
ATOM   1007 C CA  . LEU A 1 136 ? -3.336  7.912   5.107   1.00 50.87 ?  181 LEU A CA  1 
ATOM   1008 C C   . LEU A 1 136 ? -3.877  8.933   6.083   1.00 53.34 ?  181 LEU A C   1 
ATOM   1009 O O   . LEU A 1 136 ? -5.089  9.158   6.163   1.00 57.26 ?  181 LEU A O   1 
ATOM   1010 C CB  . LEU A 1 136 ? -2.806  6.707   5.863   1.00 51.59 ?  181 LEU A CB  1 
ATOM   1011 C CG  . LEU A 1 136 ? -3.207  5.399   5.220   1.00 43.45 ?  181 LEU A CG  1 
ATOM   1012 C CD1 . LEU A 1 136 ? -2.648  4.232   6.024   1.00 51.23 ?  181 LEU A CD1 1 
ATOM   1013 C CD2 . LEU A 1 136 ? -4.690  5.360   5.197   1.00 54.21 ?  181 LEU A CD2 1 
ATOM   1014 N N   . ASN A 1 137 ? -2.984  9.592   6.809   1.00 55.18 ?  182 ASN A N   1 
ATOM   1015 C CA  . ASN A 1 137 ? -3.446  10.405  7.918   1.00 55.54 ?  182 ASN A CA  1 
ATOM   1016 C C   . ASN A 1 137 ? -4.042  11.725  7.441   1.00 59.29 ?  182 ASN A C   1 
ATOM   1017 O O   . ASN A 1 137 ? -4.960  12.241  8.087   1.00 64.23 ?  182 ASN A O   1 
ATOM   1018 C CB  . ASN A 1 137 ? -2.292  10.630  8.896   1.00 57.61 ?  182 ASN A CB  1 
ATOM   1019 C CG  . ASN A 1 137 ? -2.012  9.401   9.753   1.00 52.53 ?  182 ASN A CG  1 
ATOM   1020 O OD1 . ASN A 1 137 ? -2.906  8.596   10.045  1.00 57.08 ?  182 ASN A OD1 1 
ATOM   1021 N ND2 . ASN A 1 137 ? -0.751  9.228   10.122  1.00 59.50 ?  182 ASN A ND2 1 
ATOM   1022 N N   . ARG A 1 138 ? -3.579  12.264  6.311   1.00 51.75 ?  183 ARG A N   1 
ATOM   1023 C CA  . ARG A 1 138 ? -4.059  13.566  5.848   1.00 60.47 ?  183 ARG A CA  1 
ATOM   1024 C C   . ARG A 1 138 ? -5.310  13.489  4.978   1.00 58.16 ?  183 ARG A C   1 
ATOM   1025 O O   . ARG A 1 138 ? -6.177  14.364  5.072   1.00 60.15 ?  183 ARG A O   1 
ATOM   1026 C CB  . ARG A 1 138 ? -2.974  14.290  5.060   1.00 63.39 ?  183 ARG A CB  1 
ATOM   1027 C CG  . ARG A 1 138 ? -1.772  14.691  5.882   1.00 70.82 ?  183 ARG A CG  1 
ATOM   1028 C CD  . ARG A 1 138 ? -0.814  15.446  5.011   1.00 71.11 ?  183 ARG A CD  1 
ATOM   1029 N NE  . ARG A 1 138 ? 0.398   15.799  5.731   1.00 79.95 ?  183 ARG A NE  1 
ATOM   1030 C CZ  . ARG A 1 138 ? 1.445   16.386  5.174   1.00 87.90 ?  183 ARG A CZ  1 
ATOM   1031 N NH1 . ARG A 1 138 ? 1.439   16.745  3.898   1.00 88.80 ?  183 ARG A NH1 1 
ATOM   1032 N NH2 . ARG A 1 138 ? 2.520   16.637  5.918   1.00 89.25 ?  183 ARG A NH2 1 
ATOM   1033 N N   . HIS A 1 139 ? -5.417  12.483  4.110   1.00 56.17 ?  184 HIS A N   1 
ATOM   1034 C CA  . HIS A 1 139 ? -6.430  12.478  3.065   1.00 53.87 ?  184 HIS A CA  1 
ATOM   1035 C C   . HIS A 1 139 ? -7.395  11.298  3.091   1.00 56.64 ?  184 HIS A C   1 
ATOM   1036 O O   . HIS A 1 139 ? -8.406  11.350  2.384   1.00 56.08 ?  184 HIS A O   1 
ATOM   1037 C CB  . HIS A 1 139 ? -5.760  12.539  1.678   1.00 53.73 ?  184 HIS A CB  1 
ATOM   1038 C CG  . HIS A 1 139 ? -4.961  13.785  1.428   1.00 52.21 ?  184 HIS A CG  1 
ATOM   1039 N ND1 . HIS A 1 139 ? -3.600  13.856  1.636   1.00 58.70 ?  184 HIS A ND1 1 
ATOM   1040 C CD2 . HIS A 1 139 ? -5.325  14.991  0.929   1.00 55.81 ?  184 HIS A CD2 1 
ATOM   1041 C CE1 . HIS A 1 139 ? -3.166  15.059  1.304   1.00 59.76 ?  184 HIS A CE1 1 
ATOM   1042 N NE2 . HIS A 1 139 ? -4.190  15.766  0.867   1.00 59.85 ?  184 HIS A NE2 1 
ATOM   1043 N N   . LEU A 1 140 ? -7.129  10.238  3.873   1.00 56.24 ?  185 LEU A N   1 
ATOM   1044 C CA  . LEU A 1 140 ? -8.005  9.071   3.924   1.00 52.20 ?  185 LEU A CA  1 
ATOM   1045 C C   . LEU A 1 140 ? -8.532  8.726   5.311   1.00 49.97 ?  185 LEU A C   1 
ATOM   1046 O O   . LEU A 1 140 ? -9.475  7.938   5.405   1.00 52.02 ?  185 LEU A O   1 
ATOM   1047 C CB  . LEU A 1 140 ? -7.302  7.825   3.344   1.00 50.33 ?  185 LEU A CB  1 
ATOM   1048 C CG  . LEU A 1 140 ? -6.787  7.825   1.896   1.00 44.13 ?  185 LEU A CG  1 
ATOM   1049 C CD1 . LEU A 1 140 ? -6.088  6.515   1.553   1.00 44.22 ?  185 LEU A CD1 1 
ATOM   1050 C CD2 . LEU A 1 140 ? -7.965  8.076   0.902   1.00 40.83 ?  185 LEU A CD2 1 
ATOM   1051 N N   . HIS A 1 141 ? -7.981  9.303   6.383   1.00 53.34 ?  186 HIS A N   1 
ATOM   1052 C CA  . HIS A 1 141 ? -8.342  8.864   7.733   1.00 63.56 ?  186 HIS A CA  1 
ATOM   1053 C C   . HIS A 1 141 ? -9.749  9.311   8.123   1.00 58.72 ?  186 HIS A C   1 
ATOM   1054 O O   . HIS A 1 141 ? -10.482 8.568   8.796   1.00 59.73 ?  186 HIS A O   1 
ATOM   1055 C CB  . HIS A 1 141 ? -7.309  9.376   8.740   1.00 58.73 ?  186 HIS A CB  1 
ATOM   1056 C CG  . HIS A 1 141 ? -7.563  8.925   10.144  1.00 62.33 ?  186 HIS A CG  1 
ATOM   1057 N ND1 . HIS A 1 141 ? -7.540  9.790   11.217  1.00 61.72 ?  186 HIS A ND1 1 
ATOM   1058 C CD2 . HIS A 1 141 ? -7.883  7.709   10.646  1.00 65.43 ?  186 HIS A CD2 1 
ATOM   1059 C CE1 . HIS A 1 141 ? -7.813  9.120   12.323  1.00 66.37 ?  186 HIS A CE1 1 
ATOM   1060 N NE2 . HIS A 1 141 ? -8.025  7.856   12.004  1.00 65.86 ?  186 HIS A NE2 1 
ATOM   1061 N N   . THR A 1 142 ? -10.139 10.520  7.722   1.00 60.32 ?  187 THR A N   1 
ATOM   1062 C CA  . THR A 1 142 ? -11.500 10.984  7.983   1.00 60.66 ?  187 THR A CA  1 
ATOM   1063 C C   . THR A 1 142 ? -12.539 10.055  7.375   1.00 58.16 ?  187 THR A C   1 
ATOM   1064 O O   . THR A 1 142 ? -13.466 9.620   8.066   1.00 65.93 ?  187 THR A O   1 
ATOM   1065 C CB  . THR A 1 142 ? -11.689 12.396  7.455   1.00 63.00 ?  187 THR A CB  1 
ATOM   1066 O OG1 . THR A 1 142 ? -10.474 13.130  7.639   1.00 72.00 ?  187 THR A OG1 1 
ATOM   1067 C CG2 . THR A 1 142 ? -12.839 13.067  8.173   1.00 64.24 ?  187 THR A CG2 1 
ATOM   1068 N N   . TRP A 1 143 ? -12.428 9.775   6.069   1.00 49.77 ?  188 TRP A N   1 
ATOM   1069 C CA  . TRP A 1 143 ? -13.389 8.875   5.432   1.00 54.77 ?  188 TRP A CA  1 
ATOM   1070 C C   . TRP A 1 143 ? -13.450 7.549   6.169   1.00 56.02 ?  188 TRP A C   1 
ATOM   1071 O O   . TRP A 1 143 ? -14.516 6.921   6.261   1.00 51.09 ?  188 TRP A O   1 
ATOM   1072 C CB  . TRP A 1 143 ? -13.022 8.631   3.965   1.00 48.55 ?  188 TRP A CB  1 
ATOM   1073 C CG  . TRP A 1 143 ? -14.045 7.759   3.242   1.00 42.14 ?  188 TRP A CG  1 
ATOM   1074 C CD1 . TRP A 1 143 ? -15.070 8.195   2.460   1.00 44.18 ?  188 TRP A CD1 1 
ATOM   1075 C CD2 . TRP A 1 143 ? -14.157 6.320   3.278   1.00 47.61 ?  188 TRP A CD2 1 
ATOM   1076 N NE1 . TRP A 1 143 ? -15.801 7.130   1.986   1.00 50.23 ?  188 TRP A NE1 1 
ATOM   1077 C CE2 . TRP A 1 143 ? -15.266 5.969   2.482   1.00 46.62 ?  188 TRP A CE2 1 
ATOM   1078 C CE3 . TRP A 1 143 ? -13.419 5.299   3.897   1.00 52.67 ?  188 TRP A CE3 1 
ATOM   1079 C CZ2 . TRP A 1 143 ? -15.655 4.644   2.279   1.00 40.57 ?  188 TRP A CZ2 1 
ATOM   1080 C CZ3 . TRP A 1 143 ? -13.822 3.970   3.705   1.00 43.69 ?  188 TRP A CZ3 1 
ATOM   1081 C CH2 . TRP A 1 143 ? -14.928 3.664   2.896   1.00 52.84 ?  188 TRP A CH2 1 
ATOM   1082 N N   . ILE A 1 144 ? -12.315 7.124   6.722   1.00 57.06 ?  189 ILE A N   1 
ATOM   1083 C CA  . ILE A 1 144 ? -12.248 5.822   7.362   1.00 58.73 ?  189 ILE A CA  1 
ATOM   1084 C C   . ILE A 1 144 ? -13.048 5.841   8.659   1.00 57.97 ?  189 ILE A C   1 
ATOM   1085 O O   . ILE A 1 144 ? -13.896 4.974   8.894   1.00 62.62 ?  189 ILE A O   1 
ATOM   1086 C CB  . ILE A 1 144 ? -10.779 5.433   7.603   1.00 61.68 ?  189 ILE A CB  1 
ATOM   1087 C CG1 . ILE A 1 144 ? -10.238 4.678   6.384   1.00 55.45 ?  189 ILE A CG1 1 
ATOM   1088 C CG2 . ILE A 1 144 ? -10.684 4.518   8.825   1.00 61.14 ?  189 ILE A CG2 1 
ATOM   1089 C CD1 . ILE A 1 144 ? -8.720  4.408   6.438   1.00 52.53 ?  189 ILE A CD1 1 
ATOM   1090 N N   . GLN A 1 145 ? -12.795 6.837   9.519   1.00 64.17 ?  190 GLN A N   1 
ATOM   1091 C CA  . GLN A 1 145 ? -13.592 6.960   10.737  1.00 63.84 ?  190 GLN A CA  1 
ATOM   1092 C C   . GLN A 1 145 ? -15.067 7.124   10.424  1.00 63.60 ?  190 GLN A C   1 
ATOM   1093 O O   . GLN A 1 145 ? -15.923 6.503   11.068  1.00 68.00 ?  190 GLN A O   1 
ATOM   1094 C CB  . GLN A 1 145 ? -13.086 8.115   11.592  1.00 57.31 ?  190 GLN A CB  1 
ATOM   1095 C CG  . GLN A 1 145 ? -11.653 7.944   11.957  1.00 61.80 ?  190 GLN A CG  1 
ATOM   1096 C CD  . GLN A 1 145 ? -11.421 6.583   12.624  1.00 72.97 ?  190 GLN A CD  1 
ATOM   1097 O OE1 . GLN A 1 145 ? -11.184 5.574   11.953  1.00 70.39 ?  190 GLN A OE1 1 
ATOM   1098 N NE2 . GLN A 1 145 ? -11.547 6.544   13.950  1.00 79.36 ?  190 GLN A NE2 1 
ATOM   1099 N N   . ASP A 1 146 ? -15.379 7.911   9.398   1.00 60.47 ?  191 ASP A N   1 
ATOM   1100 C CA  . ASP A 1 146 ? -16.757 8.230   9.076   1.00 62.91 ?  191 ASP A CA  1 
ATOM   1101 C C   . ASP A 1 146 ? -17.489 7.062   8.439   1.00 62.33 ?  191 ASP A C   1 
ATOM   1102 O O   . ASP A 1 146 ? -18.723 7.068   8.402   1.00 62.46 ?  191 ASP A O   1 
ATOM   1103 C CB  . ASP A 1 146 ? -16.770 9.432   8.151   1.00 64.21 ?  191 ASP A CB  1 
ATOM   1104 C CG  . ASP A 1 146 ? -16.396 10.695  8.877   1.00 70.70 ?  191 ASP A CG  1 
ATOM   1105 O OD1 . ASP A 1 146 ? -15.998 10.595  10.064  1.00 74.73 ?  191 ASP A OD1 1 
ATOM   1106 O OD2 . ASP A 1 146 ? -16.492 11.780  8.269   1.00 79.06 ?  191 ASP A OD2 1 
ATOM   1107 N N   . ASN A 1 147 ? -16.765 6.067   7.927   1.00 60.51 ?  192 ASN A N   1 
ATOM   1108 C CA  . ASN A 1 147 ? -17.396 4.840   7.465   1.00 58.34 ?  192 ASN A CA  1 
ATOM   1109 C C   . ASN A 1 147 ? -17.165 3.686   8.430   1.00 58.94 ?  192 ASN A C   1 
ATOM   1110 O O   . ASN A 1 147 ? -17.156 2.523   8.016   1.00 59.61 ?  192 ASN A O   1 
ATOM   1111 C CB  . ASN A 1 147 ? -16.917 4.484   6.057   1.00 58.12 ?  192 ASN A CB  1 
ATOM   1112 C CG  . ASN A 1 147 ? -17.710 5.202   4.977   1.00 50.76 ?  192 ASN A CG  1 
ATOM   1113 O OD1 . ASN A 1 147 ? -17.556 6.400   4.794   1.00 53.20 ?  192 ASN A OD1 1 
ATOM   1114 N ND2 . ASN A 1 147 ? -18.574 4.476   4.275   1.00 50.97 ?  192 ASN A ND2 1 
ATOM   1115 N N   . GLY A 1 148 ? -16.970 3.987   9.713   1.00 59.51 ?  193 GLY A N   1 
ATOM   1116 C CA  . GLY A 1 148 ? -16.956 2.953   10.726  1.00 60.05 ?  193 GLY A CA  1 
ATOM   1117 C C   . GLY A 1 148 ? -15.618 2.304   10.983  1.00 56.05 ?  193 GLY A C   1 
ATOM   1118 O O   . GLY A 1 148 ? -15.579 1.232   11.598  1.00 63.66 ?  193 GLY A O   1 
ATOM   1119 N N   . GLY A 1 149 ? -14.525 2.905   10.524  1.00 61.06 ?  194 GLY A N   1 
ATOM   1120 C CA  . GLY A 1 149 ? -13.197 2.431   10.853  1.00 58.61 ?  194 GLY A CA  1 
ATOM   1121 C C   . GLY A 1 149 ? -12.831 1.097   10.217  1.00 58.84 ?  194 GLY A C   1 
ATOM   1122 O O   . GLY A 1 149 ? -13.559 0.520   9.408   1.00 56.12 ?  194 GLY A O   1 
ATOM   1123 N N   . TRP A 1 150 ? -11.659 0.601   10.620  1.00 57.90 ?  195 TRP A N   1 
ATOM   1124 C CA  . TRP A 1 150 ? -11.142 -0.629  10.033  1.00 54.86 ?  195 TRP A CA  1 
ATOM   1125 C C   . TRP A 1 150 ? -11.937 -1.865  10.437  1.00 56.53 ?  195 TRP A C   1 
ATOM   1126 O O   . TRP A 1 150 ? -11.876 -2.884  9.735   1.00 52.17 ?  195 TRP A O   1 
ATOM   1127 C CB  . TRP A 1 150 ? -9.673  -0.813  10.404  1.00 61.73 ?  195 TRP A CB  1 
ATOM   1128 C CG  . TRP A 1 150 ? -8.765  0.194   9.742   1.00 57.08 ?  195 TRP A CG  1 
ATOM   1129 C CD1 . TRP A 1 150 ? -8.235  1.318   10.301  1.00 55.95 ?  195 TRP A CD1 1 
ATOM   1130 C CD2 . TRP A 1 150 ? -8.290  0.156   8.388   1.00 51.48 ?  195 TRP A CD2 1 
ATOM   1131 N NE1 . TRP A 1 150 ? -7.459  1.981   9.381   1.00 53.60 ?  195 TRP A NE1 1 
ATOM   1132 C CE2 . TRP A 1 150 ? -7.479  1.283   8.201   1.00 51.18 ?  195 TRP A CE2 1 
ATOM   1133 C CE3 . TRP A 1 150 ? -8.478  -0.727  7.317   1.00 47.77 ?  195 TRP A CE3 1 
ATOM   1134 C CZ2 . TRP A 1 150 ? -6.850  1.553   6.986   1.00 57.04 ?  195 TRP A CZ2 1 
ATOM   1135 C CZ3 . TRP A 1 150 ? -7.849  -0.459  6.118   1.00 48.92 ?  195 TRP A CZ3 1 
ATOM   1136 C CH2 . TRP A 1 150 ? -7.051  0.669   5.960   1.00 49.28 ?  195 TRP A CH2 1 
ATOM   1137 N N   . ASP A 1 151 ? -12.689 -1.813  11.537  1.00 59.21 ?  196 ASP A N   1 
ATOM   1138 C CA  . ASP A 1 151 ? -13.513 -2.973  11.859  1.00 61.15 ?  196 ASP A CA  1 
ATOM   1139 C C   . ASP A 1 151 ? -14.698 -3.086  10.916  1.00 54.66 ?  196 ASP A C   1 
ATOM   1140 O O   . ASP A 1 151 ? -15.206 -4.187  10.715  1.00 51.75 ?  196 ASP A O   1 
ATOM   1141 C CB  . ASP A 1 151 ? -13.961 -2.938  13.321  1.00 65.49 ?  196 ASP A CB  1 
ATOM   1142 C CG  . ASP A 1 151 ? -12.784 -3.061  14.291  1.00 69.15 ?  196 ASP A CG  1 
ATOM   1143 O OD1 . ASP A 1 151 ? -12.163 -4.150  14.365  1.00 69.86 ?  196 ASP A OD1 1 
ATOM   1144 O OD2 . ASP A 1 151 ? -12.479 -2.064  14.983  1.00 77.51 ?  196 ASP A OD2 1 
ATOM   1145 N N   . ALA A 1 152 ? -15.117 -1.978  10.293  1.00 54.56 ?  197 ALA A N   1 
ATOM   1146 C CA  . ALA A 1 152 ? -16.051 -2.060  9.170   1.00 52.38 ?  197 ALA A CA  1 
ATOM   1147 C C   . ALA A 1 152 ? -15.466 -2.893  8.034   1.00 57.87 ?  197 ALA A C   1 
ATOM   1148 O O   . ALA A 1 152 ? -16.134 -3.765  7.466   1.00 52.56 ?  197 ALA A O   1 
ATOM   1149 C CB  . ALA A 1 152 ? -16.396 -0.652  8.678   1.00 57.45 ?  197 ALA A CB  1 
ATOM   1150 N N   . PHE A 1 153 ? -14.203 -2.625  7.694   1.00 58.34 ?  198 PHE A N   1 
ATOM   1151 C CA  . PHE A 1 153 ? -13.508 -3.378  6.654   1.00 53.82 ?  198 PHE A CA  1 
ATOM   1152 C C   . PHE A 1 153 ? -13.410 -4.858  7.009   1.00 47.23 ?  198 PHE A C   1 
ATOM   1153 O O   . PHE A 1 153 ? -13.656 -5.740  6.169   1.00 46.73 ?  198 PHE A O   1 
ATOM   1154 C CB  . PHE A 1 153 ? -12.128 -2.740  6.462   1.00 50.74 ?  198 PHE A CB  1 
ATOM   1155 C CG  . PHE A 1 153 ? -11.327 -3.310  5.339   1.00 49.62 ?  198 PHE A CG  1 
ATOM   1156 C CD1 . PHE A 1 153 ? -11.740 -3.166  4.028   1.00 43.18 ?  198 PHE A CD1 1 
ATOM   1157 C CD2 . PHE A 1 153 ? -10.117 -3.921  5.598   1.00 44.16 ?  198 PHE A CD2 1 
ATOM   1158 C CE1 . PHE A 1 153 ? -10.984 -3.683  2.995   1.00 45.25 ?  198 PHE A CE1 1 
ATOM   1159 C CE2 . PHE A 1 153 ? -9.349  -4.429  4.568   1.00 45.07 ?  198 PHE A CE2 1 
ATOM   1160 C CZ  . PHE A 1 153 ? -9.784  -4.311  3.267   1.00 36.66 ?  198 PHE A CZ  1 
ATOM   1161 N N   . VAL A 1 154 ? -13.059 -5.148  8.258   1.00 49.02 ?  199 VAL A N   1 
ATOM   1162 C CA  . VAL A 1 154 ? -12.939 -6.535  8.690   1.00 49.33 ?  199 VAL A CA  1 
ATOM   1163 C C   . VAL A 1 154 ? -14.317 -7.200  8.697   1.00 46.08 ?  199 VAL A C   1 
ATOM   1164 O O   . VAL A 1 154 ? -14.464 -8.370  8.320   1.00 51.70 ?  199 VAL A O   1 
ATOM   1165 C CB  . VAL A 1 154 ? -12.250 -6.572  10.065  1.00 51.13 ?  199 VAL A CB  1 
ATOM   1166 C CG1 . VAL A 1 154 ? -12.622 -7.817  10.836  1.00 52.32 ?  199 VAL A CG1 1 
ATOM   1167 C CG2 . VAL A 1 154 ? -10.720 -6.426  9.903   1.00 50.85 ?  199 VAL A CG2 1 
ATOM   1168 N N   . GLU A 1 155 ? -15.343 -6.442  9.097   1.00 50.60 ?  200 GLU A N   1 
ATOM   1169 C CA  . GLU A 1 155 ? -16.749 -6.814  8.956   1.00 57.97 ?  200 GLU A CA  1 
ATOM   1170 C C   . GLU A 1 155 ? -17.089 -7.263  7.543   1.00 54.09 ?  200 GLU A C   1 
ATOM   1171 O O   . GLU A 1 155 ? -17.801 -8.254  7.349   1.00 60.28 ?  200 GLU A O   1 
ATOM   1172 C CB  . GLU A 1 155 ? -17.621 -5.604  9.316   1.00 58.05 ?  200 GLU A CB  1 
ATOM   1173 C CG  . GLU A 1 155 ? -18.254 -5.627  10.669  1.00 63.02 ?  200 GLU A CG  1 
ATOM   1174 C CD  . GLU A 1 155 ? -19.454 -6.521  10.671  1.00 71.54 ?  200 GLU A CD  1 
ATOM   1175 O OE1 . GLU A 1 155 ? -19.235 -7.743  10.784  1.00 70.54 ?  200 GLU A OE1 1 
ATOM   1176 O OE2 . GLU A 1 155 ? -20.600 -6.024  10.559  1.00 76.92 ?  200 GLU A OE2 1 
ATOM   1177 N N   . LEU A 1 156 ? -16.610 -6.523  6.544   1.00 54.42 ?  201 LEU A N   1 
ATOM   1178 C CA  . LEU A 1 156 ? -17.060 -6.766  5.181   1.00 42.08 ?  201 LEU A CA  1 
ATOM   1179 C C   . LEU A 1 156 ? -16.288 -7.888  4.487   1.00 51.61 ?  201 LEU A C   1 
ATOM   1180 O O   . LEU A 1 156 ? -16.896 -8.710  3.787   1.00 45.86 ?  201 LEU A O   1 
ATOM   1181 C CB  . LEU A 1 156 ? -16.957 -5.478  4.372   1.00 47.06 ?  201 LEU A CB  1 
ATOM   1182 C CG  . LEU A 1 156 ? -18.078 -4.467  4.627   1.00 51.71 ?  201 LEU A CG  1 
ATOM   1183 C CD1 . LEU A 1 156 ? -17.529 -3.066  4.802   1.00 48.94 ?  201 LEU A CD1 1 
ATOM   1184 C CD2 . LEU A 1 156 ? -19.098 -4.516  3.509   1.00 48.03 ?  201 LEU A CD2 1 
ATOM   1185 N N   . TYR A 1 157 ? -14.956 -7.959  4.670   1.00 45.88 ?  202 TYR A N   1 
ATOM   1186 C CA  . TYR A 1 157 ? -14.131 -8.845  3.848   1.00 48.95 ?  202 TYR A CA  1 
ATOM   1187 C C   . TYR A 1 157 ? -13.255 -9.819  4.642   1.00 49.67 ?  202 TYR A C   1 
ATOM   1188 O O   . TYR A 1 157 ? -12.424 -10.515 4.039   1.00 52.93 ?  202 TYR A O   1 
ATOM   1189 C CB  . TYR A 1 157 ? -13.255 -7.983  2.917   1.00 46.10 ?  202 TYR A CB  1 
ATOM   1190 C CG  . TYR A 1 157 ? -14.068 -6.905  2.237   1.00 43.52 ?  202 TYR A CG  1 
ATOM   1191 C CD1 . TYR A 1 157 ? -15.063 -7.223  1.322   1.00 47.63 ?  202 TYR A CD1 1 
ATOM   1192 C CD2 . TYR A 1 157 ? -13.899 -5.570  2.576   1.00 44.60 ?  202 TYR A CD2 1 
ATOM   1193 C CE1 . TYR A 1 157 ? -15.829 -6.236  0.729   1.00 44.70 ?  202 TYR A CE1 1 
ATOM   1194 C CE2 . TYR A 1 157 ? -14.648 -4.578  1.981   1.00 50.04 ?  202 TYR A CE2 1 
ATOM   1195 C CZ  . TYR A 1 157 ? -15.618 -4.910  1.067   1.00 51.12 ?  202 TYR A CZ  1 
ATOM   1196 O OH  . TYR A 1 157 ? -16.372 -3.906  0.488   1.00 51.37 ?  202 TYR A OH  1 
ATOM   1197 N N   . GLY A 1 158 ? -13.423 -9.911  5.967   1.00 47.99 ?  203 GLY A N   1 
ATOM   1198 C CA  . GLY A 1 158 ? -12.531 -10.691 6.780   1.00 51.19 ?  203 GLY A CA  1 
ATOM   1199 C C   . GLY A 1 158 ? -12.740 -12.197 6.624   1.00 63.12 ?  203 GLY A C   1 
ATOM   1200 O O   . GLY A 1 158 ? -13.600 -12.661 5.854   1.00 62.03 ?  203 GLY A O   1 
ATOM   1201 N N   . PRO A 1 159 ? -11.942 -12.985 7.367   1.00 62.96 ?  204 PRO A N   1 
ATOM   1202 C CA  . PRO A 1 159 ? -12.049 -14.441 7.274   1.00 60.02 ?  204 PRO A CA  1 
ATOM   1203 C C   . PRO A 1 159 ? -13.088 -15.020 8.235   1.00 53.00 ?  204 PRO A C   1 
ATOM   1204 O O   . PRO A 1 159 ? -14.126 -15.494 7.771   1.00 59.96 ?  204 PRO A O   1 
ATOM   1205 C CB  . PRO A 1 159 ? -10.638 -14.907 7.635   1.00 56.47 ?  204 PRO A CB  1 
ATOM   1206 C CG  . PRO A 1 159 ? -10.046 -13.744 8.485   1.00 64.07 ?  204 PRO A CG  1 
ATOM   1207 C CD  . PRO A 1 159 ? -11.026 -12.595 8.452   1.00 56.23 ?  204 PRO A CD  1 
HETATM 1208 C CAA . 98I B 2 .   ? -12.112 0.534   -7.160  1.00 32.40 ?  301 98I A CAA 1 
HETATM 1209 C CAB . 98I B 2 .   ? -13.007 -0.075  -6.296  1.00 26.85 ?  301 98I A CAB 1 
HETATM 1210 C CAC . 98I B 2 .   ? -13.317 -1.427  -6.411  1.00 31.80 ?  301 98I A CAC 1 
HETATM 1211 C CAD . 98I B 2 .   ? -12.660 -2.160  -7.402  1.00 35.85 ?  301 98I A CAD 1 
HETATM 1212 C CAE . 98I B 2 .   ? -11.752 -1.570  -8.261  1.00 30.83 ?  301 98I A CAE 1 
HETATM 1213 C CAF . 98I B 2 .   ? -11.486 -0.197  -8.172  1.00 36.47 ?  301 98I A CAF 1 
HETATM 1214 C CAH . 98I B 2 .   ? -12.567 -4.425  -6.603  1.00 25.92 ?  301 98I A CAH 1 
HETATM 1215 C CAI . 98I B 2 .   ? -11.739 -4.047  -5.553  1.00 29.81 ?  301 98I A CAI 1 
HETATM 1216 C CAJ . 98I B 2 .   ? -11.258 -5.042  -4.705  1.00 32.05 ?  301 98I A CAJ 1 
HETATM 1217 C CAK . 98I B 2 .   ? -11.674 -6.370  -4.986  1.00 38.87 ?  301 98I A CAK 1 
HETATM 1218 C CAM . 98I B 2 .   ? -12.921 -5.755  -6.778  1.00 34.26 ?  301 98I A CAM 1 
HETATM 1219 C CAN . 98I B 2 .   ? -10.396 -5.123  -3.570  1.00 36.12 ?  301 98I A CAN 1 
HETATM 1220 C CAO . 98I B 2 .   ? -10.327 -6.433  -3.216  1.00 35.22 ?  301 98I A CAO 1 
HETATM 1221 C CAQ . 98I B 2 .   ? -14.370 -1.988  -5.505  1.00 32.64 ?  301 98I A CAQ 1 
HETATM 1222 C CAW . 98I B 2 .   ? -14.791 -3.446  -2.595  1.00 39.43 ?  301 98I A CAW 1 
HETATM 1223 C CAX . 98I B 2 .   ? -15.236 -4.628  -3.160  1.00 40.61 ?  301 98I A CAX 1 
HETATM 1224 C CAY . 98I B 2 .   ? -14.631 -5.822  -2.800  1.00 40.17 ?  301 98I A CAY 1 
HETATM 1225 C CAZ . 98I B 2 .   ? -13.591 -5.870  -1.871  1.00 40.16 ?  301 98I A CAZ 1 
HETATM 1226 C CBA . 98I B 2 .   ? -13.177 -4.635  -1.314  1.00 39.31 ?  301 98I A CBA 1 
HETATM 1227 C CBB . 98I B 2 .   ? -13.762 -3.441  -1.670  1.00 36.74 ?  301 98I A CBB 1 
HETATM 1228 C CBE . 98I B 2 .   ? -13.616 -8.372  -1.743  1.00 36.75 ?  301 98I A CBE 1 
HETATM 1229 C CBF . 98I B 2 .   ? -13.022 -9.443  -0.834  1.00 39.20 ?  301 98I A CBF 1 
HETATM 1230 C CBG . 98I B 2 .   ? -11.547 -9.696  -1.127  1.00 39.24 ?  301 98I A CBG 1 
HETATM 1231 C CBH . 98I B 2 .   ? -10.958 -10.778 -0.215  1.00 42.38 ?  301 98I A CBH 1 
HETATM 1232 C CBI . 98I B 2 .   ? -11.716 -12.102 -0.298  1.00 48.28 ?  301 98I A CBI 1 
HETATM 1233 C CBJ . 98I B 2 .   ? -13.187 -11.825 -0.002  1.00 54.15 ?  301 98I A CBJ 1 
HETATM 1234 C CBK . 98I B 2 .   ? -13.789 -10.761 -0.925  1.00 48.01 ?  301 98I A CBK 1 
HETATM 1235 C CBO . 98I B 2 .   ? -11.542 -12.750 -1.664  1.00 46.15 ?  301 98I A CBO 1 
HETATM 1236 C CBQ . 98I B 2 .   ? -9.784  -0.390  -9.919  1.00 33.06 ?  301 98I A CBQ 1 
HETATM 1237 C CBR . 98I B 2 .   ? -9.481  0.285   -11.247 1.00 33.58 ?  301 98I A CBR 1 
HETATM 1238 C CBS . 98I B 2 .   ? -8.852  1.665   -11.005 1.00 31.55 ?  301 98I A CBS 1 
HETATM 1239 C CBT . 98I B 2 .   ? -9.802  2.501   -10.133 1.00 39.71 ?  301 98I A CBT 1 
HETATM 1240 C CBU . 98I B 2 .   ? -10.127 1.765   -8.842  1.00 38.16 ?  301 98I A CBU 1 
HETATM 1241 C CBV . 98I B 2 .   ? -8.399  2.381   -12.292 1.00 32.06 ?  301 98I A CBV 1 
HETATM 1242 C CBW . 98I B 2 .   ? -6.992  1.789   -12.042 1.00 29.67 ?  301 98I A CBW 1 
HETATM 1243 C CBX . 98I B 2 .   ? -7.382  1.675   -10.556 1.00 30.91 ?  301 98I A CBX 1 
HETATM 1244 C CBZ . 98I B 2 .   ? -5.924  3.336   -13.695 1.00 35.82 ?  301 98I A CBZ 1 
HETATM 1245 C CCA . 98I B 2 .   ? -4.499  3.868   -13.910 1.00 35.56 ?  301 98I A CCA 1 
HETATM 1246 C CCB . 98I B 2 .   ? -3.711  3.351   -12.725 1.00 33.84 ?  301 98I A CCB 1 
HETATM 1247 C CCC . 98I B 2 .   ? -4.534  2.154   -12.265 1.00 30.02 ?  301 98I A CCC 1 
HETATM 1248 C CCD . 98I B 2 .   ? -4.160  1.659   -10.884 1.00 32.62 ?  301 98I A CCD 1 
HETATM 1249 C CCE . 98I B 2 .   ? -4.003  0.290   -10.654 1.00 31.94 ?  301 98I A CCE 1 
HETATM 1250 C CCF . 98I B 2 .   ? -3.750  -0.157  -9.360  1.00 27.44 ?  301 98I A CCF 1 
HETATM 1251 C CCG . 98I B 2 .   ? -3.649  0.745   -8.311  1.00 29.42 ?  301 98I A CCG 1 
HETATM 1252 C CCH . 98I B 2 .   ? -3.780  2.096   -8.546  1.00 30.38 ?  301 98I A CCH 1 
HETATM 1253 C CCI . 98I B 2 .   ? -4.027  2.556   -9.827  1.00 33.30 ?  301 98I A CCI 1 
HETATM 1254 C CCJ . 98I B 2 .   ? -4.059  -0.738  -11.772 1.00 33.70 ?  301 98I A CCJ 1 
HETATM 1255 C CCK . 98I B 2 .   ? -2.743  -1.507  -11.884 1.00 35.22 ?  301 98I A CCK 1 
HETATM 1256 C CCL . 98I B 2 .   ? -5.215  -1.721  -11.586 1.00 34.45 ?  301 98I A CCL 1 
HETATM 1257 N NAL . 98I B 2 .   ? -12.480 -6.752  -5.980  1.00 42.17 ?  301 98I A NAL 1 
HETATM 1258 N NAP . 98I B 2 .   ? -11.097 -7.197  -4.062  1.00 34.68 ?  301 98I A NAP 1 
HETATM 1259 N NAS . 98I B 2 .   ? -14.551 -1.321  -4.305  1.00 31.97 ?  301 98I A NAS 1 
HETATM 1260 N NBC . 98I B 2 .   ? -12.109 -4.551  -0.336  1.00 36.52 ?  301 98I A NBC 1 
HETATM 1261 N NBD . 98I B 2 .   ? -13.010 -7.068  -1.535  1.00 40.28 ?  301 98I A NBD 1 
HETATM 1262 N NBN . 98I B 2 .   ? -10.693 0.443   -9.131  1.00 35.05 ?  301 98I A NBN 1 
HETATM 1263 N NBY . 98I B 2 .   ? -5.887  2.724   -12.357 1.00 32.86 ?  301 98I A NBY 1 
HETATM 1264 O OAG . 98I B 2 .   ? -13.000 -3.495  -7.559  1.00 31.23 ?  301 98I A OAG 1 
HETATM 1265 O OAR . 98I B 2 .   ? -15.159 -2.856  -5.884  1.00 34.14 ?  301 98I A OAR 1 
HETATM 1266 O OAU . 98I B 2 .   ? -16.777 -2.169  -3.684  1.00 47.43 ?  301 98I A OAU 1 
HETATM 1267 O OAV . 98I B 2 .   ? -15.381 -0.983  -2.010  1.00 38.81 ?  301 98I A OAV 1 
HETATM 1268 O OBL . 98I B 2 .   ? -11.567 -5.588  0.012   1.00 41.30 -1 301 98I A OBL 1 
HETATM 1269 O OBM . 98I B 2 .   ? -11.757 -3.437  0.042   1.00 38.44 ?  301 98I A OBM 1 
HETATM 1270 O OBP . 98I B 2 .   ? -11.185 -13.006 0.690   1.00 51.43 ?  301 98I A OBP 1 
HETATM 1271 S SAT . 98I B 2 .   ? -15.499 -1.913  -3.093  1.00 35.72 ?  301 98I A SAT 1 
HETATM 1272 O O   . HOH C 3 .   ? -6.757  -13.359 -1.294  1.00 36.14 ?  401 HOH A O   1 
HETATM 1273 O O   . HOH C 3 .   ? -8.429  -13.820 -4.826  1.00 41.52 ?  402 HOH A O   1 
HETATM 1274 O O   . HOH C 3 .   ? -13.724 11.298  -11.991 1.00 50.89 ?  403 HOH A O   1 
HETATM 1275 O O   . HOH C 3 .   ? 6.578   -4.843  10.356  1.00 66.16 ?  404 HOH A O   1 
HETATM 1276 O O   . HOH C 3 .   ? -1.557  -8.144  0.063   1.00 45.35 ?  405 HOH A O   1 
HETATM 1277 O O   . HOH C 3 .   ? -5.787  -6.563  -15.150 1.00 32.28 ?  406 HOH A O   1 
HETATM 1278 O O   . HOH C 3 .   ? 9.528   -7.172  -10.142 1.00 48.55 ?  407 HOH A O   1 
HETATM 1279 O O   . HOH C 3 .   ? -10.247 2.007   12.223  1.00 58.08 ?  408 HOH A O   1 
HETATM 1280 O O   . HOH C 3 .   ? 3.576   14.277  -9.367  1.00 43.88 ?  409 HOH A O   1 
HETATM 1281 O O   . HOH C 3 .   ? -10.247 -8.852  -13.989 1.00 43.30 ?  410 HOH A O   1 
HETATM 1282 O O   . HOH C 3 .   ? 11.753  -11.456 -5.860  1.00 49.51 ?  411 HOH A O   1 
HETATM 1283 O O   . HOH C 3 .   ? -3.830  -14.478 -0.547  1.00 46.01 ?  412 HOH A O   1 
HETATM 1284 O O   . HOH C 3 .   ? -9.299  -14.567 -0.286  1.00 50.32 ?  413 HOH A O   1 
HETATM 1285 O O   . HOH C 3 .   ? -15.790 -4.293  -8.002  1.00 37.34 ?  414 HOH A O   1 
HETATM 1286 O O   . HOH C 3 .   ? -12.181 -3.114  -13.501 1.00 33.64 ?  415 HOH A O   1 
HETATM 1287 O O   . HOH C 3 .   ? 1.579   -4.790  -4.187  1.00 38.20 ?  416 HOH A O   1 
HETATM 1288 O O   . HOH C 3 .   ? 0.439   -8.088  7.034   1.00 44.37 ?  417 HOH A O   1 
HETATM 1289 O O   . HOH C 3 .   ? 0.881   -8.806  -12.309 1.00 38.35 ?  418 HOH A O   1 
HETATM 1290 O O   . HOH C 3 .   ? -16.694 11.487  -10.097 1.00 46.13 ?  419 HOH A O   1 
HETATM 1291 O O   . HOH C 3 .   ? -11.947 7.623   -7.177  1.00 41.56 ?  420 HOH A O   1 
HETATM 1292 O O   . HOH C 3 .   ? -1.487  -3.884  7.548   1.00 38.65 ?  421 HOH A O   1 
HETATM 1293 O O   . HOH C 3 .   ? 11.556  11.198  -5.094  1.00 42.15 ?  422 HOH A O   1 
HETATM 1294 O O   . HOH C 3 .   ? 2.018   11.439  0.890   1.00 47.98 ?  423 HOH A O   1 
HETATM 1295 O O   . HOH C 3 .   ? 18.193  -4.366  -4.374  1.00 39.43 ?  424 HOH A O   1 
HETATM 1296 O O   . HOH C 3 .   ? -17.622 -0.502  -5.706  1.00 53.37 ?  425 HOH A O   1 
HETATM 1297 O O   . HOH C 3 .   ? -16.683 0.506   -0.094  1.00 52.79 ?  426 HOH A O   1 
HETATM 1298 O O   . HOH C 3 .   ? -16.311 6.392   -4.935  1.00 51.39 ?  427 HOH A O   1 
HETATM 1299 O O   . HOH C 3 .   ? 10.532  1.523   -12.277 1.00 43.81 ?  428 HOH A O   1 
HETATM 1300 O O   . HOH C 3 .   ? -2.589  12.775  -11.020 1.00 39.29 ?  429 HOH A O   1 
HETATM 1301 O O   . HOH C 3 .   ? 0.050   -6.429  -7.534  1.00 40.83 ?  430 HOH A O   1 
HETATM 1302 O O   . HOH C 3 .   ? 9.589   13.536  -7.554  1.00 37.15 ?  431 HOH A O   1 
HETATM 1303 O O   . HOH C 3 .   ? 7.856   9.685   -16.747 1.00 41.45 ?  432 HOH A O   1 
HETATM 1304 O O   . HOH C 3 .   ? -4.012  6.151   -10.693 1.00 34.95 ?  433 HOH A O   1 
HETATM 1305 O O   . HOH C 3 .   ? 4.665   -8.641  -3.620  1.00 37.67 ?  434 HOH A O   1 
HETATM 1306 O O   . HOH C 3 .   ? 13.322  2.247   -12.943 1.00 34.18 ?  435 HOH A O   1 
HETATM 1307 O O   . HOH C 3 .   ? -1.338  -6.271  6.380   1.00 51.31 ?  436 HOH A O   1 
HETATM 1308 O O   . HOH C 3 .   ? -6.525  5.299   -11.081 1.00 36.46 ?  437 HOH A O   1 
HETATM 1309 O O   . HOH C 3 .   ? 18.781  -12.157 2.320   1.00 44.92 ?  438 HOH A O   1 
HETATM 1310 O O   . HOH C 3 .   ? -8.742  -6.589  17.528  1.00 61.95 ?  439 HOH A O   1 
HETATM 1311 O O   . HOH C 3 .   ? -7.325  -9.234  -19.968 1.00 53.30 ?  440 HOH A O   1 
HETATM 1312 O O   . HOH C 3 .   ? -7.491  6.767   -14.761 1.00 50.59 ?  441 HOH A O   1 
HETATM 1313 O O   . HOH C 3 .   ? -0.763  -15.251 2.715   1.00 45.26 ?  442 HOH A O   1 
HETATM 1314 O O   . HOH C 3 .   ? 16.444  -4.659  0.127   1.00 49.17 ?  443 HOH A O   1 
HETATM 1315 O O   . HOH C 3 .   ? 14.896  0.700   -13.436 1.00 49.54 ?  444 HOH A O   1 
HETATM 1316 O O   . HOH C 3 .   ? -0.221  -10.670 -4.757  1.00 50.13 ?  445 HOH A O   1 
HETATM 1317 O O   . HOH C 3 .   ? 3.527   -6.019  -4.828  1.00 41.65 ?  446 HOH A O   1 
HETATM 1318 O O   . HOH C 3 .   ? 5.836   -0.348  -23.121 1.00 58.06 ?  447 HOH A O   1 
HETATM 1319 O O   . HOH C 3 .   ? 1.727   -12.008 -5.195  1.00 54.77 ?  448 HOH A O   1 
HETATM 1320 O O   . HOH C 3 .   ? 22.384  -7.589  -7.428  1.00 54.97 ?  449 HOH A O   1 
HETATM 1321 O O   . HOH C 3 .   ? 2.730   -15.191 1.007   1.00 43.96 ?  450 HOH A O   1 
HETATM 1322 O O   . HOH C 3 .   ? 1.996   12.183  -2.147  1.00 53.14 ?  451 HOH A O   1 
HETATM 1323 O O   . HOH C 3 .   ? -18.754 4.177   -0.981  1.00 53.57 ?  452 HOH A O   1 
HETATM 1324 O O   . HOH C 3 .   ? -2.763  7.427   -12.807 1.00 48.44 ?  453 HOH A O   1 
HETATM 1325 O O   . HOH C 3 .   ? 4.842   -6.415  -7.331  1.00 39.09 ?  454 HOH A O   1 
# 
